data_4JV5
#
_entry.id   4JV5
#
_cell.length_a   401.000
_cell.length_b   401.000
_cell.length_c   176.000
_cell.angle_alpha   90.00
_cell.angle_beta   90.00
_cell.angle_gamma   90.00
#
_symmetry.space_group_name_H-M   'P 41 21 2'
#
loop_
_entity.id
_entity.type
_entity.pdbx_description
1 polymer '16S ribosomal RNA'
2 polymer '30S ribosomal protein S2'
3 polymer '30S ribosomal protein S3'
4 polymer '30S ribosomal protein S4'
5 polymer '30S ribosomal protein S5'
6 polymer '30S ribosomal protein S6'
7 polymer '30S ribosomal protein S7'
8 polymer '30S ribosomal protein S8'
9 polymer '30S ribosomal protein S9'
10 polymer '30S ribosomal protein S10'
11 polymer '30S ribosomal protein S11'
12 polymer '30S ribosomal protein S12'
13 polymer '30S ribosomal protein S13'
14 polymer '30S ribosomal protein S14'
15 polymer '30S ribosomal protein S15'
16 polymer '30S ribosomal protein S16'
17 polymer '30S ribosomal protein S17'
18 polymer '30S ribosomal protein S18'
19 polymer '30S ribosomal protein S19'
20 polymer '30S ribosomal protein 20'
21 polymer '30S ribosomal protein THX'
22 polymer mRNA
23 polymer ASL-tRNA
24 non-polymer 'MAGNESIUM ION'
25 non-polymer 'ZINC ION'
#
loop_
_entity_poly.entity_id
_entity_poly.type
_entity_poly.pdbx_seq_one_letter_code
_entity_poly.pdbx_strand_id
1 'polyribonucleotide'
;UGGAGAGUUUGAUCCUGGCUCAGGGUGAACGCUGGCGGCGUGCCUAAGACAUGCAAGUCGUGCGGGCCGCGGGAUUUUAC
UCCGUGGUCAGCGGCGGACGGGUGAGUAACGCGUGGGUGACCUACCCGGAAGAGGGGGACAACCCGGGGAAACUCGGGCU
AAUCCCCCAUGUGGACCCGCCCCUUGGGGUGUGUCCAAAGGGCUUUGCCCGCUUCCGGAUGGGCCCGCGUCCCAUCAGCU
AGUUGGUGGGGUAAUGGCCCACCAAGGCGACGACGGGUAGCCGGUCUGAGAGGAUGGCCGGCCACAGGGGCACUGAGACA
CGGGCCCCACUCCUACGGGAGGCAGCAGUUAGGAAUCUUCCGCAAUGGGCGCAAGCCUGACGGAGCGACGCCGCUUGGAG
GAAGAAGCCCUUCGGGGUGUAAACUCCUGAACCCGGGACGAAACCCCCGACGAGGGGACUGACGGUACCGGGGUAAUAGC
GCCGGCCAACUCCGUGCCAGCAGCCGCGGUAAUACGGAGGGCGCGAGCGUUACCCGGAUUCACUGGGCGUAAAGGGCGUG
UAGGCGGCCUGGGGCGUCCCAUGUGAAAGACCACGGCUCAACCGUGGGGGAGCGUGGGAUACGCUCAGGCUAGACGGUGG
GAGAGGGUGGUGGAAUUCCCGGAGUAGCGGUGAAAUGCGCAGAUACCGGGAGGAACGCCGAUGGCGAAGGCAGCCACCUG
GUCCACCCGUGACGCUGAGGCGCGAAAGCGUGGGGAGCAAACCGGAUUAGAUACCCGGGUAGUCCACGCCCUAAACGAUG
CGCGCUAGGUCUCUGGGUCUCCUGGGGGCCGAAGCUAACGCGUUAAGCGCGCCGCCUGGGGAGUACGGCCGCAAGGCUGA
AACUCAAAGGAAUUGACGGGGGCCCGCACAAGCGGUGGAGCAUGUGGUUUAAUUCGAAGCAACGCGAAGAACCUUACCAG
GCCUUGACAUGCUAGGGAACCCGGGUGAAAGCCUGGGGUGCCCCGCGAGGGGAGCCCUAGCACAGGUGCUGCAUGGCCGU
CGUCAGCUCGUGCCGUGAGGUGUUGGGUUAAGUCCCGCAACGAGCGCAACCCCCGCCGUUAGUUGCCAGCGGUUCGGCCG
GGCACUCUAACGGGACUGCCCGCGAAAGCGGGAGGAAGGAGGGGACGACGUCUGGUCAGCAUGGCCCUUACGGCCUGGGC
GACACACGUGCUACAAUGCCCACUACAAAGCGAUGCCACCCGGCAACGGGGAGCUAAUCGCAAAAAGGUGGGCCCAGUUC
GGAUUGGGGUCUGCAACCCGACCCCAUGAAGCCGGAAUCGCUAGUAAUCGCGGAUCAGCCAUGCCGCGGUGAAUACGUUC
CCGGGCCUUGUACACACCGCCCGUCACGCCAUGGGAGCGGGCUCUACCCGAAGUCGCCGGGAGCCUACGGGCAGGCGCCG
AGGGUAGGGCCCGUGACUGGGGCGAAGUCGUAACAAGGUAGCUGUACCGGAAGGUGCGGCUGGAUCACCUCCUUUCU
;
A
2 'polypeptide(L)'
;VKELLEAGVHFGHERKRWNPKFARYIYAERNGIHIIDLQKTMEELERTFRFIEDLAMRGGTILFVGTKKQAQDIVRMEAE
RAGMPYVNQRWLGGMLTNFKTISQRVHRLEELEALFASPEIEERPKKEQVRLKHELERLQKYLSGFRLLKRLPDAIFVVD
PTKEAIAVREARKLFIPVIALADTDSDPDLVDYIIPGNDDAIRSIQLILSRAVDLIIQARGGVVEPSPSYALVQ
;
B
3 'polypeptide(L)'
;GNKIHPIGFRLGITRDWESRWYAGKKQYRHLLLEDQRIRGLLEKELYSAGLARVDIERAADNVAVTVHVAKPGVVIGRGG
ERIRVLREELAKLTGKNVALNVQEVQNPNLSAPLVAQRVAEQIERRFAVRRAIKQAVQRVMESGAKGAKVIVSGRIGGAE
QARTEWAAQGRVPLHTLRANIDYGFALARTTYGVLGVKAYIFLGEV
;
C
4 'polypeptide(L)'
;GRYIGPVCRLCRREGVKLYLKGERCYSPKCAMERRPYPPGQHGQKRARRPSDYAVRLREKQKLRRIYGISERQFRNLFEE
ASKKKGVTGSVFLGLLESRLDNVVYRLGFAVSRRQARQLVRHGHITVNGRRVDLPSYRVRPGDEIAVAEKSRNLELIRQN
LEAMKGRKVGPWLSLDVEGMKGKFLRLPDREDLALPVNEQLVIEFYSR
;
D
5 'polypeptide(L)'
;DFEEKMILIRRTARMQAGGRRFRFGALVVVGDRQGRVGLGFGKAPEVPLAVQKAGYYARRNMVEVPLQNGTIPHEIEVEF
GASKIVLKPAAPGTGVIAGAVPRAILELAGVTDILTKELGSRNPINIAYATMEALRQLRTKADVERLRKG
;
E
6 'polypeptide(L)'
;MRRYEVNIVLNPNLDQSQLALEKEIIQRALENYGARVEKVEELGLRRLAYPIAKDPQGYFLWYQVEMPEDRVNDLARELR
IRDNVRRVMVVKSQEPFLANA
;
F
7 'polypeptide(L)'
;ARRRRAEVRQLQPDLVYGDVLVTAFINKIMRDGKKNLAARIFYDACKIIQEKTGQEPLKVFKQAVENVKPRMEVRSRRVG
GANYQVPMEVSPRRQQSLALRWLVQAANQRPERRAAVRIAHELMDAAEGKGGAVKKKEDVERMAEANRAYAHYRW
;
G
8 'polypeptide(L)'
;MLTDPIADMLTRIRNATRVYKESTDVPASRFKEEILRILAREGFIKGYERVDVDGKPYLRVYLKYGPRRQGPDPRPEQVI
HHIRRISKPGRRVYVGVKEIPRVRRGLGIAILSTSKGVLTDREARKLGVGGELICEVW
;
H
9 'polypeptide(L)'
;EQYYGTGRRKEAVARVFLRPGNGKVTVNGQDFNEYFQGLVRAVAALEPLRAVDALGRFDAYITVRGGGKSGQIDAIKLGI
ARALVQYNPDYRAKLKPLGFLTRDARVVERKKYGKHKARRAPQYSKR
;
I
10 'polypeptide(L)'
;KIRIKLRGFDHKTLDASAQKIVEAARRSGAQVSGPIPLPTRVRRFTVIRGPFKHKDSREHFELRTHNRLVDIINPNRKTI
EQLMTLDLPTGVEIEIKT
;
J
11 'polypeptide(L)'
;KRQVASGRAYIHASYNNTIVTITDPDGNPITWSSGGVIGYKGSRKGTPYAAQLAALDAAKKAMAYGMQSVDVIVRGTGAG
REQAIRALQASGLQVKSIVDDTPVPHNGCRPKKKFRKAS
;
K
12 'polypeptide(L)'
;PTINQLVRKGREKVRKKSKVPALKGAPFRRGVCTVVRTVTPKKPNSALRKVAKVRLTSGYEVTAYIPGEGHNLQEHSVVL
IRGGRVKDLPGVRYHIVRGVYDAAGVKDRKKSRSKYGTKKPKEAA
;
L
13 'polypeptide(L)'
;ARIAGVEIPRNKRVDVALTYIYGIGKARAKEALEKTGINPATRVKDLTEAEVVRLREYVENTWKLEGELRAEVAANIKRL
MDIGCYRGLRHRRGLPVRGQRTRTNARTRKGPRKTVAGKK
;
M
14 'polypeptide(L)' ARKALIEKAKRTPKFKVRAYTRCVRCGRARSVYRFFGLCRICLRELAHKGQLPGVRKASW N
15 'polypeptide(L)'
;PITKEEKQKVIQEFARFPGDTGSTEVQVALLTLRINRLSEHLKVHKKDHHSHRGLLMMVGQRRRLLRYLQREDPERYRAL
IEKLGIRG
;
O
16 'polypeptide(L)'
;MVKIRLARFGSKHNPHYRIVVTDARRKRDGKYIEKIGYYDPRKTTPDWLKVDVERARYWLSVGAQPTDTARRLLRQAGVF
RQE
;
P
17 'polypeptide(L)'
;PKKVLTGVVVSDKMQKTVTVLVERQFPHPLYGKVIKRSKKYLAHDPEEKYKLGDVVEIIESRPISKRKRFRVLRLVESGR
MDLVEKYLIRRQNYESLSK
;
Q
18 'polypeptide(L)' KAKVKATLGEFDLRDYRNVEVLKRFLSETGKILPRRRTGLSAKEQRILAKTIKRARILGLLPFTEKLVRK R
19 'polypeptide(L)' SLKKGVFVDDHLLEKVLELNAKGEKRLIKTWSRRSTIVPEMVGHTIAVYNGKQHVPVYITENMVGHKLGEFAPTRTYR S
20 'polypeptide(L)'
;RNLSALKRHRQSLKRRLRNKAKKSAIKTLSKKAIQLAQEGKAEEALKIMRKAESLIDKAAKGSTLHKNAAARRKSRLMRK
VRQLLEAAGAPLIGGGLSA
;
T
21 'polypeptide(L)' GKGDRRTRRGKIWRGTYGKYRPRK U
22 'polyribonucleotide' (PSU)AGUA X
23 'polyribonucleotide' AUUIGAAAUC Y
#
loop_
_chem_comp.id
_chem_comp.type
_chem_comp.name
_chem_comp.formula
A RNA linking ADENOSINE-5'-MONOPHOSPHATE 'C10 H14 N5 O7 P'
C RNA linking CYTIDINE-5'-MONOPHOSPHATE 'C9 H14 N3 O8 P'
G RNA linking GUANOSINE-5'-MONOPHOSPHATE 'C10 H14 N5 O8 P'
I RNA linking 'INOSINIC ACID' 'C10 H13 N4 O8 P'
MG non-polymer 'MAGNESIUM ION' 'Mg 2'
PSU RNA linking PSEUDOURIDINE-5'-MONOPHOSPHATE 'C9 H13 N2 O9 P'
U RNA linking URIDINE-5'-MONOPHOSPHATE 'C9 H13 N2 O9 P'
ZN non-polymer 'ZINC ION' 'Zn 2'
#
# COMPACT_ATOMS: atom_id res chain seq x y z
N VAL B 1 -62.99 0.64 1.67
CA VAL B 1 -63.53 0.65 0.27
C VAL B 1 -62.35 0.58 -0.74
N LYS B 2 -61.84 -0.64 -0.96
CA LYS B 2 -60.74 -0.90 -1.91
C LYS B 2 -61.30 -1.43 -3.25
N GLU B 3 -60.78 -2.56 -3.78
CA GLU B 3 -61.18 -3.09 -5.10
C GLU B 3 -60.99 -2.13 -6.31
N LEU B 4 -61.93 -1.21 -6.50
CA LEU B 4 -62.04 -0.41 -7.72
C LEU B 4 -61.16 0.81 -7.59
N LEU B 5 -60.94 1.23 -6.35
CA LEU B 5 -60.11 2.40 -6.07
C LEU B 5 -58.66 2.11 -6.47
N GLU B 6 -58.28 0.83 -6.47
CA GLU B 6 -56.96 0.39 -6.94
C GLU B 6 -56.79 0.65 -8.43
N ALA B 7 -57.64 0.04 -9.26
CA ALA B 7 -57.60 0.27 -10.72
C ALA B 7 -58.08 1.68 -11.10
N GLY B 8 -58.32 2.54 -10.10
CA GLY B 8 -58.63 3.96 -10.31
C GLY B 8 -57.61 4.60 -11.24
N VAL B 9 -56.39 4.76 -10.75
CA VAL B 9 -55.21 5.24 -11.52
C VAL B 9 -53.88 4.84 -10.82
N HIS B 10 -53.73 3.55 -10.51
CA HIS B 10 -52.75 3.10 -9.51
C HIS B 10 -52.27 1.66 -9.72
N PHE B 11 -52.82 1.04 -10.75
CA PHE B 11 -52.50 -0.32 -11.16
C PHE B 11 -51.08 -0.41 -11.73
N GLY B 12 -50.93 -0.76 -13.01
CA GLY B 12 -49.65 -0.80 -13.69
C GLY B 12 -48.74 0.43 -13.70
N HIS B 13 -47.43 0.16 -13.64
CA HIS B 13 -46.31 1.14 -13.77
C HIS B 13 -45.24 0.75 -14.87
N GLU B 14 -43.97 1.19 -14.70
CA GLU B 14 -42.88 1.28 -15.73
C GLU B 14 -42.87 0.37 -17.01
N ARG B 15 -41.74 0.41 -17.73
CA ARG B 15 -41.48 -0.52 -18.85
C ARG B 15 -39.98 -0.74 -19.12
N LYS B 16 -39.55 -2.00 -19.09
CA LYS B 16 -38.16 -2.45 -19.41
C LYS B 16 -37.08 -1.66 -18.66
N ARG B 17 -37.45 -1.26 -17.45
CA ARG B 17 -36.57 -0.74 -16.39
C ARG B 17 -36.73 -1.76 -15.25
N TRP B 18 -37.03 -3.00 -15.68
CA TRP B 18 -37.72 -4.01 -14.85
C TRP B 18 -36.79 -4.94 -14.09
N ASN B 19 -37.32 -5.54 -13.03
CA ASN B 19 -36.66 -6.66 -12.38
C ASN B 19 -37.40 -7.95 -12.71
N PRO B 20 -36.69 -8.94 -13.28
CA PRO B 20 -37.46 -10.12 -13.61
C PRO B 20 -38.00 -10.83 -12.38
N LYS B 21 -37.43 -10.60 -11.19
CA LYS B 21 -37.92 -11.21 -9.92
C LYS B 21 -39.40 -10.85 -9.66
N PHE B 22 -39.83 -9.76 -10.27
CA PHE B 22 -41.17 -9.24 -10.11
C PHE B 22 -42.08 -9.85 -11.15
N ALA B 23 -41.70 -10.98 -11.74
CA ALA B 23 -42.42 -11.47 -12.91
C ALA B 23 -43.80 -12.03 -12.55
N ARG B 24 -43.91 -12.49 -11.30
CA ARG B 24 -45.12 -13.13 -10.82
C ARG B 24 -46.26 -12.11 -10.70
N TYR B 25 -45.97 -10.96 -10.10
CA TYR B 25 -46.99 -9.94 -9.92
C TYR B 25 -47.33 -9.08 -11.15
N ILE B 26 -47.23 -9.61 -12.38
CA ILE B 26 -47.64 -8.80 -13.54
C ILE B 26 -48.75 -9.45 -14.32
N TYR B 27 -49.78 -8.66 -14.63
CA TYR B 27 -50.83 -9.12 -15.52
C TYR B 27 -50.22 -9.26 -16.91
N ALA B 28 -49.84 -8.13 -17.52
CA ALA B 28 -49.27 -8.19 -18.87
C ALA B 28 -48.49 -6.94 -19.29
N GLU B 29 -47.62 -7.13 -20.29
CA GLU B 29 -47.09 -6.04 -21.09
C GLU B 29 -48.04 -5.89 -22.26
N ARG B 30 -48.94 -4.92 -22.17
CA ARG B 30 -49.80 -4.52 -23.26
C ARG B 30 -49.54 -3.03 -23.49
N ASN B 31 -49.40 -2.66 -24.77
CA ASN B 31 -49.17 -1.27 -25.18
C ASN B 31 -47.69 -0.85 -25.02
N GLY B 32 -46.84 -1.80 -24.64
CA GLY B 32 -45.45 -1.52 -24.31
C GLY B 32 -45.20 -1.08 -22.87
N ILE B 33 -46.24 -1.03 -22.04
CA ILE B 33 -46.10 -0.69 -20.61
C ILE B 33 -46.33 -1.96 -19.79
N HIS B 34 -45.86 -1.96 -18.54
CA HIS B 34 -46.17 -3.07 -17.61
C HIS B 34 -47.46 -2.79 -16.79
N ILE B 35 -48.42 -3.71 -16.81
CA ILE B 35 -49.67 -3.55 -16.06
C ILE B 35 -49.83 -4.64 -15.00
N ILE B 36 -49.81 -4.23 -13.73
CA ILE B 36 -49.61 -5.20 -12.67
C ILE B 36 -50.92 -5.76 -12.12
N ASP B 37 -50.91 -7.08 -11.87
CA ASP B 37 -52.10 -7.85 -11.50
C ASP B 37 -52.63 -7.45 -10.14
N LEU B 38 -53.88 -7.00 -10.17
CA LEU B 38 -54.56 -6.36 -9.06
C LEU B 38 -55.01 -7.40 -8.04
N GLN B 39 -55.67 -8.45 -8.53
CA GLN B 39 -56.02 -9.61 -7.70
C GLN B 39 -54.88 -9.97 -6.72
N LYS B 40 -53.64 -9.92 -7.19
CA LYS B 40 -52.46 -10.27 -6.37
C LYS B 40 -51.95 -9.15 -5.46
N THR B 41 -52.31 -7.91 -5.77
CA THR B 41 -52.13 -6.81 -4.82
C THR B 41 -52.97 -7.02 -3.58
N MET B 42 -54.22 -7.41 -3.81
CA MET B 42 -55.16 -7.62 -2.72
C MET B 42 -54.63 -8.75 -1.85
N GLU B 43 -54.44 -9.91 -2.47
CA GLU B 43 -53.85 -11.07 -1.78
C GLU B 43 -52.67 -10.67 -0.89
N GLU B 44 -51.74 -9.92 -1.46
CA GLU B 44 -50.57 -9.48 -0.70
C GLU B 44 -50.94 -8.45 0.37
N LEU B 45 -51.95 -7.63 0.07
CA LEU B 45 -52.40 -6.56 0.97
C LEU B 45 -52.96 -7.03 2.33
N GLU B 46 -53.83 -8.04 2.31
CA GLU B 46 -54.33 -8.60 3.56
C GLU B 46 -53.14 -9.05 4.41
N ARG B 47 -52.30 -9.91 3.83
CA ARG B 47 -51.16 -10.46 4.53
C ARG B 47 -50.27 -9.36 5.08
N THR B 48 -50.39 -8.18 4.51
CA THR B 48 -49.54 -7.09 4.90
C THR B 48 -50.22 -6.31 6.01
N PHE B 49 -51.52 -6.08 5.84
CA PHE B 49 -52.27 -5.31 6.82
C PHE B 49 -52.55 -6.12 8.08
N ARG B 50 -52.60 -7.44 7.94
CA ARG B 50 -52.56 -8.33 9.11
C ARG B 50 -51.29 -8.06 9.91
N PHE B 51 -50.13 -8.10 9.26
CA PHE B 51 -48.89 -7.87 9.98
C PHE B 51 -48.99 -6.51 10.67
N ILE B 52 -49.54 -5.55 9.94
CA ILE B 52 -49.66 -4.18 10.45
C ILE B 52 -50.54 -4.06 11.69
N GLU B 53 -51.78 -4.55 11.57
CA GLU B 53 -52.77 -4.54 12.66
C GLU B 53 -52.20 -5.13 13.96
N ASP B 54 -51.59 -6.30 13.84
CA ASP B 54 -51.03 -7.03 14.97
C ASP B 54 -49.88 -6.27 15.64
N LEU B 55 -48.94 -5.78 14.84
CA LEU B 55 -47.83 -4.99 15.35
C LEU B 55 -48.38 -3.79 16.11
N ALA B 56 -49.44 -3.20 15.54
CA ALA B 56 -50.02 -1.98 16.06
C ALA B 56 -50.73 -2.23 17.38
N MET B 57 -51.62 -3.24 17.37
CA MET B 57 -52.45 -3.56 18.54
C MET B 57 -51.59 -4.12 19.69
N ARG B 58 -50.49 -4.77 19.37
CA ARG B 58 -49.48 -5.03 20.40
C ARG B 58 -48.70 -3.75 20.73
N GLY B 59 -49.13 -2.62 20.17
CA GLY B 59 -48.55 -1.30 20.47
C GLY B 59 -47.11 -1.10 20.02
N GLY B 60 -46.83 -1.32 18.73
CA GLY B 60 -45.44 -1.35 18.25
C GLY B 60 -44.82 0.00 17.86
N THR B 61 -44.02 0.00 16.81
CA THR B 61 -43.49 1.21 16.17
C THR B 61 -43.05 0.91 14.72
N ILE B 62 -43.82 1.44 13.75
CA ILE B 62 -43.48 1.37 12.34
C ILE B 62 -42.73 2.63 12.01
N LEU B 63 -41.52 2.52 11.45
CA LEU B 63 -40.78 3.68 10.95
C LEU B 63 -41.04 3.88 9.45
N PHE B 64 -41.52 5.06 9.08
CA PHE B 64 -41.90 5.33 7.70
C PHE B 64 -40.76 6.02 7.00
N VAL B 65 -40.57 5.66 5.74
CA VAL B 65 -39.48 6.20 4.91
C VAL B 65 -39.96 6.38 3.47
N GLY B 66 -39.96 7.64 3.07
CA GLY B 66 -40.27 8.10 1.72
C GLY B 66 -39.53 9.41 1.49
N THR B 67 -38.49 9.35 0.66
CA THR B 67 -37.64 10.50 0.37
C THR B 67 -37.66 10.84 -1.11
N LYS B 68 -38.68 10.38 -1.83
CA LYS B 68 -38.78 10.59 -3.28
C LYS B 68 -39.71 11.76 -3.59
N LYS B 69 -39.69 12.19 -4.85
CA LYS B 69 -40.41 13.38 -5.25
C LYS B 69 -41.83 13.38 -4.71
N GLN B 70 -42.62 12.38 -5.12
CA GLN B 70 -44.07 12.37 -4.87
C GLN B 70 -44.49 11.82 -3.48
N ALA B 71 -43.53 11.28 -2.74
CA ALA B 71 -43.79 10.75 -1.41
C ALA B 71 -43.49 11.81 -0.36
N GLN B 72 -42.26 12.35 -0.40
CA GLN B 72 -41.79 13.46 0.43
C GLN B 72 -42.76 14.02 1.48
N ASP B 73 -43.92 14.53 1.04
CA ASP B 73 -44.84 15.26 1.93
C ASP B 73 -45.99 14.41 2.48
N ILE B 74 -46.62 13.62 1.62
CA ILE B 74 -47.64 12.69 2.09
C ILE B 74 -47.09 11.80 3.23
N VAL B 75 -45.77 11.68 3.33
CA VAL B 75 -45.18 10.83 4.38
C VAL B 75 -45.11 11.52 5.73
N ARG B 76 -44.73 12.79 5.79
CA ARG B 76 -44.68 13.49 7.08
C ARG B 76 -46.08 13.79 7.64
N MET B 77 -47.10 13.66 6.79
CA MET B 77 -48.50 13.80 7.21
C MET B 77 -48.98 12.49 7.86
N GLU B 78 -49.09 11.46 7.03
CA GLU B 78 -49.61 10.16 7.43
C GLU B 78 -48.75 9.51 8.52
N ALA B 79 -47.48 9.86 8.55
CA ALA B 79 -46.64 9.50 9.69
C ALA B 79 -47.20 10.05 10.99
N GLU B 80 -47.57 11.33 11.01
CA GLU B 80 -48.10 11.93 12.26
C GLU B 80 -49.64 11.89 12.39
N ARG B 81 -50.36 11.73 11.29
CA ARG B 81 -51.75 11.28 11.38
C ARG B 81 -51.80 9.90 12.10
N ALA B 82 -50.62 9.35 12.37
CA ALA B 82 -50.44 8.09 13.10
C ALA B 82 -49.46 8.18 14.29
N GLY B 83 -48.97 9.38 14.60
CA GLY B 83 -47.98 9.54 15.68
C GLY B 83 -46.75 8.67 15.57
N MET B 84 -46.50 8.14 14.36
CA MET B 84 -45.36 7.26 14.06
C MET B 84 -44.20 8.06 13.49
N PRO B 85 -42.96 7.65 13.79
CA PRO B 85 -41.78 8.26 13.18
C PRO B 85 -41.66 8.06 11.66
N TYR B 86 -40.90 8.96 11.01
CA TYR B 86 -40.64 8.92 9.57
C TYR B 86 -39.25 9.54 9.26
N VAL B 87 -38.69 9.19 8.07
CA VAL B 87 -37.51 9.87 7.50
C VAL B 87 -37.91 10.37 6.11
N ASN B 88 -37.59 11.64 5.84
CA ASN B 88 -38.28 12.42 4.80
C ASN B 88 -37.43 13.08 3.71
N GLN B 89 -36.29 13.64 4.11
CA GLN B 89 -35.40 14.34 3.19
C GLN B 89 -34.27 13.43 2.78
N ARG B 90 -33.52 12.93 3.76
CA ARG B 90 -32.27 12.16 3.53
C ARG B 90 -32.12 10.97 4.48
N TRP B 91 -32.22 9.74 3.96
CA TRP B 91 -31.79 8.58 4.74
C TRP B 91 -30.27 8.61 5.05
N LEU B 92 -29.90 8.75 6.32
CA LEU B 92 -28.47 8.80 6.71
C LEU B 92 -27.80 7.45 6.94
N GLY B 93 -26.48 7.44 6.82
CA GLY B 93 -25.71 6.21 6.94
C GLY B 93 -25.63 5.71 8.35
N GLY B 94 -26.56 4.79 8.63
CA GLY B 94 -26.65 4.11 9.92
C GLY B 94 -27.72 4.67 10.84
N MET B 95 -28.85 5.10 10.26
CA MET B 95 -29.99 5.53 11.09
C MET B 95 -30.40 4.36 11.99
N LEU B 96 -30.39 3.15 11.44
CA LEU B 96 -30.68 1.94 12.20
C LEU B 96 -29.42 1.25 12.78
N THR B 97 -28.30 1.33 12.06
CA THR B 97 -27.14 0.54 12.43
C THR B 97 -26.12 1.31 13.22
N ASN B 98 -26.09 2.63 13.06
CA ASN B 98 -25.32 3.47 13.96
C ASN B 98 -26.22 4.28 14.88
N PHE B 99 -27.50 3.93 14.85
CA PHE B 99 -28.51 4.42 15.79
C PHE B 99 -28.03 5.11 17.08
N LYS B 100 -27.31 4.40 17.93
CA LYS B 100 -26.88 5.01 19.17
C LYS B 100 -26.19 6.34 18.89
N THR B 101 -25.37 6.38 17.83
CA THR B 101 -24.64 7.61 17.42
C THR B 101 -25.53 8.60 16.66
N ILE B 102 -26.16 8.16 15.59
CA ILE B 102 -27.05 9.08 14.96
C ILE B 102 -28.00 9.66 15.98
N SER B 103 -28.17 8.99 17.12
CA SER B 103 -29.10 9.48 18.15
C SER B 103 -28.60 10.67 18.98
N GLN B 104 -27.29 10.78 19.18
CA GLN B 104 -26.78 11.97 19.85
C GLN B 104 -26.93 13.22 18.99
N ARG B 105 -27.60 13.10 17.85
CA ARG B 105 -28.00 14.31 17.15
C ARG B 105 -29.26 14.75 17.82
N VAL B 106 -30.32 13.95 17.72
CA VAL B 106 -31.55 14.23 18.45
C VAL B 106 -31.24 14.67 19.89
N HIS B 107 -30.41 13.89 20.59
CA HIS B 107 -29.92 14.25 21.94
C HIS B 107 -29.62 15.75 22.05
N ARG B 108 -28.85 16.24 21.08
CA ARG B 108 -28.27 17.59 21.09
C ARG B 108 -29.09 18.62 20.26
N LEU B 109 -30.08 18.15 19.51
CA LEU B 109 -30.99 19.06 18.84
C LEU B 109 -31.87 19.69 19.88
N GLU B 110 -32.43 18.88 20.77
CA GLU B 110 -33.36 19.42 21.74
C GLU B 110 -32.64 19.96 22.99
N GLU B 111 -31.31 19.87 23.00
CA GLU B 111 -30.49 20.75 23.84
C GLU B 111 -30.52 22.19 23.35
N LEU B 112 -30.95 22.39 22.11
CA LEU B 112 -31.10 23.73 21.54
C LEU B 112 -32.51 24.22 21.65
N GLU B 113 -33.47 23.30 21.60
CA GLU B 113 -34.81 23.60 22.09
C GLU B 113 -34.67 24.29 23.45
N ALA B 114 -33.73 23.81 24.26
CA ALA B 114 -33.44 24.35 25.58
C ALA B 114 -32.52 25.58 25.55
N LEU B 115 -32.42 26.21 24.38
CA LEU B 115 -31.87 27.57 24.26
C LEU B 115 -32.65 28.46 23.29
N PHE B 116 -33.71 27.94 22.65
CA PHE B 116 -34.72 28.79 21.99
C PHE B 116 -35.74 29.23 23.04
N ALA B 117 -35.93 28.38 24.05
CA ALA B 117 -36.64 28.76 25.26
C ALA B 117 -35.61 28.82 26.40
N SER B 118 -35.10 30.02 26.69
CA SER B 118 -34.07 30.20 27.71
C SER B 118 -33.94 31.67 28.17
N PRO B 119 -33.23 31.93 29.30
CA PRO B 119 -32.62 33.26 29.49
C PRO B 119 -31.69 33.62 28.32
N GLU B 120 -31.39 32.63 27.49
CA GLU B 120 -30.76 32.81 26.18
C GLU B 120 -31.80 32.70 25.07
N ILE B 121 -32.88 33.48 25.15
CA ILE B 121 -33.86 33.63 24.06
C ILE B 121 -33.51 34.86 23.20
N GLU B 122 -32.57 35.69 23.69
CA GLU B 122 -32.12 36.89 22.98
C GLU B 122 -30.64 37.27 23.21
N GLU B 123 -29.83 36.36 23.78
CA GLU B 123 -28.43 36.67 24.11
C GLU B 123 -27.47 35.46 23.91
N ARG B 124 -26.17 35.76 23.92
CA ARG B 124 -25.02 34.83 23.65
C ARG B 124 -24.23 35.34 22.43
N PRO B 125 -22.91 35.64 22.58
CA PRO B 125 -22.10 36.33 21.55
C PRO B 125 -22.71 36.25 20.14
N LYS B 126 -23.46 37.29 19.75
CA LYS B 126 -24.58 37.19 18.77
C LYS B 126 -24.36 36.55 17.38
N LYS B 127 -23.13 36.16 17.05
CA LYS B 127 -22.84 35.32 15.85
C LYS B 127 -22.92 33.81 16.14
N GLU B 128 -23.45 33.46 17.32
CA GLU B 128 -23.92 32.11 17.62
C GLU B 128 -25.44 32.02 17.48
N GLN B 129 -26.11 33.17 17.55
CA GLN B 129 -27.55 33.23 17.28
C GLN B 129 -27.86 33.12 15.77
N VAL B 130 -26.89 32.64 15.00
CA VAL B 130 -27.12 32.03 13.68
C VAL B 130 -26.38 30.69 13.65
N ARG B 131 -25.05 30.70 13.77
CA ARG B 131 -24.22 29.48 13.83
C ARG B 131 -24.92 28.32 14.52
N LEU B 132 -25.48 28.60 15.70
CA LEU B 132 -26.27 27.62 16.44
C LEU B 132 -27.70 27.62 15.92
N LYS B 133 -28.31 28.80 15.85
CA LYS B 133 -29.71 28.85 15.44
C LYS B 133 -29.91 28.43 13.98
N HIS B 134 -28.81 28.35 13.23
CA HIS B 134 -28.82 27.82 11.85
C HIS B 134 -28.31 26.36 11.79
N GLU B 135 -27.59 25.91 12.83
CA GLU B 135 -27.28 24.49 12.99
C GLU B 135 -28.58 23.74 13.22
N LEU B 136 -29.45 24.31 14.05
CA LEU B 136 -30.80 23.76 14.29
C LEU B 136 -31.70 23.73 13.04
N GLU B 137 -31.16 24.11 11.89
CA GLU B 137 -31.90 23.97 10.63
C GLU B 137 -31.66 22.59 10.02
N ARG B 138 -30.38 22.21 9.87
CA ARG B 138 -30.02 20.85 9.47
C ARG B 138 -30.78 19.86 10.38
N LEU B 139 -30.63 20.07 11.69
CA LEU B 139 -31.23 19.18 12.70
C LEU B 139 -32.73 19.17 12.53
N GLN B 140 -33.32 20.34 12.35
CA GLN B 140 -34.74 20.44 12.04
C GLN B 140 -35.05 19.63 10.78
N LYS B 141 -34.42 20.02 9.67
CA LYS B 141 -34.88 19.59 8.37
C LYS B 141 -34.91 18.07 8.19
N TYR B 142 -34.03 17.36 8.93
CA TYR B 142 -33.82 15.92 8.76
C TYR B 142 -34.42 15.06 9.86
N LEU B 143 -34.12 15.39 11.11
CA LEU B 143 -34.56 14.59 12.25
C LEU B 143 -35.99 14.93 12.73
N SER B 144 -36.91 15.16 11.78
CA SER B 144 -38.30 15.57 12.10
C SER B 144 -39.13 14.43 12.65
N GLY B 145 -39.12 13.31 11.95
CA GLY B 145 -39.75 12.05 12.41
C GLY B 145 -38.80 11.05 13.06
N PHE B 146 -37.51 11.31 12.94
CA PHE B 146 -36.56 10.47 13.60
C PHE B 146 -36.41 10.84 15.08
N ARG B 147 -36.85 12.05 15.46
CA ARG B 147 -36.68 12.53 16.84
C ARG B 147 -37.54 11.79 17.88
N LEU B 148 -38.70 11.32 17.43
CA LEU B 148 -39.68 10.61 18.27
C LEU B 148 -39.28 9.15 18.46
N LEU B 149 -38.62 8.55 17.47
CA LEU B 149 -38.03 7.19 17.58
C LEU B 149 -36.94 7.12 18.69
N LYS B 150 -37.18 6.32 19.73
CA LYS B 150 -36.29 6.29 20.91
C LYS B 150 -35.61 4.92 21.16
N ARG B 151 -36.13 3.87 20.54
CA ARG B 151 -35.43 2.59 20.45
C ARG B 151 -35.76 2.02 19.07
N LEU B 152 -34.90 1.14 18.57
CA LEU B 152 -35.05 0.72 17.19
C LEU B 152 -36.47 0.35 16.86
N PRO B 153 -36.90 0.61 15.63
CA PRO B 153 -38.31 0.40 15.29
C PRO B 153 -38.68 -1.08 15.32
N ASP B 154 -39.97 -1.35 15.16
CA ASP B 154 -40.47 -2.73 15.12
C ASP B 154 -40.68 -3.19 13.70
N ALA B 155 -41.13 -2.31 12.81
CA ALA B 155 -41.04 -2.57 11.37
C ALA B 155 -40.35 -1.41 10.70
N ILE B 156 -40.35 -1.42 9.37
CA ILE B 156 -40.17 -0.21 8.59
C ILE B 156 -41.03 -0.35 7.34
N PHE B 157 -41.53 0.81 6.90
CA PHE B 157 -42.42 0.88 5.77
C PHE B 157 -41.82 1.79 4.71
N VAL B 158 -41.49 1.23 3.56
CA VAL B 158 -40.79 1.96 2.52
C VAL B 158 -41.73 2.18 1.35
N VAL B 159 -41.58 3.35 0.73
CA VAL B 159 -42.40 3.71 -0.44
C VAL B 159 -41.84 3.16 -1.77
N ASP B 160 -40.61 3.52 -2.15
CA ASP B 160 -39.93 2.89 -3.28
C ASP B 160 -38.68 2.26 -2.68
N PRO B 161 -38.60 0.92 -2.78
CA PRO B 161 -37.59 0.14 -2.07
C PRO B 161 -36.23 0.14 -2.76
N THR B 162 -36.23 0.21 -4.11
CA THR B 162 -35.00 0.33 -4.89
C THR B 162 -34.48 1.74 -4.79
N LYS B 163 -35.40 2.69 -4.73
CA LYS B 163 -35.03 4.04 -4.45
C LYS B 163 -34.38 4.07 -3.09
N GLU B 164 -34.95 3.36 -2.12
CA GLU B 164 -34.48 3.48 -0.74
C GLU B 164 -33.82 2.21 -0.15
N ALA B 165 -32.93 1.59 -0.92
CA ALA B 165 -32.44 0.24 -0.57
C ALA B 165 -31.29 0.22 0.47
N ILE B 166 -30.79 1.40 0.81
CA ILE B 166 -29.76 1.57 1.84
C ILE B 166 -30.40 1.53 3.20
N ALA B 167 -31.72 1.70 3.21
CA ALA B 167 -32.48 1.54 4.42
C ALA B 167 -32.68 0.07 4.59
N VAL B 168 -33.46 -0.52 3.67
CA VAL B 168 -33.75 -1.95 3.64
C VAL B 168 -32.55 -2.82 4.01
N ARG B 169 -31.43 -2.58 3.34
CA ARG B 169 -30.12 -3.16 3.71
C ARG B 169 -29.97 -3.32 5.24
N GLU B 170 -30.07 -2.19 5.95
CA GLU B 170 -29.85 -2.12 7.41
C GLU B 170 -30.97 -2.77 8.23
N ALA B 171 -32.20 -2.60 7.76
CA ALA B 171 -33.34 -3.31 8.33
C ALA B 171 -32.89 -4.75 8.48
N ARG B 172 -32.69 -5.43 7.36
CA ARG B 172 -32.41 -6.85 7.36
C ARG B 172 -31.22 -7.14 8.26
N LYS B 173 -30.19 -6.31 8.16
CA LYS B 173 -29.00 -6.44 9.01
C LYS B 173 -29.33 -6.59 10.50
N LEU B 174 -30.54 -6.18 10.89
CA LEU B 174 -30.97 -6.18 12.28
C LEU B 174 -32.29 -6.95 12.47
N PHE B 175 -32.67 -7.70 11.45
CA PHE B 175 -33.87 -8.52 11.45
C PHE B 175 -35.17 -7.73 11.59
N ILE B 176 -35.07 -6.41 11.49
CA ILE B 176 -36.24 -5.56 11.44
C ILE B 176 -37.07 -5.77 10.16
N PRO B 177 -38.29 -6.30 10.30
CA PRO B 177 -39.11 -6.53 9.10
C PRO B 177 -39.21 -5.32 8.18
N VAL B 178 -39.46 -5.56 6.91
CA VAL B 178 -39.52 -4.48 5.95
C VAL B 178 -40.82 -4.60 5.21
N ILE B 179 -41.69 -3.62 5.41
CA ILE B 179 -42.91 -3.51 4.61
C ILE B 179 -42.57 -2.48 3.59
N ALA B 180 -42.93 -2.73 2.34
CA ALA B 180 -42.68 -1.77 1.27
C ALA B 180 -43.80 -1.81 0.27
N LEU B 181 -44.07 -0.64 -0.30
CA LEU B 181 -44.84 -0.59 -1.54
C LEU B 181 -43.77 -0.83 -2.58
N ALA B 182 -43.97 -1.81 -3.45
CA ALA B 182 -42.98 -2.11 -4.47
C ALA B 182 -43.59 -2.11 -5.86
N ASP B 183 -42.80 -1.76 -6.86
CA ASP B 183 -43.19 -2.08 -8.23
C ASP B 183 -42.01 -2.60 -9.02
N THR B 184 -42.29 -2.92 -10.28
CA THR B 184 -41.36 -3.54 -11.23
C THR B 184 -39.89 -2.99 -11.31
N ASP B 185 -39.67 -1.73 -10.94
CA ASP B 185 -38.37 -1.22 -10.43
C ASP B 185 -37.60 -2.29 -9.64
N SER B 186 -38.32 -3.00 -8.77
CA SER B 186 -37.78 -3.50 -7.50
C SER B 186 -37.69 -5.03 -7.36
N ASP B 187 -36.94 -5.45 -6.34
CA ASP B 187 -36.69 -6.86 -6.06
C ASP B 187 -37.51 -7.33 -4.86
N PRO B 188 -38.60 -8.07 -5.12
CA PRO B 188 -39.46 -8.50 -4.02
C PRO B 188 -38.69 -9.23 -2.91
N ASP B 189 -37.92 -10.24 -3.30
CA ASP B 189 -37.33 -11.18 -2.35
C ASP B 189 -36.71 -10.58 -1.09
N LEU B 190 -36.42 -9.27 -1.05
CA LEU B 190 -35.97 -8.69 0.23
C LEU B 190 -36.91 -7.64 0.84
N VAL B 191 -38.09 -7.51 0.25
CA VAL B 191 -39.21 -6.94 0.97
C VAL B 191 -39.78 -8.10 1.78
N ASP B 192 -39.88 -7.90 3.09
CA ASP B 192 -40.55 -8.86 3.97
C ASP B 192 -42.07 -8.92 3.73
N TYR B 193 -42.74 -7.78 3.69
CA TYR B 193 -44.18 -7.74 3.39
C TYR B 193 -44.46 -6.75 2.26
N ILE B 194 -45.14 -7.21 1.23
CA ILE B 194 -45.07 -6.58 -0.09
C ILE B 194 -46.39 -5.99 -0.53
N ILE B 195 -46.42 -4.70 -0.85
CA ILE B 195 -47.60 -4.08 -1.48
C ILE B 195 -47.27 -3.80 -2.94
N PRO B 196 -47.54 -4.78 -3.82
CA PRO B 196 -47.10 -4.70 -5.20
C PRO B 196 -47.99 -3.78 -5.95
N GLY B 197 -47.46 -2.61 -6.31
CA GLY B 197 -48.28 -1.49 -6.77
C GLY B 197 -47.65 -0.55 -7.78
N ASN B 198 -47.95 0.74 -7.64
CA ASN B 198 -47.27 1.81 -8.36
C ASN B 198 -46.42 2.62 -7.36
N ASP B 199 -45.10 2.66 -7.56
CA ASP B 199 -44.21 3.35 -6.63
C ASP B 199 -44.25 4.87 -6.85
N ASP B 200 -44.87 5.28 -7.95
CA ASP B 200 -44.74 6.64 -8.48
C ASP B 200 -46.01 7.51 -8.36
N ALA B 201 -47.11 7.04 -8.96
CA ALA B 201 -48.37 7.81 -8.94
C ALA B 201 -48.71 8.29 -7.53
N ILE B 202 -48.92 9.60 -7.40
CA ILE B 202 -49.21 10.23 -6.10
C ILE B 202 -50.59 9.79 -5.59
N ARG B 203 -51.49 9.55 -6.54
CA ARG B 203 -52.80 8.98 -6.25
C ARG B 203 -52.59 7.67 -5.51
N SER B 204 -51.76 6.82 -6.11
CA SER B 204 -51.42 5.50 -5.56
C SER B 204 -50.76 5.66 -4.19
N ILE B 205 -49.59 6.28 -4.16
CA ILE B 205 -48.86 6.46 -2.91
C ILE B 205 -49.80 6.90 -1.79
N GLN B 206 -50.79 7.72 -2.14
CA GLN B 206 -51.75 8.24 -1.16
C GLN B 206 -52.78 7.17 -0.79
N LEU B 207 -53.53 6.71 -1.79
CA LEU B 207 -54.56 5.69 -1.59
C LEU B 207 -54.07 4.66 -0.59
N ILE B 208 -52.91 4.06 -0.87
CA ILE B 208 -52.35 2.98 -0.04
C ILE B 208 -51.85 3.47 1.30
N LEU B 209 -50.81 4.30 1.26
CA LEU B 209 -50.07 4.66 2.45
C LEU B 209 -50.97 5.24 3.54
N SER B 210 -52.06 5.89 3.14
CA SER B 210 -53.03 6.42 4.10
C SER B 210 -53.86 5.28 4.72
N ARG B 211 -54.44 4.44 3.86
CA ARG B 211 -55.29 3.32 4.33
C ARG B 211 -54.57 2.39 5.31
N ALA B 212 -53.25 2.30 5.16
CA ALA B 212 -52.43 1.63 6.16
C ALA B 212 -52.48 2.34 7.50
N VAL B 213 -52.69 3.66 7.47
CA VAL B 213 -52.74 4.48 8.68
C VAL B 213 -54.16 4.56 9.25
N ASP B 214 -55.16 4.05 8.54
CA ASP B 214 -56.43 3.74 9.16
C ASP B 214 -56.15 2.68 10.24
N LEU B 215 -55.89 1.45 9.79
CA LEU B 215 -55.39 0.36 10.64
C LEU B 215 -54.56 0.79 11.85
N ILE B 216 -53.50 1.56 11.61
CA ILE B 216 -52.55 1.89 12.68
C ILE B 216 -53.24 2.57 13.87
N ILE B 217 -54.29 3.35 13.61
CA ILE B 217 -55.10 3.92 14.71
C ILE B 217 -56.37 3.08 14.98
N GLN B 218 -57.10 2.70 13.92
CA GLN B 218 -58.22 1.73 14.04
C GLN B 218 -57.75 0.37 14.57
N ALA B 219 -56.65 0.37 15.33
CA ALA B 219 -56.26 -0.74 16.19
C ALA B 219 -56.03 -0.12 17.56
N ARG B 220 -56.95 0.79 17.90
CA ARG B 220 -56.82 1.68 19.04
C ARG B 220 -57.96 2.75 19.06
N GLY B 221 -58.95 2.61 18.17
CA GLY B 221 -60.10 3.53 18.12
C GLY B 221 -59.81 4.98 17.70
N GLY B 222 -60.88 5.72 17.42
CA GLY B 222 -60.81 7.15 17.12
C GLY B 222 -60.36 7.46 15.70
N VAL B 223 -60.87 6.71 14.73
CA VAL B 223 -60.44 6.85 13.32
C VAL B 223 -60.90 8.21 12.81
N VAL B 224 -60.05 8.85 12.00
CA VAL B 224 -60.30 10.24 11.57
C VAL B 224 -61.00 10.32 10.18
N GLU B 225 -60.98 11.52 9.60
CA GLU B 225 -61.52 11.80 8.27
C GLU B 225 -60.63 11.26 7.17
N PRO B 226 -61.07 11.38 5.89
CA PRO B 226 -60.18 11.28 4.73
C PRO B 226 -58.77 11.95 4.87
N SER B 227 -58.55 12.77 5.90
CA SER B 227 -57.20 13.12 6.40
C SER B 227 -56.44 14.12 5.51
N PRO B 228 -55.58 14.97 6.13
CA PRO B 228 -54.84 16.00 5.36
C PRO B 228 -53.77 15.41 4.44
N SER B 229 -54.19 15.04 3.22
CA SER B 229 -53.25 14.53 2.21
C SER B 229 -53.80 14.61 0.78
N TYR B 230 -53.73 15.81 0.18
CA TYR B 230 -53.96 16.03 -1.26
C TYR B 230 -53.10 17.18 -1.73
N ALA B 231 -51.83 17.15 -1.32
CA ALA B 231 -50.92 18.33 -1.26
C ALA B 231 -51.22 19.46 -2.27
N LEU B 232 -51.17 19.10 -3.55
CA LEU B 232 -51.75 19.90 -4.63
C LEU B 232 -52.24 18.87 -5.65
N VAL B 233 -53.03 17.90 -5.16
CA VAL B 233 -53.34 16.66 -5.91
C VAL B 233 -54.03 17.02 -7.26
N GLN B 234 -53.17 17.40 -8.22
CA GLN B 234 -53.51 17.94 -9.55
C GLN B 234 -52.26 18.63 -10.13
N GLY C 1 10.84 20.49 16.39
CA GLY C 1 11.09 21.17 17.72
C GLY C 1 10.34 22.48 18.06
N ASN C 2 9.01 22.43 18.02
CA ASN C 2 8.15 23.60 18.06
C ASN C 2 7.56 23.81 19.45
N LYS C 3 6.39 24.46 19.53
CA LYS C 3 5.52 24.46 20.75
C LYS C 3 6.02 25.10 22.08
N ILE C 4 5.47 26.30 22.37
CA ILE C 4 5.72 27.02 23.63
C ILE C 4 5.42 26.22 24.88
N HIS C 5 6.11 26.62 25.96
CA HIS C 5 5.72 26.29 27.32
C HIS C 5 4.32 26.86 27.63
N PRO C 6 3.40 26.05 28.19
CA PRO C 6 2.01 26.51 28.23
C PRO C 6 1.65 27.35 29.46
N ILE C 7 2.54 27.35 30.46
CA ILE C 7 2.40 28.30 31.55
C ILE C 7 2.88 29.66 31.09
N GLY C 8 4.17 29.74 30.72
CA GLY C 8 4.73 30.90 30.01
C GLY C 8 3.71 31.57 29.08
N PHE C 9 3.09 30.77 28.23
CA PHE C 9 2.16 31.31 27.26
C PHE C 9 0.96 31.98 27.92
N ARG C 10 0.64 31.55 29.14
CA ARG C 10 -0.63 31.93 29.78
C ARG C 10 -0.52 32.84 31.04
N LEU C 11 0.71 33.13 31.50
CA LEU C 11 0.92 34.10 32.58
C LEU C 11 0.20 35.46 32.39
N GLY C 12 -0.56 35.59 31.31
CA GLY C 12 -1.49 36.70 31.12
C GLY C 12 -2.83 36.50 31.79
N ILE C 13 -3.71 35.72 31.16
CA ILE C 13 -4.93 35.26 31.85
C ILE C 13 -4.49 34.00 32.60
N THR C 14 -5.46 33.22 33.06
CA THR C 14 -5.35 31.76 33.06
C THR C 14 -4.15 31.18 33.83
N ARG C 15 -3.40 32.00 34.55
CA ARG C 15 -2.27 31.49 35.32
C ARG C 15 -1.52 32.66 35.91
N ASP C 16 -1.12 32.53 37.18
CA ASP C 16 -0.38 33.58 37.90
C ASP C 16 0.97 33.05 38.35
N TRP C 17 1.83 33.93 38.86
CA TRP C 17 3.24 33.59 39.13
C TRP C 17 3.43 32.83 40.46
N GLU C 18 4.53 32.08 40.53
CA GLU C 18 4.99 31.37 41.74
C GLU C 18 5.85 32.30 42.64
N SER C 19 5.51 33.58 42.62
CA SER C 19 6.30 34.65 43.27
C SER C 19 5.56 35.98 43.00
N ARG C 20 4.82 36.48 43.98
CA ARG C 20 3.97 37.67 43.80
C ARG C 20 4.58 38.92 44.43
N TRP C 21 5.90 38.94 44.54
CA TRP C 21 6.61 40.00 45.24
C TRP C 21 7.28 41.04 44.34
N TYR C 22 6.85 42.31 44.50
CA TYR C 22 7.45 43.48 43.84
C TYR C 22 8.93 43.73 44.24
N ALA C 23 9.61 44.67 43.59
CA ALA C 23 10.93 45.12 44.06
C ALA C 23 11.61 46.05 43.03
N GLY C 24 12.93 45.94 42.91
CA GLY C 24 13.68 46.90 42.12
C GLY C 24 15.14 46.57 41.98
N LYS C 25 15.78 47.39 41.15
CA LYS C 25 16.95 47.00 40.34
C LYS C 25 18.26 46.68 41.05
N LYS C 26 18.23 46.47 42.37
CA LYS C 26 19.44 45.99 43.08
C LYS C 26 19.14 44.90 44.13
N GLN C 27 17.85 44.69 44.43
CA GLN C 27 17.42 43.63 45.36
C GLN C 27 17.02 42.35 44.62
N TYR C 28 16.16 42.51 43.59
CA TYR C 28 15.63 41.43 42.70
C TYR C 28 16.61 40.28 42.45
N ARG C 29 17.83 40.59 42.03
CA ARG C 29 18.89 39.57 41.89
C ARG C 29 19.01 38.60 43.08
N HIS C 30 18.90 39.17 44.29
CA HIS C 30 19.06 38.44 45.56
C HIS C 30 17.73 37.94 46.12
N LEU C 31 16.72 38.79 46.06
CA LEU C 31 15.37 38.35 46.38
C LEU C 31 14.95 37.19 45.48
N LEU C 32 15.72 37.00 44.41
CA LEU C 32 15.59 35.84 43.53
C LEU C 32 16.42 34.66 44.04
N LEU C 33 17.75 34.76 44.05
CA LEU C 33 18.60 33.60 44.41
C LEU C 33 18.11 32.88 45.67
N GLU C 34 17.59 33.66 46.62
CA GLU C 34 16.96 33.16 47.84
C GLU C 34 15.68 32.40 47.48
N ASP C 35 14.67 33.14 47.01
CA ASP C 35 13.47 32.59 46.36
C ASP C 35 13.71 31.17 45.76
N GLN C 36 14.92 30.93 45.25
CA GLN C 36 15.26 29.70 44.54
C GLN C 36 15.85 28.64 45.49
N ARG C 37 16.86 29.00 46.28
CA ARG C 37 17.47 28.06 47.22
C ARG C 37 16.51 27.58 48.31
N ILE C 38 15.54 28.44 48.65
CA ILE C 38 14.32 28.03 49.34
C ILE C 38 13.73 26.76 48.72
N ARG C 39 13.18 26.89 47.51
CA ARG C 39 12.65 25.75 46.72
C ARG C 39 13.79 24.76 46.44
N GLY C 40 15.03 25.25 46.52
CA GLY C 40 16.21 24.41 46.46
C GLY C 40 16.13 23.32 47.49
N LEU C 41 15.95 23.72 48.74
CA LEU C 41 15.91 22.77 49.87
C LEU C 41 14.52 22.11 49.98
N LEU C 42 13.46 22.91 49.87
CA LEU C 42 12.08 22.39 49.87
C LEU C 42 11.85 21.23 48.87
N GLU C 43 12.09 21.47 47.58
CA GLU C 43 11.88 20.43 46.53
C GLU C 43 12.67 19.15 46.80
N LYS C 44 13.91 19.30 47.26
CA LYS C 44 14.72 18.13 47.63
C LYS C 44 14.24 17.47 48.93
N GLU C 45 14.13 18.25 50.00
CA GLU C 45 13.86 17.72 51.34
C GLU C 45 12.40 17.86 51.79
N LEU C 46 11.50 17.35 50.95
CA LEU C 46 10.06 17.42 51.15
C LEU C 46 9.36 16.73 49.99
N TYR C 47 10.09 15.85 49.30
CA TYR C 47 9.63 15.26 48.05
C TYR C 47 8.35 14.46 48.34
N SER C 48 8.36 13.78 49.50
CA SER C 48 7.36 12.77 49.90
C SER C 48 5.96 13.34 50.18
N ALA C 49 5.91 14.54 50.76
CA ALA C 49 4.68 15.32 50.76
C ALA C 49 4.01 15.23 49.38
N GLY C 50 4.83 15.49 48.37
CA GLY C 50 4.40 15.60 46.97
C GLY C 50 4.04 17.03 46.67
N LEU C 51 5.06 17.91 46.61
CA LEU C 51 4.82 19.36 46.55
C LEU C 51 4.60 19.87 45.12
N ALA C 52 3.36 20.27 44.81
CA ALA C 52 3.01 20.82 43.49
C ALA C 52 3.59 22.23 43.32
N ARG C 53 2.79 23.24 43.65
CA ARG C 53 3.25 24.64 43.72
C ARG C 53 4.11 24.87 45.00
N VAL C 54 4.85 25.97 45.01
CA VAL C 54 5.61 26.41 46.19
C VAL C 54 5.49 27.93 46.21
N ASP C 55 4.25 28.39 46.07
CA ASP C 55 3.93 29.83 46.01
C ASP C 55 4.68 30.66 47.07
N ILE C 56 5.02 31.92 46.75
CA ILE C 56 5.79 32.76 47.68
C ILE C 56 5.38 34.25 47.62
N GLU C 57 5.42 34.95 48.77
CA GLU C 57 5.15 36.39 48.85
C GLU C 57 6.23 37.10 49.68
N ARG C 58 6.30 38.42 49.56
CA ARG C 58 7.28 39.22 50.34
C ARG C 58 6.73 40.62 50.65
N ALA C 59 7.32 41.25 51.67
CA ALA C 59 7.12 42.68 51.99
C ALA C 59 8.15 43.17 53.01
N ALA C 60 9.44 42.98 52.69
CA ALA C 60 10.57 43.34 53.56
C ALA C 60 10.67 42.50 54.85
N ASP C 61 11.56 41.51 54.83
CA ASP C 61 11.87 40.58 55.94
C ASP C 61 10.74 39.63 56.42
N ASN C 62 9.58 39.72 55.77
CA ASN C 62 8.55 38.68 55.88
C ASN C 62 8.37 37.97 54.52
N VAL C 63 8.00 36.68 54.60
CA VAL C 63 7.93 35.77 53.46
C VAL C 63 6.83 34.72 53.68
N ALA C 64 5.86 34.64 52.75
CA ALA C 64 4.66 33.81 52.94
C ALA C 64 4.88 32.29 52.75
N VAL C 65 5.59 31.90 51.70
CA VAL C 65 6.05 30.49 51.49
C VAL C 65 4.96 29.37 51.55
N THR C 66 3.75 29.68 51.09
CA THR C 66 2.60 28.74 51.04
C THR C 66 2.83 27.39 50.27
N VAL C 67 3.48 26.40 50.90
CA VAL C 67 3.82 25.11 50.24
C VAL C 67 2.58 24.20 50.01
N HIS C 68 2.16 24.02 48.75
CA HIS C 68 1.00 23.15 48.42
C HIS C 68 1.33 21.66 48.32
N VAL C 69 0.49 20.82 48.92
CA VAL C 69 0.60 19.34 48.86
C VAL C 69 -0.82 18.72 48.83
N ALA C 70 -0.89 17.39 48.80
CA ALA C 70 -2.08 16.66 49.25
C ALA C 70 -1.73 15.55 50.27
N LYS C 71 -0.48 15.53 50.72
CA LYS C 71 -0.01 14.73 51.87
C LYS C 71 0.36 15.70 53.04
N PRO C 72 -0.56 16.66 53.34
CA PRO C 72 -0.15 17.91 54.01
C PRO C 72 0.58 17.65 55.31
N GLY C 73 0.15 16.61 56.01
CA GLY C 73 0.68 16.27 57.31
C GLY C 73 2.07 15.72 57.27
N VAL C 74 2.53 15.21 56.13
CA VAL C 74 3.87 14.61 56.08
C VAL C 74 4.95 15.69 56.23
N VAL C 75 4.55 16.94 56.07
CA VAL C 75 5.41 18.10 56.32
C VAL C 75 5.54 18.42 57.82
N ILE C 76 4.50 18.07 58.59
CA ILE C 76 4.29 18.49 59.99
C ILE C 76 5.06 17.66 61.02
N GLY C 77 4.73 16.37 61.13
CA GLY C 77 5.13 15.52 62.26
C GLY C 77 3.90 14.75 62.72
N ARG C 78 3.51 14.90 63.99
CA ARG C 78 2.18 14.45 64.47
C ARG C 78 1.49 15.51 65.34
N GLY C 79 2.06 16.72 65.31
CA GLY C 79 1.63 17.81 66.18
C GLY C 79 2.39 19.07 65.82
N GLY C 80 3.72 18.93 65.71
CA GLY C 80 4.55 19.98 65.11
C GLY C 80 6.05 19.72 65.17
N GLU C 81 6.46 18.45 65.17
CA GLU C 81 7.85 18.08 65.44
C GLU C 81 8.79 18.31 64.24
N ARG C 82 8.21 18.43 63.04
CA ARG C 82 8.99 18.71 61.81
C ARG C 82 8.77 20.14 61.31
N ILE C 83 7.50 20.54 61.11
CA ILE C 83 7.19 21.91 60.66
C ILE C 83 7.91 23.00 61.49
N ARG C 84 8.28 22.66 62.73
CA ARG C 84 9.17 23.51 63.54
C ARG C 84 10.61 23.43 63.02
N VAL C 85 11.07 22.23 62.69
CA VAL C 85 12.42 22.03 62.14
C VAL C 85 12.59 22.89 60.88
N LEU C 86 11.51 23.04 60.12
CA LEU C 86 11.60 23.66 58.79
C LEU C 86 11.61 25.19 58.84
N ARG C 87 10.65 25.81 59.55
CA ARG C 87 10.73 27.26 59.82
C ARG C 87 12.09 27.61 60.47
N GLU C 88 12.75 26.60 61.02
CA GLU C 88 14.09 26.71 61.57
C GLU C 88 15.16 26.71 60.46
N GLU C 89 15.08 25.75 59.53
CA GLU C 89 16.05 25.67 58.42
C GLU C 89 15.95 26.88 57.49
N LEU C 90 14.72 27.20 57.08
CA LEU C 90 14.43 28.40 56.29
C LEU C 90 15.12 29.65 56.84
N ALA C 91 14.70 30.09 58.02
CA ALA C 91 15.24 31.31 58.62
C ALA C 91 16.73 31.22 59.02
N LYS C 92 17.30 30.02 59.09
CA LYS C 92 18.76 29.90 59.30
C LYS C 92 19.58 30.44 58.12
N LEU C 93 19.16 30.12 56.88
CA LEU C 93 19.82 30.62 55.66
C LEU C 93 19.26 31.98 55.23
N THR C 94 17.95 32.15 55.39
CA THR C 94 17.28 33.41 55.19
C THR C 94 17.38 34.22 56.49
N GLY C 95 18.41 35.04 56.64
CA GLY C 95 18.59 35.84 57.85
C GLY C 95 17.43 36.81 58.09
N LYS C 96 16.22 36.25 58.20
CA LYS C 96 14.95 36.99 58.24
C LYS C 96 13.94 36.07 58.93
N ASN C 97 12.71 36.53 59.12
CA ASN C 97 11.71 35.71 59.81
C ASN C 97 10.56 35.19 58.95
N VAL C 98 10.58 33.86 58.82
CA VAL C 98 9.84 33.13 57.80
C VAL C 98 8.48 32.62 58.30
N ALA C 99 7.39 33.07 57.67
CA ALA C 99 6.09 32.40 57.81
C ALA C 99 6.24 31.06 57.11
N LEU C 100 5.17 30.25 57.05
CA LEU C 100 5.26 28.92 56.41
C LEU C 100 3.95 28.12 56.38
N ASN C 101 2.93 28.61 55.68
CA ASN C 101 1.70 27.84 55.45
C ASN C 101 1.92 26.42 54.86
N VAL C 102 0.87 25.62 54.89
CA VAL C 102 0.80 24.30 54.20
C VAL C 102 -0.62 24.17 53.62
N GLN C 103 -0.74 23.42 52.52
CA GLN C 103 -1.98 23.37 51.72
C GLN C 103 -2.33 21.98 51.20
N GLU C 104 -3.62 21.80 50.94
CA GLU C 104 -4.16 20.55 50.41
C GLU C 104 -4.85 20.85 49.08
N VAL C 105 -4.53 20.05 48.07
CA VAL C 105 -5.29 20.05 46.83
C VAL C 105 -6.31 18.94 46.99
N GLN C 106 -7.60 19.28 46.86
CA GLN C 106 -8.69 18.31 47.10
C GLN C 106 -8.64 17.13 46.11
N ASN C 107 -7.88 17.29 45.03
CA ASN C 107 -7.72 16.26 44.01
C ASN C 107 -6.32 16.33 43.39
N PRO C 108 -5.44 15.35 43.71
CA PRO C 108 -4.05 15.33 43.27
C PRO C 108 -3.81 14.72 41.87
N ASN C 109 -4.78 13.92 41.38
CA ASN C 109 -4.82 13.55 39.95
C ASN C 109 -5.60 14.60 39.17
N LEU C 110 -5.41 15.87 39.56
CA LEU C 110 -5.59 17.03 38.69
C LEU C 110 -4.35 17.90 38.75
N SER C 111 -3.40 17.53 39.58
CA SER C 111 -2.18 18.27 39.69
C SER C 111 -1.22 17.69 38.67
N ALA C 112 -1.17 18.31 37.50
CA ALA C 112 -0.20 17.91 36.49
C ALA C 112 1.21 17.62 37.08
N PRO C 113 1.72 18.54 37.93
CA PRO C 113 3.08 18.38 38.45
C PRO C 113 3.25 17.18 39.33
N LEU C 114 2.15 16.58 39.76
CA LEU C 114 2.18 15.32 40.52
C LEU C 114 2.05 14.15 39.57
N VAL C 115 1.01 14.21 38.73
CA VAL C 115 0.73 13.21 37.69
C VAL C 115 2.02 12.79 37.01
N ALA C 116 2.76 13.79 36.53
CA ALA C 116 4.14 13.62 36.10
C ALA C 116 5.01 12.79 37.05
N GLN C 117 5.23 13.30 38.27
CA GLN C 117 6.15 12.64 39.22
C GLN C 117 5.77 11.18 39.46
N ARG C 118 4.47 10.95 39.56
CA ARG C 118 3.91 9.61 39.78
C ARG C 118 4.41 8.72 38.67
N VAL C 119 4.07 9.08 37.43
CA VAL C 119 4.47 8.33 36.25
C VAL C 119 5.99 8.18 36.20
N ALA C 120 6.69 9.24 36.57
CA ALA C 120 8.15 9.23 36.65
C ALA C 120 8.67 8.15 37.60
N GLU C 121 8.05 8.10 38.78
CA GLU C 121 8.40 7.14 39.84
C GLU C 121 8.39 5.74 39.25
N GLN C 122 7.24 5.41 38.66
CA GLN C 122 6.95 4.10 38.09
C GLN C 122 8.06 3.68 37.15
N ILE C 123 8.47 4.59 36.28
CA ILE C 123 9.47 4.29 35.28
C ILE C 123 10.78 3.78 35.91
N GLU C 124 11.23 4.39 37.00
CA GLU C 124 12.42 3.92 37.71
C GLU C 124 12.25 2.51 38.32
N ARG C 125 11.05 2.23 38.83
CA ARG C 125 10.66 0.88 39.28
C ARG C 125 10.24 0.06 38.04
N ARG C 126 11.21 -0.18 37.17
CA ARG C 126 11.03 -0.81 35.83
C ARG C 126 9.57 -1.12 35.41
N PHE C 127 8.67 -0.14 35.45
CA PHE C 127 7.25 -0.39 35.18
C PHE C 127 6.85 -0.46 33.68
N ALA C 128 5.54 -0.59 33.46
CA ALA C 128 4.94 -0.67 32.12
C ALA C 128 4.75 0.72 31.46
N VAL C 129 5.81 1.13 30.77
CA VAL C 129 5.96 2.50 30.24
C VAL C 129 4.72 3.01 29.49
N ARG C 130 4.01 2.10 28.84
CA ARG C 130 2.90 2.47 27.95
C ARG C 130 1.53 2.36 28.64
N ARG C 131 1.35 1.38 29.51
CA ARG C 131 0.09 1.28 30.28
C ARG C 131 0.10 2.27 31.44
N ALA C 132 1.28 2.70 31.87
CA ALA C 132 1.39 3.81 32.83
C ALA C 132 0.67 5.02 32.25
N ILE C 133 1.13 5.45 31.07
CA ILE C 133 0.53 6.56 30.30
C ILE C 133 -0.96 6.31 30.13
N LYS C 134 -1.32 5.10 29.74
CA LYS C 134 -2.72 4.73 29.57
C LYS C 134 -3.52 4.93 30.87
N GLN C 135 -2.93 4.51 31.99
CA GLN C 135 -3.56 4.62 33.31
C GLN C 135 -3.64 6.07 33.79
N ALA C 136 -2.48 6.69 33.96
CA ALA C 136 -2.41 8.08 34.39
C ALA C 136 -3.39 8.97 33.63
N VAL C 137 -3.48 8.82 32.32
CA VAL C 137 -4.47 9.63 31.61
C VAL C 137 -5.86 9.31 32.17
N GLN C 138 -6.17 8.02 32.30
CA GLN C 138 -7.53 7.64 32.72
C GLN C 138 -7.85 8.13 34.14
N ARG C 139 -6.87 8.04 35.05
CA ARG C 139 -6.94 8.68 36.37
C ARG C 139 -7.40 10.15 36.26
N VAL C 140 -6.58 10.97 35.62
CA VAL C 140 -6.87 12.40 35.46
C VAL C 140 -8.20 12.63 34.75
N MET C 141 -8.47 11.83 33.72
CA MET C 141 -9.74 11.94 33.01
C MET C 141 -10.93 11.53 33.88
N GLU C 142 -10.64 10.72 34.92
CA GLU C 142 -11.64 10.22 35.87
C GLU C 142 -12.10 11.33 36.81
N SER C 143 -11.16 12.10 37.35
CA SER C 143 -11.47 13.20 38.26
C SER C 143 -12.14 14.39 37.52
N GLY C 144 -13.07 14.08 36.61
CA GLY C 144 -13.89 15.07 35.91
C GLY C 144 -13.21 16.14 35.08
N ALA C 145 -12.00 15.86 34.59
CA ALA C 145 -11.27 16.82 33.75
C ALA C 145 -11.87 16.93 32.33
N LYS C 146 -11.72 18.10 31.73
CA LYS C 146 -12.15 18.34 30.36
C LYS C 146 -11.20 17.70 29.31
N GLY C 147 -9.91 17.58 29.62
CA GLY C 147 -8.96 16.90 28.72
C GLY C 147 -7.61 16.56 29.32
N ALA C 148 -7.06 15.42 28.92
CA ALA C 148 -5.77 15.03 29.47
C ALA C 148 -4.82 14.46 28.39
N LYS C 149 -3.51 14.51 28.67
CA LYS C 149 -2.48 14.05 27.74
C LYS C 149 -1.15 13.83 28.48
N VAL C 150 -0.49 12.72 28.24
CA VAL C 150 0.80 12.47 28.89
C VAL C 150 1.83 12.06 27.86
N ILE C 151 3.08 12.47 28.06
CA ILE C 151 4.16 12.20 27.13
C ILE C 151 5.41 11.67 27.83
N VAL C 152 5.93 10.55 27.35
CA VAL C 152 7.28 10.17 27.72
C VAL C 152 8.18 10.33 26.48
N SER C 153 9.38 10.88 26.70
CA SER C 153 10.45 10.86 25.71
C SER C 153 10.95 9.43 25.56
N GLY C 154 12.24 9.18 25.83
CA GLY C 154 12.91 8.06 25.16
C GLY C 154 14.03 7.26 25.82
N ARG C 155 14.18 6.04 25.30
CA ARG C 155 14.84 4.87 25.89
C ARG C 155 13.80 4.12 26.69
N ILE C 156 12.55 4.48 26.44
CA ILE C 156 11.43 3.63 26.74
C ILE C 156 11.81 2.14 26.82
N GLY C 157 11.68 1.60 28.04
CA GLY C 157 12.01 0.21 28.33
C GLY C 157 13.49 -0.08 28.13
N GLY C 158 14.34 0.90 28.38
CA GLY C 158 15.79 0.69 28.21
C GLY C 158 16.23 0.58 26.76
N ALA C 159 15.29 0.72 25.83
CA ALA C 159 15.56 0.70 24.39
C ALA C 159 16.80 1.52 23.99
N GLU C 160 17.58 1.01 23.03
CA GLU C 160 18.77 1.73 22.54
C GLU C 160 18.40 2.87 21.58
N GLN C 161 17.26 2.74 20.90
CA GLN C 161 16.74 3.81 20.05
C GLN C 161 15.64 4.55 20.79
N ALA C 162 15.97 5.77 21.22
CA ALA C 162 15.07 6.70 21.89
C ALA C 162 13.76 7.01 21.16
N ARG C 163 12.64 6.81 21.83
CA ARG C 163 11.32 6.81 21.16
C ARG C 163 10.44 7.87 21.80
N THR C 164 9.13 7.81 21.62
CA THR C 164 8.26 8.83 22.19
C THR C 164 6.81 8.38 22.21
N GLU C 165 6.38 7.89 23.37
CA GLU C 165 5.00 7.50 23.55
C GLU C 165 4.24 8.67 24.15
N TRP C 166 3.03 8.83 23.66
CA TRP C 166 2.16 9.93 24.01
C TRP C 166 0.78 9.27 24.11
N ALA C 167 -0.15 9.88 24.84
CA ALA C 167 -1.56 9.46 24.83
C ALA C 167 -2.42 10.59 25.34
N ALA C 168 -3.64 10.69 24.81
CA ALA C 168 -4.51 11.79 25.19
C ALA C 168 -5.96 11.36 25.30
N GLN C 169 -6.81 12.30 25.66
CA GLN C 169 -8.26 12.10 25.71
C GLN C 169 -8.94 13.46 25.85
N GLY C 170 -10.17 13.55 25.32
CA GLY C 170 -10.94 14.80 25.31
C GLY C 170 -10.13 15.97 24.74
N ARG C 171 -10.53 17.20 25.04
CA ARG C 171 -9.82 18.35 24.48
C ARG C 171 -8.50 18.62 25.20
N VAL C 172 -7.54 19.19 24.47
CA VAL C 172 -6.31 19.78 25.07
C VAL C 172 -5.90 20.95 24.18
N PRO C 173 -6.78 21.95 24.03
CA PRO C 173 -6.60 23.01 23.03
C PRO C 173 -5.40 23.90 23.33
N LEU C 174 -4.22 23.38 23.00
CA LEU C 174 -2.96 23.97 23.39
C LEU C 174 -2.73 25.31 22.72
N HIS C 175 -3.67 25.71 21.86
CA HIS C 175 -3.64 26.99 21.15
C HIS C 175 -4.65 27.99 21.65
N THR C 176 -5.49 27.59 22.60
CA THR C 176 -6.42 28.55 23.18
C THR C 176 -5.82 29.21 24.42
N LEU C 177 -6.00 30.51 24.53
CA LEU C 177 -5.39 31.27 25.63
C LEU C 177 -6.19 31.14 26.92
N ARG C 178 -7.52 31.22 26.81
CA ARG C 178 -8.48 30.90 27.90
C ARG C 178 -8.64 29.40 28.15
N ALA C 179 -7.52 28.72 28.33
CA ALA C 179 -7.53 27.29 28.32
C ALA C 179 -7.48 26.81 29.73
N ASN C 180 -6.50 27.25 30.49
CA ASN C 180 -6.40 26.82 31.87
C ASN C 180 -5.99 25.37 31.77
N ILE C 181 -4.73 25.20 31.43
CA ILE C 181 -4.17 23.86 31.30
C ILE C 181 -2.97 23.86 32.20
N ASP C 182 -2.98 22.93 33.13
CA ASP C 182 -1.86 22.77 34.03
C ASP C 182 -0.81 21.95 33.28
N TYR C 183 0.44 22.23 33.59
CA TYR C 183 1.57 21.61 32.92
C TYR C 183 2.56 21.07 33.93
N GLY C 184 2.82 19.77 33.86
CA GLY C 184 3.72 19.14 34.80
C GLY C 184 4.84 18.43 34.12
N PHE C 185 6.06 18.66 34.58
CA PHE C 185 7.21 18.01 33.99
C PHE C 185 8.01 17.29 35.06
N ALA C 186 8.24 16.00 34.85
CA ALA C 186 8.95 15.18 35.80
C ALA C 186 10.17 14.53 35.17
N LEU C 187 11.20 14.27 35.96
CA LEU C 187 12.38 13.57 35.47
C LEU C 187 12.21 12.04 35.55
N ALA C 188 13.32 11.30 35.68
CA ALA C 188 13.28 9.84 35.69
C ALA C 188 14.69 9.32 35.50
N ARG C 189 15.47 9.31 36.57
CA ARG C 189 16.89 8.93 36.47
C ARG C 189 17.09 7.41 36.58
N THR C 190 16.80 6.70 35.48
CA THR C 190 16.95 5.24 35.45
C THR C 190 18.43 4.90 35.29
N THR C 191 18.76 3.61 35.32
CA THR C 191 20.15 3.14 35.24
C THR C 191 20.83 3.35 33.90
N TYR C 192 20.02 3.44 32.85
CA TYR C 192 20.52 3.47 31.49
C TYR C 192 20.42 4.84 30.89
N GLY C 193 19.86 5.79 31.64
CA GLY C 193 19.63 7.14 31.12
C GLY C 193 18.30 7.76 31.51
N VAL C 194 18.21 9.06 31.26
CA VAL C 194 17.10 9.86 31.74
C VAL C 194 15.95 9.90 30.75
N LEU C 195 14.76 9.57 31.22
CA LEU C 195 13.53 9.80 30.47
C LEU C 195 12.97 11.18 30.89
N GLY C 196 11.84 11.60 30.34
CA GLY C 196 11.33 12.94 30.63
C GLY C 196 9.85 12.83 30.45
N VAL C 197 9.08 13.45 31.34
CA VAL C 197 7.65 13.20 31.33
C VAL C 197 6.85 14.48 31.44
N LYS C 198 5.84 14.59 30.59
CA LYS C 198 5.11 15.81 30.50
C LYS C 198 3.65 15.50 30.78
N ALA C 199 2.94 16.45 31.38
CA ALA C 199 1.55 16.26 31.74
C ALA C 199 0.74 17.51 31.45
N TYR C 200 -0.48 17.32 30.96
CA TYR C 200 -1.30 18.39 30.43
C TYR C 200 -2.71 18.07 30.88
N ILE C 201 -3.37 19.03 31.54
CA ILE C 201 -4.76 18.81 32.00
C ILE C 201 -5.62 20.03 31.67
N PHE C 202 -6.65 19.79 30.85
CA PHE C 202 -7.58 20.84 30.41
C PHE C 202 -8.78 20.92 31.35
N LEU C 203 -9.23 22.15 31.59
CA LEU C 203 -10.40 22.48 32.43
C LEU C 203 -11.14 23.71 31.90
N GLY C 204 -10.40 24.80 31.66
CA GLY C 204 -10.93 26.18 31.71
C GLY C 204 -11.89 26.74 30.68
N GLU C 205 -12.04 28.06 30.76
CA GLU C 205 -12.87 28.86 29.84
C GLU C 205 -13.14 30.32 30.33
N VAL C 206 -14.28 30.89 29.91
CA VAL C 206 -14.51 32.35 29.76
C VAL C 206 -14.19 33.18 31.03
N GLY D 1 19.90 -43.93 35.46
CA GLY D 1 18.79 -44.27 36.38
C GLY D 1 18.10 -43.05 36.99
N ARG D 2 16.75 -43.06 36.97
CA ARG D 2 15.84 -42.04 37.56
C ARG D 2 16.47 -40.71 38.01
N TYR D 3 15.66 -39.74 38.45
CA TYR D 3 16.12 -38.33 38.54
C TYR D 3 17.44 -38.03 39.33
N ILE D 4 17.38 -38.01 40.68
CA ILE D 4 18.57 -37.74 41.55
C ILE D 4 19.17 -36.33 41.50
N GLY D 5 18.77 -35.49 42.47
CA GLY D 5 19.23 -34.10 42.61
C GLY D 5 18.14 -33.29 43.31
N PRO D 6 18.39 -32.00 43.61
CA PRO D 6 17.38 -31.10 44.22
C PRO D 6 15.92 -31.30 43.73
N VAL D 7 14.95 -31.36 44.65
CA VAL D 7 13.60 -31.86 44.34
C VAL D 7 12.47 -30.94 44.80
N CYS D 8 12.14 -30.86 46.09
CA CYS D 8 11.16 -29.85 46.53
C CYS D 8 12.06 -28.64 46.08
N ARG D 9 11.75 -28.18 44.85
CA ARG D 9 12.59 -27.48 43.82
C ARG D 9 11.85 -27.62 42.45
N LEU D 10 10.88 -28.52 42.45
CA LEU D 10 9.75 -28.57 41.52
C LEU D 10 8.47 -28.89 42.37
N CYS D 11 8.61 -29.18 43.69
CA CYS D 11 7.62 -28.71 44.73
C CYS D 11 7.62 -27.15 44.46
N ARG D 12 8.39 -26.67 43.46
CA ARG D 12 8.40 -25.28 42.90
C ARG D 12 8.01 -25.17 41.41
N ARG D 13 8.98 -24.79 40.56
CA ARG D 13 8.92 -24.69 39.05
C ARG D 13 7.66 -25.10 38.25
N GLU D 14 7.06 -26.24 38.59
CA GLU D 14 5.82 -26.63 37.95
C GLU D 14 4.65 -25.83 38.50
N GLY D 15 4.91 -24.95 39.47
CA GLY D 15 3.92 -24.02 40.01
C GLY D 15 3.06 -24.53 41.15
N VAL D 16 2.97 -25.85 41.28
CA VAL D 16 2.16 -26.49 42.30
C VAL D 16 3.07 -27.38 43.13
N LYS D 17 2.80 -27.47 44.43
CA LYS D 17 3.52 -28.39 45.29
C LYS D 17 3.30 -29.80 44.79
N LEU D 18 4.38 -30.42 44.35
CA LEU D 18 4.38 -31.85 44.11
C LEU D 18 4.77 -32.49 45.42
N TYR D 19 4.17 -33.63 45.72
CA TYR D 19 4.53 -34.37 46.90
C TYR D 19 5.70 -35.26 46.52
N LEU D 20 6.90 -34.83 46.92
CA LEU D 20 8.14 -35.48 46.50
C LEU D 20 9.04 -35.77 47.67
N LYS D 21 8.97 -34.90 48.67
CA LYS D 21 9.78 -35.03 49.86
C LYS D 21 8.99 -35.60 51.04
N GLY D 22 7.69 -35.83 50.86
CA GLY D 22 6.98 -36.72 51.78
C GLY D 22 6.46 -36.13 53.09
N GLU D 23 7.26 -36.17 54.18
CA GLU D 23 6.82 -35.60 55.48
C GLU D 23 7.13 -34.10 55.65
N ARG D 24 8.28 -33.65 55.16
CA ARG D 24 8.59 -32.21 55.17
C ARG D 24 7.72 -31.41 54.17
N CYS D 25 7.71 -31.78 52.87
CA CYS D 25 6.85 -31.13 51.84
C CYS D 25 5.36 -31.18 52.30
N TYR D 26 5.13 -31.15 53.62
CA TYR D 26 3.80 -31.16 54.29
C TYR D 26 3.70 -30.16 55.43
N SER D 27 4.81 -29.49 55.75
CA SER D 27 4.97 -28.88 57.06
C SER D 27 5.87 -27.65 57.00
N PRO D 28 5.25 -26.46 57.10
CA PRO D 28 5.79 -25.17 56.70
C PRO D 28 7.00 -25.23 55.79
N LYS D 29 6.73 -25.78 54.58
CA LYS D 29 7.56 -25.78 53.34
C LYS D 29 7.45 -27.10 52.52
N CYS D 30 6.79 -27.11 51.37
CA CYS D 30 7.37 -27.89 50.25
C CYS D 30 7.88 -26.65 49.61
N ALA D 31 8.85 -26.05 50.31
CA ALA D 31 9.31 -24.71 50.06
C ALA D 31 8.25 -23.88 49.35
N MET D 32 7.15 -24.51 48.95
CA MET D 32 6.14 -23.85 48.14
C MET D 32 5.45 -22.84 49.04
N GLU D 33 5.53 -23.09 50.35
CA GLU D 33 5.01 -22.22 51.40
C GLU D 33 5.89 -20.97 51.52
N ARG D 34 7.21 -21.22 51.54
CA ARG D 34 8.21 -20.15 51.67
C ARG D 34 8.54 -19.45 50.36
N ARG D 35 8.37 -20.14 49.23
CA ARG D 35 8.71 -19.57 47.93
C ARG D 35 7.88 -20.19 46.81
N PRO D 36 6.69 -19.61 46.53
CA PRO D 36 5.79 -20.18 45.52
C PRO D 36 6.15 -19.77 44.06
N TYR D 37 7.41 -19.94 43.67
CA TYR D 37 7.87 -19.54 42.35
C TYR D 37 9.04 -20.38 41.76
N PRO D 38 9.18 -20.38 40.41
CA PRO D 38 10.31 -20.91 39.66
C PRO D 38 11.71 -20.57 40.22
N PRO D 39 12.64 -21.52 40.14
CA PRO D 39 14.02 -21.43 40.62
C PRO D 39 14.95 -20.57 39.77
N GLY D 40 16.07 -20.11 40.36
CA GLY D 40 17.15 -19.44 39.61
C GLY D 40 17.05 -17.92 39.56
N GLN D 41 18.11 -17.29 39.02
CA GLN D 41 18.21 -15.82 38.95
C GLN D 41 16.93 -15.08 38.51
N HIS D 42 16.05 -15.74 37.75
CA HIS D 42 14.91 -15.06 37.10
C HIS D 42 13.57 -15.52 37.68
N GLY D 43 13.60 -16.20 38.82
CA GLY D 43 12.42 -16.91 39.34
C GLY D 43 11.18 -16.08 39.60
N GLN D 44 11.40 -14.92 40.22
CA GLN D 44 10.30 -14.07 40.63
C GLN D 44 10.17 -12.90 39.67
N LYS D 45 10.61 -13.11 38.43
CA LYS D 45 10.55 -12.06 37.46
C LYS D 45 9.23 -12.12 36.71
N ARG D 46 8.83 -10.96 36.17
CA ARG D 46 7.58 -10.79 35.42
C ARG D 46 7.32 -11.98 34.46
N ALA D 47 6.22 -12.70 34.69
CA ALA D 47 5.88 -13.89 33.91
C ALA D 47 5.61 -13.58 32.43
N ARG D 48 5.80 -14.56 31.56
CA ARG D 48 5.57 -14.36 30.12
C ARG D 48 4.46 -15.23 29.52
N ARG D 49 3.50 -14.60 28.84
CA ARG D 49 2.38 -15.32 28.21
C ARG D 49 3.03 -16.48 27.46
N PRO D 50 2.73 -17.73 27.84
CA PRO D 50 3.47 -18.83 27.25
C PRO D 50 2.72 -19.59 26.15
N SER D 51 3.48 -20.30 25.33
CA SER D 51 2.94 -20.90 24.13
C SER D 51 2.09 -22.11 24.44
N ASP D 52 1.06 -22.26 23.63
CA ASP D 52 0.28 -23.49 23.61
C ASP D 52 1.18 -24.73 23.56
N TYR D 53 2.46 -24.58 23.18
CA TYR D 53 3.43 -25.66 23.38
C TYR D 53 3.92 -25.67 24.84
N ALA D 54 4.42 -24.51 25.29
CA ALA D 54 4.97 -24.38 26.63
C ALA D 54 3.97 -24.84 27.64
N VAL D 55 2.71 -24.57 27.36
CA VAL D 55 1.68 -25.05 28.24
C VAL D 55 1.65 -26.57 28.26
N ARG D 56 1.39 -27.16 27.10
CA ARG D 56 1.29 -28.62 26.96
C ARG D 56 2.52 -29.36 27.54
N LEU D 57 3.69 -28.79 27.31
CA LEU D 57 4.91 -29.36 27.84
C LEU D 57 4.77 -29.48 29.36
N ARG D 58 5.08 -28.41 30.09
CA ARG D 58 4.83 -28.27 31.51
C ARG D 58 3.86 -29.31 32.09
N GLU D 59 2.63 -29.37 31.58
CA GLU D 59 1.64 -30.32 32.08
C GLU D 59 2.13 -31.78 32.12
N LYS D 60 2.80 -32.24 31.07
CA LYS D 60 3.28 -33.63 31.00
C LYS D 60 4.52 -33.81 31.88
N GLN D 61 5.36 -32.78 31.97
CA GLN D 61 6.45 -32.74 32.93
C GLN D 61 5.89 -32.98 34.32
N LYS D 62 4.94 -32.12 34.69
CA LYS D 62 4.24 -32.20 35.94
C LYS D 62 3.89 -33.66 36.24
N LEU D 63 2.99 -34.25 35.44
CA LEU D 63 2.58 -35.63 35.66
C LEU D 63 3.75 -36.58 35.76
N ARG D 64 4.68 -36.49 34.82
CA ARG D 64 5.82 -37.39 34.85
C ARG D 64 6.66 -37.21 36.11
N ARG D 65 6.77 -35.97 36.57
CA ARG D 65 7.63 -35.66 37.71
C ARG D 65 7.01 -36.10 39.02
N ILE D 66 5.70 -36.17 39.06
CA ILE D 66 5.03 -36.64 40.27
C ILE D 66 5.52 -38.04 40.59
N TYR D 67 5.34 -38.96 39.63
CA TYR D 67 5.56 -40.40 39.87
C TYR D 67 7.04 -40.77 39.77
N GLY D 68 7.87 -39.79 39.41
CA GLY D 68 9.33 -39.95 39.37
C GLY D 68 9.90 -40.75 38.21
N ILE D 69 9.03 -41.19 37.30
CA ILE D 69 9.41 -42.07 36.19
C ILE D 69 10.08 -41.30 35.02
N SER D 70 10.91 -41.96 34.21
CA SER D 70 11.61 -41.28 33.10
C SER D 70 10.77 -41.13 31.82
N GLU D 71 11.21 -40.20 30.98
CA GLU D 71 10.53 -39.90 29.74
C GLU D 71 10.48 -41.08 28.83
N ARG D 72 11.57 -41.82 28.76
CA ARG D 72 11.60 -43.06 27.95
C ARG D 72 10.46 -44.01 28.38
N GLN D 73 10.32 -44.19 29.68
CA GLN D 73 9.43 -45.20 30.27
C GLN D 73 7.96 -44.75 30.22
N PHE D 74 7.79 -43.49 30.60
CA PHE D 74 6.56 -42.73 30.52
C PHE D 74 5.96 -42.81 29.12
N ARG D 75 6.68 -42.26 28.15
CA ARG D 75 6.28 -42.21 26.73
C ARG D 75 5.81 -43.56 26.20
N ASN D 76 6.43 -44.65 26.65
CA ASN D 76 6.02 -45.99 26.21
C ASN D 76 4.67 -46.38 26.76
N LEU D 77 4.56 -46.25 28.07
CA LEU D 77 3.31 -46.47 28.78
C LEU D 77 2.13 -45.81 28.09
N PHE D 78 2.31 -44.52 27.77
CA PHE D 78 1.34 -43.75 27.02
C PHE D 78 1.09 -44.42 25.69
N GLU D 79 2.16 -44.77 24.98
CA GLU D 79 1.96 -45.32 23.64
C GLU D 79 1.05 -46.50 23.83
N GLU D 80 1.44 -47.41 24.71
CA GLU D 80 0.65 -48.59 25.05
C GLU D 80 -0.84 -48.34 25.31
N ALA D 81 -1.17 -47.21 25.93
CA ALA D 81 -2.55 -46.82 26.27
C ALA D 81 -3.40 -46.30 25.09
N SER D 82 -2.75 -45.74 24.06
CA SER D 82 -3.46 -45.27 22.85
C SER D 82 -3.96 -46.45 22.07
N LYS D 83 -3.08 -47.47 21.94
CA LYS D 83 -3.42 -48.67 21.19
C LYS D 83 -4.40 -49.54 21.97
N LYS D 84 -4.47 -49.27 23.29
CA LYS D 84 -5.42 -49.96 24.18
C LYS D 84 -6.87 -49.44 24.08
N LYS D 85 -7.80 -50.39 24.19
CA LYS D 85 -9.23 -50.12 24.22
C LYS D 85 -9.58 -49.13 25.35
N GLY D 86 -10.38 -48.12 25.05
CA GLY D 86 -10.88 -47.18 26.08
C GLY D 86 -10.25 -45.81 26.07
N VAL D 87 -10.93 -44.87 26.73
CA VAL D 87 -10.48 -43.48 26.78
C VAL D 87 -9.08 -43.45 27.31
N THR D 88 -8.21 -42.73 26.61
CA THR D 88 -6.80 -43.04 26.67
C THR D 88 -6.11 -42.41 27.90
N GLY D 89 -6.37 -41.14 28.17
CA GLY D 89 -5.78 -40.45 29.32
C GLY D 89 -5.95 -41.17 30.65
N SER D 90 -7.18 -41.60 30.94
CA SER D 90 -7.47 -42.30 32.19
C SER D 90 -6.61 -43.54 32.25
N VAL D 91 -6.87 -44.46 31.33
CA VAL D 91 -6.06 -45.67 31.19
C VAL D 91 -4.60 -45.47 31.61
N PHE D 92 -3.93 -44.50 30.97
CA PHE D 92 -2.54 -44.13 31.29
C PHE D 92 -2.39 -43.84 32.82
N LEU D 93 -3.24 -42.99 33.37
CA LEU D 93 -3.21 -42.74 34.82
C LEU D 93 -3.36 -44.08 35.52
N GLY D 94 -4.24 -44.93 35.00
CA GLY D 94 -4.41 -46.31 35.50
C GLY D 94 -3.11 -47.10 35.58
N LEU D 95 -2.46 -47.25 34.44
CA LEU D 95 -1.21 -47.99 34.35
C LEU D 95 -0.11 -47.37 35.20
N LEU D 96 -0.06 -46.04 35.16
CA LEU D 96 0.85 -45.26 36.01
C LEU D 96 0.66 -45.57 37.51
N GLU D 97 -0.61 -45.72 37.89
CA GLU D 97 -1.01 -45.97 39.27
C GLU D 97 -0.79 -47.41 39.71
N SER D 98 -0.63 -48.32 38.75
CA SER D 98 -0.46 -49.74 39.01
C SER D 98 1.00 -50.14 39.18
N ARG D 99 1.90 -49.17 39.29
CA ARG D 99 3.30 -49.48 39.50
C ARG D 99 3.57 -49.71 40.98
N LEU D 100 4.11 -50.90 41.27
CA LEU D 100 4.57 -51.25 42.61
C LEU D 100 5.14 -50.03 43.31
N ASP D 101 6.28 -49.49 42.84
CA ASP D 101 6.95 -48.41 43.59
C ASP D 101 6.03 -47.30 44.08
N ASN D 102 4.79 -47.29 43.59
CA ASN D 102 3.80 -46.28 43.93
C ASN D 102 2.66 -46.86 44.77
N VAL D 103 2.19 -48.07 44.46
CA VAL D 103 1.22 -48.78 45.35
C VAL D 103 1.74 -48.92 46.80
N VAL D 104 2.99 -49.37 46.92
CA VAL D 104 3.73 -49.35 48.18
C VAL D 104 3.65 -48.01 48.90
N TYR D 105 3.78 -46.92 48.15
CA TYR D 105 3.70 -45.61 48.74
C TYR D 105 2.25 -45.20 49.00
N ARG D 106 1.32 -45.57 48.13
CA ARG D 106 -0.12 -45.37 48.38
C ARG D 106 -0.63 -46.07 49.68
N LEU D 107 -0.05 -47.21 50.01
CA LEU D 107 -0.34 -47.92 51.26
C LEU D 107 0.42 -47.36 52.47
N GLY D 108 1.15 -46.27 52.30
CA GLY D 108 1.96 -45.69 53.38
C GLY D 108 3.08 -46.52 54.00
N PHE D 109 3.54 -47.59 53.34
CA PHE D 109 4.72 -48.33 53.85
C PHE D 109 5.95 -47.42 53.74
N ALA D 110 5.90 -46.46 52.83
CA ALA D 110 6.85 -45.39 52.83
C ALA D 110 6.13 -44.06 52.68
N VAL D 111 6.86 -43.00 52.99
CA VAL D 111 6.31 -41.66 53.07
C VAL D 111 6.53 -40.90 51.74
N SER D 112 7.37 -41.46 50.86
CA SER D 112 7.78 -40.83 49.61
C SER D 112 7.86 -41.87 48.49
N ARG D 113 7.60 -41.46 47.26
CA ARG D 113 7.76 -42.38 46.13
C ARG D 113 9.25 -42.72 46.00
N ARG D 114 10.08 -41.70 46.17
CA ARG D 114 11.54 -41.85 46.19
C ARG D 114 11.94 -42.86 47.26
N GLN D 115 11.54 -42.64 48.51
CA GLN D 115 11.73 -43.64 49.56
C GLN D 115 11.05 -44.98 49.24
N ALA D 116 9.81 -44.95 48.74
CA ALA D 116 9.10 -46.20 48.43
C ALA D 116 9.77 -47.00 47.35
N ARG D 117 10.54 -46.35 46.47
CA ARG D 117 11.30 -47.07 45.46
C ARG D 117 12.39 -47.92 46.10
N GLN D 118 13.21 -47.29 46.94
CA GLN D 118 14.32 -47.93 47.68
C GLN D 118 13.88 -49.18 48.46
N LEU D 119 12.68 -49.16 49.02
CA LEU D 119 12.16 -50.36 49.68
C LEU D 119 11.96 -51.51 48.71
N VAL D 120 11.74 -51.18 47.43
CA VAL D 120 11.42 -52.21 46.42
C VAL D 120 12.69 -52.82 45.85
N ARG D 121 13.61 -51.97 45.45
CA ARG D 121 14.95 -52.39 45.11
C ARG D 121 15.58 -53.19 46.24
N HIS D 122 15.59 -52.61 47.45
CA HIS D 122 16.36 -53.22 48.55
C HIS D 122 15.75 -54.49 49.19
N GLY D 123 14.61 -54.96 48.67
CA GLY D 123 14.09 -56.28 48.99
C GLY D 123 12.87 -56.28 49.88
N HIS D 124 12.82 -55.30 50.77
CA HIS D 124 11.88 -55.28 51.90
C HIS D 124 10.38 -55.47 51.57
N ILE D 125 10.01 -55.65 50.29
CA ILE D 125 8.60 -55.71 49.89
C ILE D 125 8.31 -56.95 49.05
N THR D 126 7.09 -57.48 49.23
CA THR D 126 6.62 -58.71 48.55
C THR D 126 5.31 -58.54 47.82
N VAL D 127 5.07 -59.46 46.89
CA VAL D 127 3.84 -59.53 46.10
C VAL D 127 3.35 -60.97 46.22
N ASN D 128 2.28 -61.16 47.00
CA ASN D 128 1.74 -62.51 47.31
C ASN D 128 2.75 -63.53 47.84
N GLY D 129 3.53 -63.12 48.83
CA GLY D 129 4.55 -63.99 49.41
C GLY D 129 5.86 -63.68 48.71
N ARG D 130 5.94 -64.03 47.44
CA ARG D 130 7.20 -63.93 46.70
C ARG D 130 7.77 -62.48 46.78
N ARG D 131 9.10 -62.37 46.90
CA ARG D 131 9.78 -61.07 46.96
C ARG D 131 9.96 -60.48 45.56
N VAL D 132 9.76 -59.17 45.46
CA VAL D 132 9.74 -58.45 44.19
C VAL D 132 10.58 -57.15 44.32
N ASP D 133 11.61 -57.00 43.49
CA ASP D 133 12.51 -55.85 43.58
C ASP D 133 12.59 -54.94 42.33
N LEU D 134 11.53 -54.98 41.51
CA LEU D 134 11.37 -54.04 40.37
C LEU D 134 10.31 -52.97 40.65
N PRO D 135 10.72 -51.72 40.82
CA PRO D 135 9.79 -50.62 41.09
C PRO D 135 8.76 -50.45 40.01
N SER D 136 9.06 -50.98 38.83
CA SER D 136 8.21 -50.84 37.61
C SER D 136 7.12 -51.91 37.47
N TYR D 137 7.13 -52.88 38.38
CA TYR D 137 6.22 -54.02 38.36
C TYR D 137 4.70 -53.63 38.32
N ARG D 138 3.99 -54.26 37.41
CA ARG D 138 2.57 -53.97 37.22
C ARG D 138 1.74 -54.77 38.18
N VAL D 139 1.37 -54.12 39.26
CA VAL D 139 0.43 -54.69 40.21
C VAL D 139 -0.90 -54.80 39.49
N ARG D 140 -1.46 -56.00 39.45
CA ARG D 140 -2.80 -56.14 38.88
C ARG D 140 -3.83 -56.24 40.02
N PRO D 141 -5.11 -56.47 39.70
CA PRO D 141 -6.04 -56.43 40.81
C PRO D 141 -6.29 -57.79 41.41
N GLY D 142 -6.19 -57.85 42.74
CA GLY D 142 -6.26 -59.08 43.50
C GLY D 142 -4.93 -59.39 44.16
N ASP D 143 -3.88 -58.65 43.83
CA ASP D 143 -2.56 -58.86 44.42
C ASP D 143 -2.50 -58.45 45.89
N GLU D 144 -1.53 -58.98 46.63
CA GLU D 144 -1.31 -58.60 48.02
C GLU D 144 0.11 -58.11 48.25
N ILE D 145 0.22 -56.81 48.55
CA ILE D 145 1.53 -56.16 48.63
C ILE D 145 1.93 -55.97 50.09
N ALA D 146 2.81 -56.88 50.52
CA ALA D 146 3.11 -57.12 51.92
C ALA D 146 4.43 -56.51 52.22
N VAL D 147 4.75 -56.42 53.52
CA VAL D 147 6.11 -56.14 53.95
C VAL D 147 6.88 -57.47 54.10
N ALA D 148 8.21 -57.37 54.08
CA ALA D 148 9.05 -58.53 54.28
C ALA D 148 9.06 -58.88 55.74
N GLU D 149 8.71 -60.12 56.03
CA GLU D 149 8.75 -60.62 57.39
C GLU D 149 10.09 -60.29 58.05
N LYS D 150 11.17 -60.51 57.30
CA LYS D 150 12.54 -60.21 57.77
C LYS D 150 12.82 -58.72 57.90
N SER D 151 11.86 -57.87 57.53
CA SER D 151 12.09 -56.44 57.48
C SER D 151 11.15 -55.65 58.40
N ARG D 152 10.21 -56.38 59.00
CA ARG D 152 9.22 -55.81 59.89
C ARG D 152 9.88 -55.09 61.06
N ASN D 153 10.94 -55.71 61.58
CA ASN D 153 11.72 -55.18 62.70
C ASN D 153 12.22 -53.75 62.50
N LEU D 154 12.59 -53.43 61.27
CA LEU D 154 13.28 -52.17 60.96
C LEU D 154 12.59 -50.93 61.53
N GLU D 155 13.39 -50.03 62.08
CA GLU D 155 12.86 -48.82 62.69
C GLU D 155 11.92 -48.11 61.72
N LEU D 156 12.30 -48.03 60.45
CA LEU D 156 11.56 -47.24 59.46
C LEU D 156 10.20 -47.86 59.04
N ILE D 157 10.17 -49.16 58.85
CA ILE D 157 8.92 -49.88 58.62
C ILE D 157 7.94 -49.65 59.78
N ARG D 158 8.45 -49.66 61.02
CA ARG D 158 7.60 -49.58 62.20
C ARG D 158 7.05 -48.16 62.35
N GLN D 159 7.95 -47.19 62.39
CA GLN D 159 7.58 -45.79 62.49
C GLN D 159 6.50 -45.42 61.47
N ASN D 160 6.60 -45.97 60.25
CA ASN D 160 5.69 -45.62 59.13
C ASN D 160 4.36 -46.38 59.15
N LEU D 161 4.42 -47.71 59.28
CA LEU D 161 3.24 -48.53 59.60
C LEU D 161 2.47 -48.01 60.82
N GLU D 162 3.17 -47.36 61.75
CA GLU D 162 2.54 -46.82 62.95
C GLU D 162 1.65 -45.62 62.62
N ALA D 163 2.18 -44.61 61.92
CA ALA D 163 1.39 -43.42 61.56
C ALA D 163 0.16 -43.75 60.68
N MET D 164 0.08 -44.98 60.20
CA MET D 164 -1.05 -45.45 59.42
C MET D 164 -2.11 -46.11 60.30
N LYS D 165 -1.85 -46.19 61.60
CA LYS D 165 -2.78 -46.79 62.56
C LYS D 165 -4.16 -46.14 62.45
N GLY D 166 -4.18 -44.81 62.47
CA GLY D 166 -5.42 -44.05 62.26
C GLY D 166 -5.85 -43.91 60.80
N ARG D 167 -4.93 -43.35 60.00
CA ARG D 167 -5.13 -42.99 58.57
C ARG D 167 -6.03 -43.88 57.65
N LYS D 168 -6.69 -43.21 56.68
CA LYS D 168 -7.52 -43.87 55.64
C LYS D 168 -6.73 -44.16 54.38
N VAL D 169 -7.26 -45.08 53.59
CA VAL D 169 -6.57 -45.59 52.40
C VAL D 169 -7.49 -45.53 51.17
N GLY D 170 -6.89 -45.23 50.02
CA GLY D 170 -7.56 -45.19 48.72
C GLY D 170 -8.68 -46.22 48.49
N PRO D 171 -9.80 -45.76 47.93
CA PRO D 171 -10.95 -46.56 47.51
C PRO D 171 -10.68 -47.82 46.70
N TRP D 172 -9.60 -47.86 45.94
CA TRP D 172 -9.27 -49.05 45.12
C TRP D 172 -8.30 -49.97 45.89
N LEU D 173 -7.81 -49.49 47.02
CA LEU D 173 -6.95 -50.23 47.94
C LEU D 173 -7.57 -50.53 49.31
N SER D 174 -6.90 -51.40 50.07
CA SER D 174 -7.22 -51.69 51.47
C SER D 174 -5.90 -51.78 52.23
N LEU D 175 -5.96 -52.12 53.53
CA LEU D 175 -4.75 -52.17 54.39
C LEU D 175 -4.96 -52.75 55.80
N ASP D 176 -4.74 -54.06 55.96
CA ASP D 176 -4.51 -54.68 57.30
C ASP D 176 -3.21 -54.14 57.98
N VAL D 177 -3.35 -53.19 58.92
CA VAL D 177 -2.20 -52.42 59.46
C VAL D 177 -1.22 -53.22 60.33
N GLU D 178 -1.74 -54.15 61.12
CA GLU D 178 -0.91 -54.90 62.08
C GLU D 178 -0.32 -56.17 61.46
N GLY D 179 -0.93 -56.66 60.38
CA GLY D 179 -0.34 -57.73 59.57
C GLY D 179 0.64 -57.18 58.54
N MET D 180 0.87 -55.85 58.57
CA MET D 180 1.82 -55.15 57.70
C MET D 180 1.68 -55.58 56.25
N LYS D 181 0.45 -55.54 55.73
CA LYS D 181 0.16 -55.91 54.36
C LYS D 181 -1.19 -55.39 53.90
N GLY D 182 -1.30 -55.15 52.58
CA GLY D 182 -2.49 -54.54 51.95
C GLY D 182 -2.90 -55.20 50.63
N LYS D 183 -3.67 -54.49 49.82
CA LYS D 183 -4.35 -55.14 48.69
C LYS D 183 -4.79 -54.16 47.55
N PHE D 184 -4.46 -54.53 46.31
CA PHE D 184 -4.83 -53.75 45.13
C PHE D 184 -6.18 -54.28 44.65
N LEU D 185 -7.25 -53.57 45.00
CA LEU D 185 -8.60 -54.13 44.80
C LEU D 185 -9.01 -54.03 43.34
N ARG D 186 -8.67 -52.89 42.73
CA ARG D 186 -8.99 -52.63 41.33
C ARG D 186 -8.16 -51.44 40.83
N LEU D 187 -8.21 -51.16 39.53
CA LEU D 187 -7.49 -50.01 39.00
C LEU D 187 -8.38 -48.78 39.11
N PRO D 188 -7.80 -47.67 39.55
CA PRO D 188 -8.59 -46.48 39.85
C PRO D 188 -9.15 -45.79 38.61
N ASP D 189 -10.18 -44.99 38.86
CA ASP D 189 -10.85 -44.25 37.83
C ASP D 189 -10.32 -42.84 37.94
N ARG D 190 -10.42 -42.04 36.88
CA ARG D 190 -9.92 -40.67 36.94
C ARG D 190 -10.45 -40.00 38.19
N GLU D 191 -11.74 -40.24 38.45
CA GLU D 191 -12.43 -39.64 39.59
C GLU D 191 -11.73 -39.91 40.93
N ASP D 192 -11.17 -41.11 41.09
CA ASP D 192 -10.59 -41.55 42.37
C ASP D 192 -9.34 -40.79 42.85
N LEU D 193 -8.52 -40.26 41.92
CA LEU D 193 -7.32 -39.47 42.27
C LEU D 193 -7.61 -37.98 42.10
N ALA D 194 -6.91 -37.16 42.88
CA ALA D 194 -7.07 -35.73 42.78
C ALA D 194 -5.74 -35.16 42.36
N LEU D 195 -5.36 -35.45 41.12
CA LEU D 195 -4.04 -35.06 40.61
C LEU D 195 -4.08 -33.69 39.98
N PRO D 196 -3.08 -32.87 40.32
CA PRO D 196 -2.99 -31.46 39.90
C PRO D 196 -2.60 -31.31 38.41
N VAL D 197 -3.33 -31.99 37.53
CA VAL D 197 -2.88 -32.13 36.18
C VAL D 197 -4.02 -32.56 35.28
N ASN D 198 -4.26 -31.72 34.28
CA ASN D 198 -5.24 -31.94 33.23
C ASN D 198 -4.66 -32.93 32.24
N GLU D 199 -5.26 -34.11 32.13
CA GLU D 199 -4.63 -35.17 31.36
C GLU D 199 -4.73 -34.93 29.84
N GLN D 200 -5.83 -34.32 29.36
CA GLN D 200 -6.04 -34.09 27.91
C GLN D 200 -4.97 -33.26 27.20
N LEU D 201 -4.36 -32.30 27.88
CA LEU D 201 -3.13 -31.66 27.42
C LEU D 201 -1.95 -32.62 27.29
N VAL D 202 -2.02 -33.80 27.86
CA VAL D 202 -0.89 -34.70 27.72
C VAL D 202 -1.09 -35.39 26.39
N ILE D 203 -2.21 -36.09 26.23
CA ILE D 203 -2.61 -36.58 24.92
C ILE D 203 -2.21 -35.60 23.81
N GLU D 204 -2.56 -34.33 23.98
CA GLU D 204 -2.35 -33.29 22.97
C GLU D 204 -0.87 -32.95 22.81
N PHE D 205 -0.11 -33.14 23.87
CA PHE D 205 1.31 -32.91 23.79
C PHE D 205 1.97 -33.88 22.83
N TYR D 206 1.42 -35.07 22.70
CA TYR D 206 2.02 -36.15 21.90
C TYR D 206 1.25 -36.38 20.60
N SER D 207 0.47 -35.40 20.14
CA SER D 207 -0.26 -35.54 18.88
C SER D 207 0.45 -34.81 17.75
N ARG D 208 1.46 -34.03 18.10
CA ARG D 208 2.49 -33.58 17.15
C ARG D 208 3.74 -34.43 17.37
N ASP E 1 -21.53 -15.58 31.26
CA ASP E 1 -20.65 -15.07 30.16
C ASP E 1 -19.75 -16.17 29.53
N PHE E 2 -18.87 -15.76 28.62
CA PHE E 2 -18.05 -16.68 27.82
C PHE E 2 -16.58 -16.58 28.22
N GLU E 3 -15.69 -17.29 27.52
CA GLU E 3 -14.31 -17.41 27.99
C GLU E 3 -13.26 -16.69 27.15
N GLU E 4 -13.44 -16.56 25.84
CA GLU E 4 -12.63 -15.58 25.07
C GLU E 4 -11.10 -15.88 24.93
N LYS E 5 -10.65 -16.32 23.75
CA LYS E 5 -9.21 -16.52 23.49
C LYS E 5 -8.76 -15.76 22.23
N MET E 6 -7.57 -15.16 22.33
CA MET E 6 -6.89 -14.55 21.20
C MET E 6 -5.99 -15.57 20.50
N ILE E 7 -6.47 -15.96 19.33
CA ILE E 7 -5.71 -16.62 18.27
C ILE E 7 -4.43 -15.86 17.84
N LEU E 8 -4.62 -14.66 17.28
CA LEU E 8 -3.57 -13.96 16.55
C LEU E 8 -3.65 -12.45 16.72
N ILE E 9 -2.48 -11.84 16.89
CA ILE E 9 -2.32 -10.39 16.72
C ILE E 9 -1.15 -10.02 15.82
N ARG E 10 -1.43 -9.10 14.91
CA ARG E 10 -0.48 -8.68 13.92
C ARG E 10 -0.41 -7.15 13.85
N ARG E 11 0.77 -6.64 13.50
CA ARG E 11 0.96 -5.25 13.12
C ARG E 11 1.04 -5.12 11.61
N THR E 12 0.23 -4.19 11.09
CA THR E 12 0.19 -3.85 9.67
C THR E 12 0.87 -2.49 9.55
N ALA E 13 0.93 -1.95 8.33
CA ALA E 13 1.59 -0.65 8.04
C ALA E 13 1.13 -0.05 6.70
N ARG E 14 0.59 1.18 6.78
CA ARG E 14 0.42 2.05 5.60
C ARG E 14 1.62 2.96 5.49
N MET E 15 1.86 3.45 4.28
CA MET E 15 2.99 4.32 4.06
C MET E 15 2.48 5.69 3.89
N GLN E 16 3.08 6.62 4.61
CA GLN E 16 2.73 7.99 4.43
C GLN E 16 4.01 8.81 4.16
N ALA E 17 3.76 10.00 3.62
CA ALA E 17 4.77 11.01 3.34
C ALA E 17 5.80 11.10 4.46
N GLY E 18 7.01 10.65 4.21
CA GLY E 18 8.02 10.57 5.27
C GLY E 18 7.52 9.76 6.49
N GLY E 19 7.98 8.53 6.59
CA GLY E 19 7.58 7.64 7.67
C GLY E 19 6.47 6.64 7.35
N ARG E 20 6.59 5.45 7.95
CA ARG E 20 5.51 4.46 7.95
C ARG E 20 4.63 4.56 9.21
N ARG E 21 3.43 3.96 9.14
CA ARG E 21 2.39 4.25 10.08
C ARG E 21 1.62 2.99 10.46
N PHE E 22 1.94 2.47 11.65
CA PHE E 22 1.43 1.16 12.06
C PHE E 22 -0.08 1.04 12.47
N ARG E 23 -0.48 -0.18 12.75
CA ARG E 23 -1.87 -0.49 13.08
C ARG E 23 -1.83 -1.95 13.48
N PHE E 24 -2.82 -2.37 14.27
CA PHE E 24 -2.82 -3.70 14.91
C PHE E 24 -4.09 -4.46 14.70
N GLY E 25 -3.93 -5.73 14.31
CA GLY E 25 -5.04 -6.61 13.94
C GLY E 25 -5.13 -7.76 14.90
N ALA E 26 -6.35 -8.02 15.38
CA ALA E 26 -6.58 -9.03 16.41
C ALA E 26 -7.75 -9.96 16.07
N LEU E 27 -7.40 -11.26 16.09
CA LEU E 27 -8.33 -12.37 15.92
C LEU E 27 -8.65 -12.98 17.27
N VAL E 28 -9.93 -12.96 17.61
CA VAL E 28 -10.36 -13.47 18.89
C VAL E 28 -11.60 -14.34 18.77
N VAL E 29 -11.61 -15.38 19.61
CA VAL E 29 -12.78 -16.23 19.72
C VAL E 29 -13.35 -16.15 21.12
N VAL E 30 -14.66 -16.28 21.21
CA VAL E 30 -15.32 -16.43 22.50
C VAL E 30 -16.23 -17.64 22.49
N GLY E 31 -16.24 -18.35 23.60
CA GLY E 31 -17.16 -19.46 23.75
C GLY E 31 -17.59 -19.76 25.18
N ASP E 32 -18.82 -20.26 25.32
CA ASP E 32 -19.26 -20.83 26.60
C ASP E 32 -18.86 -22.33 26.73
N ARG E 33 -18.16 -22.87 25.75
CA ARG E 33 -17.83 -24.30 25.72
C ARG E 33 -19.04 -25.19 25.81
N GLN E 34 -20.15 -24.77 25.23
CA GLN E 34 -21.31 -25.63 25.09
C GLN E 34 -22.05 -25.29 23.80
N GLY E 35 -21.31 -25.18 22.70
CA GLY E 35 -21.92 -25.02 21.39
C GLY E 35 -22.38 -23.62 21.06
N ARG E 36 -21.73 -22.63 21.69
CA ARG E 36 -21.79 -21.22 21.26
C ARG E 36 -20.38 -20.61 21.16
N VAL E 37 -19.86 -20.46 19.95
CA VAL E 37 -18.63 -19.69 19.72
C VAL E 37 -18.90 -18.57 18.79
N GLY E 38 -18.02 -17.57 18.90
CA GLY E 38 -18.02 -16.41 18.02
C GLY E 38 -16.62 -15.95 17.68
N LEU E 39 -16.48 -15.46 16.46
CA LEU E 39 -15.20 -14.94 16.01
C LEU E 39 -15.20 -13.43 15.69
N GLY E 40 -14.11 -12.78 16.04
CA GLY E 40 -13.97 -11.35 15.79
C GLY E 40 -12.57 -11.04 15.37
N PHE E 41 -12.45 -10.22 14.33
CA PHE E 41 -11.17 -9.73 13.89
C PHE E 41 -11.26 -8.23 13.96
N GLY E 42 -10.59 -7.64 14.95
CA GLY E 42 -10.71 -6.20 15.23
C GLY E 42 -9.34 -5.55 15.16
N LYS E 43 -9.32 -4.32 14.67
CA LYS E 43 -8.08 -3.65 14.32
C LYS E 43 -8.06 -2.22 14.85
N ALA E 44 -6.89 -1.70 15.22
CA ALA E 44 -6.81 -0.38 15.85
C ALA E 44 -5.38 0.15 16.14
N PRO E 45 -5.29 1.45 16.51
CA PRO E 45 -4.03 2.12 16.81
C PRO E 45 -3.15 1.39 17.79
N GLU E 46 -3.77 0.84 18.83
CA GLU E 46 -3.05 0.04 19.82
C GLU E 46 -3.69 -1.34 20.09
N VAL E 47 -2.83 -2.27 20.50
CA VAL E 47 -3.19 -3.68 20.62
C VAL E 47 -4.44 -3.87 21.48
N PRO E 48 -4.41 -3.41 22.75
CA PRO E 48 -5.53 -3.70 23.62
C PRO E 48 -6.92 -3.29 23.08
N LEU E 49 -7.00 -2.19 22.34
CA LEU E 49 -8.31 -1.78 21.78
C LEU E 49 -8.62 -2.69 20.60
N ALA E 50 -7.57 -3.23 20.01
CA ALA E 50 -7.73 -4.21 18.96
C ALA E 50 -8.31 -5.45 19.62
N VAL E 51 -7.74 -5.83 20.76
CA VAL E 51 -8.19 -7.04 21.45
C VAL E 51 -9.61 -6.89 22.00
N GLN E 52 -9.79 -5.79 22.72
CA GLN E 52 -11.07 -5.44 23.28
C GLN E 52 -12.07 -5.37 22.13
N LYS E 53 -11.69 -4.66 21.07
CA LYS E 53 -12.55 -4.47 19.91
C LYS E 53 -12.92 -5.82 19.33
N ALA E 54 -11.91 -6.67 19.16
CA ALA E 54 -12.13 -8.03 18.71
C ALA E 54 -13.20 -8.72 19.56
N GLY E 55 -13.06 -8.63 20.89
CA GLY E 55 -14.02 -9.24 21.85
C GLY E 55 -15.47 -8.87 21.54
N TYR E 56 -15.72 -7.57 21.55
CA TYR E 56 -17.00 -7.00 21.17
C TYR E 56 -17.56 -7.67 19.90
N TYR E 57 -16.74 -7.74 18.84
CA TYR E 57 -17.21 -8.22 17.53
C TYR E 57 -17.56 -9.68 17.61
N ALA E 58 -16.69 -10.42 18.26
CA ALA E 58 -16.90 -11.83 18.44
C ALA E 58 -18.22 -12.16 19.09
N ARG E 59 -18.72 -11.32 20.00
CA ARG E 59 -20.03 -11.60 20.67
C ARG E 59 -21.23 -11.20 19.80
N ARG E 60 -21.04 -10.20 18.96
CA ARG E 60 -22.04 -9.90 17.95
C ARG E 60 -22.11 -11.06 16.97
N ASN E 61 -21.05 -11.86 16.86
CA ASN E 61 -20.89 -12.89 15.77
C ASN E 61 -20.82 -14.41 16.23
N MET E 62 -21.96 -14.96 16.66
CA MET E 62 -22.02 -16.26 17.37
C MET E 62 -22.65 -17.34 16.54
N VAL E 63 -22.40 -18.63 16.85
CA VAL E 63 -22.95 -19.75 16.05
C VAL E 63 -23.60 -21.01 16.80
N GLU E 64 -24.57 -21.64 16.13
CA GLU E 64 -25.19 -22.93 16.53
C GLU E 64 -24.19 -24.05 16.32
N VAL E 65 -23.52 -24.52 17.37
CA VAL E 65 -22.67 -25.72 17.19
C VAL E 65 -23.36 -26.92 17.78
N PRO E 66 -24.00 -27.73 16.91
CA PRO E 66 -24.76 -28.91 17.32
C PRO E 66 -23.91 -30.08 17.78
N LEU E 67 -23.35 -29.99 18.98
CA LEU E 67 -22.54 -31.07 19.56
C LEU E 67 -23.27 -32.42 19.66
N GLN E 68 -22.49 -33.47 19.84
CA GLN E 68 -23.00 -34.83 19.96
C GLN E 68 -22.06 -35.66 20.80
N ASN E 69 -21.79 -35.18 22.01
CA ASN E 69 -20.89 -35.85 22.94
C ASN E 69 -19.45 -35.48 22.62
N GLY E 70 -19.14 -34.20 22.74
CA GLY E 70 -17.77 -33.71 22.53
C GLY E 70 -17.26 -33.78 21.10
N THR E 71 -18.16 -34.13 20.17
CA THR E 71 -17.83 -34.20 18.76
C THR E 71 -18.96 -33.61 17.92
N ILE E 72 -18.89 -33.80 16.61
CA ILE E 72 -19.82 -33.19 15.68
C ILE E 72 -20.60 -34.20 14.86
N PRO E 73 -21.78 -33.77 14.37
CA PRO E 73 -22.72 -34.61 13.65
C PRO E 73 -22.12 -35.37 12.50
N HIS E 74 -21.40 -34.67 11.64
CA HIS E 74 -20.81 -35.26 10.43
C HIS E 74 -19.52 -34.52 9.99
N GLU E 75 -19.06 -34.86 8.79
CA GLU E 75 -17.87 -34.27 8.16
C GLU E 75 -18.29 -33.10 7.29
N ILE E 76 -17.55 -32.01 7.33
CA ILE E 76 -17.72 -30.99 6.32
C ILE E 76 -16.33 -30.69 5.83
N GLU E 77 -16.27 -30.26 4.56
CA GLU E 77 -15.16 -29.48 4.03
C GLU E 77 -15.68 -28.09 3.68
N VAL E 78 -14.90 -27.04 3.94
CA VAL E 78 -15.24 -25.73 3.37
C VAL E 78 -13.99 -25.05 2.77
N GLU E 79 -14.17 -24.52 1.56
CA GLU E 79 -13.19 -23.70 0.88
C GLU E 79 -13.61 -22.28 1.15
N PHE E 80 -12.77 -21.49 1.78
CA PHE E 80 -12.99 -20.04 1.90
C PHE E 80 -11.83 -19.29 1.23
N GLY E 81 -12.06 -18.89 -0.03
CA GLY E 81 -10.99 -18.40 -0.90
C GLY E 81 -10.24 -19.60 -1.40
N ALA E 82 -8.92 -19.61 -1.24
CA ALA E 82 -8.13 -20.81 -1.50
C ALA E 82 -7.78 -21.55 -0.21
N SER E 83 -8.56 -21.30 0.85
CA SER E 83 -8.45 -22.03 2.13
C SER E 83 -9.51 -23.10 2.30
N LYS E 84 -9.05 -24.30 2.56
CA LYS E 84 -9.93 -25.42 2.69
C LYS E 84 -9.71 -25.92 4.09
N ILE E 85 -10.80 -26.27 4.77
CA ILE E 85 -10.75 -26.89 6.10
C ILE E 85 -11.51 -28.19 6.02
N VAL E 86 -10.94 -29.25 6.54
CA VAL E 86 -11.73 -30.46 6.60
C VAL E 86 -11.79 -30.91 8.05
N LEU E 87 -13.01 -31.33 8.38
CA LEU E 87 -13.48 -31.60 9.72
C LEU E 87 -14.06 -33.00 9.76
N LYS E 88 -13.59 -33.80 10.70
CA LYS E 88 -14.13 -35.14 10.87
C LYS E 88 -14.49 -35.51 12.35
N PRO E 89 -15.67 -36.14 12.56
CA PRO E 89 -16.06 -36.67 13.86
C PRO E 89 -15.11 -37.75 14.40
N ALA E 90 -14.82 -37.71 15.70
CA ALA E 90 -13.98 -38.70 16.36
C ALA E 90 -14.60 -39.27 17.68
N ALA E 91 -14.17 -40.48 18.06
CA ALA E 91 -14.60 -41.09 19.30
C ALA E 91 -13.94 -40.42 20.48
N PRO E 92 -14.51 -40.60 21.68
CA PRO E 92 -13.90 -40.10 22.91
C PRO E 92 -12.54 -40.66 23.07
N GLY E 93 -11.66 -39.87 23.67
CA GLY E 93 -10.28 -40.28 23.91
C GLY E 93 -9.33 -39.72 22.89
N THR E 94 -9.88 -39.46 21.69
CA THR E 94 -9.16 -38.86 20.59
C THR E 94 -8.58 -37.49 20.99
N GLY E 95 -9.45 -36.49 21.11
CA GLY E 95 -8.99 -35.13 21.40
C GLY E 95 -9.39 -34.11 20.35
N VAL E 96 -8.83 -32.93 20.50
CA VAL E 96 -9.02 -31.89 19.51
C VAL E 96 -7.74 -31.93 18.68
N ILE E 97 -7.75 -32.59 17.54
CA ILE E 97 -6.52 -32.58 16.73
C ILE E 97 -6.60 -31.72 15.46
N ALA E 98 -6.03 -30.53 15.64
CA ALA E 98 -6.00 -29.45 14.68
C ALA E 98 -4.79 -28.51 14.93
N GLY E 99 -4.60 -27.52 14.06
CA GLY E 99 -3.63 -26.47 14.33
C GLY E 99 -4.24 -25.33 15.15
N ALA E 100 -3.42 -24.58 15.87
CA ALA E 100 -3.87 -23.51 16.77
C ALA E 100 -5.20 -22.98 16.34
N VAL E 101 -5.28 -22.45 15.13
CA VAL E 101 -6.47 -21.70 14.72
C VAL E 101 -7.80 -22.44 14.92
N PRO E 102 -7.99 -23.58 14.26
CA PRO E 102 -9.26 -24.26 14.48
C PRO E 102 -9.36 -24.94 15.84
N ARG E 103 -8.24 -25.26 16.48
CA ARG E 103 -8.31 -25.87 17.80
C ARG E 103 -9.03 -24.90 18.72
N ALA E 104 -8.49 -23.70 18.82
CA ALA E 104 -9.04 -22.68 19.71
C ALA E 104 -10.49 -22.35 19.42
N ILE E 105 -10.95 -22.46 18.18
CA ILE E 105 -12.39 -22.27 17.91
C ILE E 105 -13.17 -23.51 18.34
N LEU E 106 -12.64 -24.68 18.03
CA LEU E 106 -13.30 -25.90 18.40
C LEU E 106 -13.30 -26.12 19.93
N GLU E 107 -12.17 -25.90 20.60
CA GLU E 107 -12.14 -26.04 22.07
C GLU E 107 -13.20 -25.18 22.73
N LEU E 108 -13.24 -23.90 22.40
CA LEU E 108 -14.17 -22.96 23.04
C LEU E 108 -15.62 -23.16 22.63
N ALA E 109 -15.88 -23.90 21.57
CA ALA E 109 -17.26 -24.22 21.24
C ALA E 109 -17.73 -25.29 22.18
N GLY E 110 -16.80 -26.02 22.78
CA GLY E 110 -17.12 -27.18 23.60
C GLY E 110 -16.91 -28.53 22.91
N VAL E 111 -16.02 -28.58 21.94
CA VAL E 111 -15.63 -29.82 21.32
C VAL E 111 -14.42 -30.39 22.06
N THR E 112 -14.35 -31.72 22.10
CA THR E 112 -13.22 -32.42 22.73
C THR E 112 -12.74 -33.57 21.86
N ASP E 113 -13.46 -33.85 20.79
CA ASP E 113 -13.19 -35.01 19.96
C ASP E 113 -13.50 -34.70 18.49
N ILE E 114 -12.46 -34.34 17.73
CA ILE E 114 -12.60 -33.96 16.30
C ILE E 114 -11.30 -34.29 15.57
N LEU E 115 -11.41 -34.60 14.29
CA LEU E 115 -10.26 -34.70 13.39
C LEU E 115 -10.32 -33.63 12.29
N THR E 116 -9.19 -32.93 12.04
CA THR E 116 -9.13 -31.86 11.03
C THR E 116 -7.93 -31.93 10.12
N LYS E 117 -8.08 -31.32 8.93
CA LYS E 117 -6.94 -30.89 8.13
C LYS E 117 -7.14 -29.50 7.55
N GLU E 118 -6.10 -28.65 7.73
CA GLU E 118 -5.98 -27.32 7.08
C GLU E 118 -5.42 -27.67 5.67
N LEU E 119 -6.17 -27.32 4.64
CA LEU E 119 -5.74 -27.59 3.29
C LEU E 119 -5.80 -26.32 2.48
N GLY E 120 -5.05 -26.31 1.39
CA GLY E 120 -4.89 -25.12 0.58
C GLY E 120 -3.97 -24.13 1.25
N SER E 121 -4.25 -22.86 1.00
CA SER E 121 -3.56 -21.75 1.64
C SER E 121 -3.91 -21.78 3.11
N ARG E 122 -2.91 -21.81 3.97
CA ARG E 122 -3.16 -21.94 5.39
C ARG E 122 -3.24 -20.59 6.14
N ASN E 123 -3.53 -19.51 5.43
CA ASN E 123 -3.52 -18.21 6.06
C ASN E 123 -4.53 -18.17 7.24
N PRO E 124 -4.06 -17.79 8.45
CA PRO E 124 -4.90 -18.02 9.62
C PRO E 124 -6.24 -17.36 9.50
N ILE E 125 -6.26 -16.05 9.18
CA ILE E 125 -7.53 -15.34 9.03
C ILE E 125 -8.47 -16.21 8.19
N ASN E 126 -8.03 -16.53 6.98
CA ASN E 126 -8.91 -17.24 6.07
C ASN E 126 -9.23 -18.65 6.55
N ILE E 127 -8.28 -19.31 7.20
CA ILE E 127 -8.56 -20.61 7.82
C ILE E 127 -9.66 -20.50 8.90
N ALA E 128 -9.50 -19.51 9.77
CA ALA E 128 -10.46 -19.20 10.83
C ALA E 128 -11.86 -18.95 10.26
N TYR E 129 -11.93 -17.98 9.37
CA TYR E 129 -13.18 -17.78 8.70
C TYR E 129 -13.78 -19.08 8.12
N ALA E 130 -12.95 -19.96 7.57
CA ALA E 130 -13.46 -21.16 6.93
C ALA E 130 -14.07 -22.09 7.93
N THR E 131 -13.34 -22.31 9.03
CA THR E 131 -13.83 -23.14 10.16
C THR E 131 -15.20 -22.72 10.69
N MET E 132 -15.38 -21.42 10.82
CA MET E 132 -16.67 -20.87 11.21
C MET E 132 -17.75 -21.21 10.20
N GLU E 133 -17.52 -20.89 8.95
CA GLU E 133 -18.50 -21.25 7.94
C GLU E 133 -18.75 -22.73 8.09
N ALA E 134 -17.70 -23.49 8.38
CA ALA E 134 -17.89 -24.92 8.44
C ALA E 134 -18.86 -25.26 9.54
N LEU E 135 -18.65 -24.64 10.71
CA LEU E 135 -19.52 -24.83 11.88
C LEU E 135 -20.92 -24.35 11.58
N ARG E 136 -21.00 -23.09 11.13
CA ARG E 136 -22.25 -22.45 10.72
C ARG E 136 -23.12 -23.30 9.82
N GLN E 137 -22.58 -24.42 9.33
CA GLN E 137 -23.16 -25.15 8.22
C GLN E 137 -23.44 -26.63 8.53
N LEU E 138 -22.97 -27.10 9.69
CA LEU E 138 -23.35 -28.41 10.19
C LEU E 138 -24.86 -28.58 10.45
N ARG E 139 -25.35 -29.81 10.32
CA ARG E 139 -26.77 -30.15 10.51
C ARG E 139 -26.88 -31.33 11.49
N THR E 140 -28.11 -31.78 11.76
CA THR E 140 -28.36 -33.00 12.56
C THR E 140 -29.61 -33.67 12.09
N LYS E 141 -29.76 -34.95 12.47
CA LYS E 141 -30.82 -35.81 11.93
C LYS E 141 -32.15 -35.03 11.99
N ALA E 142 -32.35 -34.34 13.11
CA ALA E 142 -33.51 -33.50 13.36
C ALA E 142 -33.78 -32.48 12.26
N ASP E 143 -32.72 -31.78 11.83
CA ASP E 143 -32.82 -30.68 10.86
C ASP E 143 -33.12 -31.16 9.45
N VAL E 144 -32.66 -32.37 9.14
CA VAL E 144 -32.80 -32.91 7.81
C VAL E 144 -34.11 -33.67 7.67
N GLU E 145 -34.54 -34.28 8.77
CA GLU E 145 -35.92 -34.74 8.92
C GLU E 145 -36.83 -33.57 8.56
N ARG E 146 -36.63 -32.45 9.26
CA ARG E 146 -37.46 -31.27 9.11
C ARG E 146 -37.51 -30.74 7.68
N LEU E 147 -36.35 -30.78 7.05
CA LEU E 147 -36.18 -30.23 5.72
C LEU E 147 -36.85 -31.08 4.69
N ARG E 148 -36.50 -32.36 4.71
CA ARG E 148 -36.99 -33.30 3.74
C ARG E 148 -38.47 -33.65 3.96
N LYS E 149 -39.06 -33.22 5.07
CA LYS E 149 -40.46 -33.51 5.39
C LYS E 149 -41.49 -32.88 4.41
N GLY E 150 -41.43 -31.56 4.28
CA GLY E 150 -42.33 -30.82 3.37
C GLY E 150 -43.53 -30.20 4.06
N MET F 1 -27.19 -20.24 -70.26
CA MET F 1 -26.84 -18.91 -70.86
C MET F 1 -27.70 -17.77 -70.29
N ARG F 2 -27.07 -16.88 -69.54
CA ARG F 2 -27.77 -15.86 -68.73
C ARG F 2 -27.91 -14.50 -69.43
N ARG F 3 -28.63 -13.60 -68.76
CA ARG F 3 -28.97 -12.29 -69.29
C ARG F 3 -27.95 -11.26 -68.83
N TYR F 4 -27.74 -10.23 -69.64
CA TYR F 4 -26.68 -9.24 -69.43
C TYR F 4 -27.07 -7.79 -69.79
N GLU F 5 -26.06 -6.94 -69.86
CA GLU F 5 -26.21 -5.58 -70.31
C GLU F 5 -24.86 -5.11 -70.84
N VAL F 6 -24.80 -4.89 -72.16
CA VAL F 6 -23.60 -4.42 -72.84
C VAL F 6 -23.73 -2.92 -73.06
N ASN F 7 -22.92 -2.14 -72.38
CA ASN F 7 -22.87 -0.70 -72.61
C ASN F 7 -21.68 -0.38 -73.50
N ILE F 8 -21.88 0.42 -74.55
CA ILE F 8 -20.74 0.93 -75.28
C ILE F 8 -20.84 2.42 -75.42
N VAL F 9 -19.71 3.06 -75.15
CA VAL F 9 -19.58 4.49 -75.35
C VAL F 9 -18.74 4.63 -76.60
N LEU F 10 -19.15 5.56 -77.45
CA LEU F 10 -18.55 5.70 -78.77
C LEU F 10 -18.11 7.13 -79.03
N ASN F 11 -17.22 7.24 -80.01
CA ASN F 11 -16.79 8.52 -80.58
C ASN F 11 -17.98 9.41 -80.94
N PRO F 12 -18.08 10.58 -80.29
CA PRO F 12 -19.25 11.45 -80.49
C PRO F 12 -19.23 12.29 -81.78
N ASN F 13 -18.36 11.94 -82.72
CA ASN F 13 -18.10 12.73 -83.95
C ASN F 13 -18.26 11.95 -85.22
N LEU F 14 -19.46 11.42 -85.46
CA LEU F 14 -19.68 10.55 -86.59
C LEU F 14 -20.84 11.01 -87.46
N ASP F 15 -20.65 10.93 -88.77
CA ASP F 15 -21.76 10.97 -89.72
C ASP F 15 -22.29 9.54 -89.90
N GLN F 16 -23.48 9.44 -90.48
CA GLN F 16 -24.22 8.19 -90.49
C GLN F 16 -23.51 7.02 -91.16
N SER F 17 -22.57 7.29 -92.06
CA SER F 17 -21.75 6.22 -92.64
C SER F 17 -20.92 5.55 -91.53
N GLN F 18 -20.01 6.33 -90.92
CA GLN F 18 -19.16 5.86 -89.83
C GLN F 18 -20.01 5.29 -88.70
N LEU F 19 -21.04 6.05 -88.31
CA LEU F 19 -21.89 5.69 -87.19
C LEU F 19 -22.45 4.29 -87.36
N ALA F 20 -23.21 4.08 -88.43
CA ALA F 20 -23.85 2.80 -88.65
C ALA F 20 -22.87 1.69 -89.13
N LEU F 21 -21.67 2.06 -89.58
CA LEU F 21 -20.61 1.05 -89.84
C LEU F 21 -20.23 0.40 -88.52
N GLU F 22 -19.99 1.21 -87.49
CA GLU F 22 -19.64 0.68 -86.17
C GLU F 22 -20.82 -0.13 -85.66
N LYS F 23 -21.99 0.53 -85.57
CA LYS F 23 -23.22 -0.14 -85.10
C LYS F 23 -23.53 -1.47 -85.76
N GLU F 24 -23.05 -1.68 -86.98
CA GLU F 24 -23.23 -2.99 -87.63
C GLU F 24 -22.21 -4.01 -87.10
N ILE F 25 -20.94 -3.60 -87.00
CA ILE F 25 -19.84 -4.53 -86.61
C ILE F 25 -20.15 -5.16 -85.27
N ILE F 26 -20.66 -4.29 -84.41
CA ILE F 26 -21.25 -4.64 -83.13
C ILE F 26 -22.26 -5.78 -83.28
N GLN F 27 -23.29 -5.60 -84.11
CA GLN F 27 -24.34 -6.62 -84.30
C GLN F 27 -23.74 -7.95 -84.77
N ARG F 28 -22.61 -7.87 -85.49
CA ARG F 28 -21.85 -9.05 -85.91
C ARG F 28 -21.24 -9.80 -84.72
N ALA F 29 -20.43 -9.10 -83.93
CA ALA F 29 -19.89 -9.68 -82.69
C ALA F 29 -21.00 -10.23 -81.79
N LEU F 30 -21.92 -9.37 -81.38
CA LEU F 30 -23.11 -9.82 -80.66
C LEU F 30 -23.63 -11.12 -81.22
N GLU F 31 -23.91 -11.14 -82.53
CA GLU F 31 -24.36 -12.35 -83.20
C GLU F 31 -23.31 -13.48 -83.23
N ASN F 32 -22.08 -13.12 -83.55
CA ASN F 32 -21.02 -14.13 -83.73
C ASN F 32 -20.48 -14.72 -82.41
N TYR F 33 -21.16 -14.47 -81.29
CA TYR F 33 -20.76 -15.01 -79.99
C TYR F 33 -21.88 -15.75 -79.23
N GLY F 34 -23.11 -15.72 -79.74
CA GLY F 34 -24.24 -16.43 -79.12
C GLY F 34 -25.36 -15.51 -78.69
N ALA F 35 -25.14 -14.20 -78.80
CA ALA F 35 -26.08 -13.25 -78.25
C ALA F 35 -27.37 -13.21 -79.03
N ARG F 36 -28.48 -13.42 -78.33
CA ARG F 36 -29.78 -12.95 -78.77
C ARG F 36 -29.97 -11.60 -78.11
N VAL F 37 -31.02 -10.87 -78.48
CA VAL F 37 -31.16 -9.46 -78.10
C VAL F 37 -32.58 -9.12 -77.63
N GLU F 38 -32.78 -8.94 -76.33
CA GLU F 38 -34.00 -8.25 -75.86
C GLU F 38 -33.73 -6.78 -76.17
N LYS F 39 -34.15 -5.86 -75.29
CA LYS F 39 -34.20 -4.42 -75.64
C LYS F 39 -32.91 -3.81 -76.23
N VAL F 40 -33.11 -2.72 -76.97
CA VAL F 40 -32.08 -1.79 -77.35
C VAL F 40 -32.41 -0.44 -76.67
N GLU F 41 -31.39 0.39 -76.49
CA GLU F 41 -31.56 1.78 -76.06
C GLU F 41 -30.46 2.64 -76.69
N GLU F 42 -30.81 3.85 -77.08
CA GLU F 42 -29.87 4.76 -77.72
C GLU F 42 -30.18 6.20 -77.32
N LEU F 43 -29.65 6.62 -76.17
CA LEU F 43 -29.69 8.02 -75.78
C LEU F 43 -28.62 8.77 -76.57
N GLY F 44 -27.61 8.02 -77.02
CA GLY F 44 -26.54 8.55 -77.84
C GLY F 44 -25.65 9.57 -77.16
N LEU F 45 -25.76 10.82 -77.63
CA LEU F 45 -24.75 11.84 -77.38
C LEU F 45 -24.94 12.49 -76.03
N ARG F 46 -24.11 12.15 -75.06
CA ARG F 46 -24.19 12.79 -73.74
C ARG F 46 -22.85 13.28 -73.25
N ARG F 47 -22.90 14.28 -72.38
CA ARG F 47 -21.69 14.90 -71.85
C ARG F 47 -21.16 14.06 -70.71
N LEU F 48 -19.90 13.68 -70.81
CA LEU F 48 -19.29 12.90 -69.76
C LEU F 48 -18.95 13.83 -68.63
N ALA F 49 -18.59 13.27 -67.48
CA ALA F 49 -18.34 14.07 -66.28
C ALA F 49 -16.86 14.39 -66.16
N TYR F 50 -16.08 13.70 -66.97
CA TYR F 50 -14.68 13.99 -67.16
C TYR F 50 -14.40 13.48 -68.58
N PRO F 51 -13.43 14.08 -69.28
CA PRO F 51 -13.19 13.73 -70.67
C PRO F 51 -12.57 12.34 -70.88
N ILE F 52 -13.27 11.48 -71.62
CA ILE F 52 -12.73 10.18 -72.00
C ILE F 52 -12.09 10.33 -73.38
N ALA F 53 -10.86 9.84 -73.52
CA ALA F 53 -10.06 9.94 -74.77
C ALA F 53 -10.16 11.34 -75.39
N LYS F 54 -9.69 12.34 -74.64
CA LYS F 54 -9.61 13.74 -75.07
C LYS F 54 -10.96 14.48 -75.23
N ASP F 55 -12.07 13.81 -74.97
CA ASP F 55 -13.35 14.20 -75.56
C ASP F 55 -14.50 14.33 -74.57
N PRO F 56 -14.96 15.56 -74.32
CA PRO F 56 -16.06 15.90 -73.38
C PRO F 56 -17.48 15.33 -73.61
N GLN F 57 -17.65 14.41 -74.56
CA GLN F 57 -18.94 13.75 -74.80
C GLN F 57 -18.77 12.33 -75.31
N GLY F 58 -19.86 11.56 -75.22
CA GLY F 58 -19.82 10.15 -75.61
C GLY F 58 -21.11 9.65 -76.18
N TYR F 59 -21.01 8.66 -77.06
CA TYR F 59 -22.17 8.06 -77.71
C TYR F 59 -22.57 6.69 -77.10
N PHE F 60 -23.80 6.63 -76.62
CA PHE F 60 -24.22 5.56 -75.76
C PHE F 60 -25.15 4.55 -76.42
N LEU F 61 -24.61 3.34 -76.55
CA LEU F 61 -25.36 2.14 -76.87
C LEU F 61 -25.47 1.30 -75.60
N TRP F 62 -26.67 0.79 -75.36
CA TRP F 62 -26.95 -0.16 -74.28
C TRP F 62 -27.82 -1.26 -74.84
N TYR F 63 -27.45 -2.50 -74.56
CA TYR F 63 -28.24 -3.63 -74.99
C TYR F 63 -28.55 -4.53 -73.81
N GLN F 64 -29.81 -4.90 -73.63
CA GLN F 64 -30.09 -6.08 -72.81
C GLN F 64 -29.98 -7.28 -73.74
N VAL F 65 -29.46 -8.39 -73.24
CA VAL F 65 -29.17 -9.52 -74.10
C VAL F 65 -28.83 -10.79 -73.34
N GLU F 66 -29.14 -11.93 -73.95
CA GLU F 66 -28.89 -13.25 -73.38
C GLU F 66 -27.80 -13.91 -74.19
N MET F 67 -26.89 -14.60 -73.52
CA MET F 67 -25.82 -15.30 -74.25
C MET F 67 -25.11 -16.37 -73.43
N PRO F 68 -24.46 -17.34 -74.11
CA PRO F 68 -23.59 -18.26 -73.40
C PRO F 68 -22.61 -17.50 -72.50
N GLU F 69 -22.74 -17.73 -71.20
CA GLU F 69 -21.98 -16.99 -70.18
C GLU F 69 -20.46 -17.19 -70.25
N ASP F 70 -20.03 -18.42 -70.52
CA ASP F 70 -18.61 -18.72 -70.72
C ASP F 70 -17.95 -18.04 -71.95
N ARG F 71 -18.63 -17.08 -72.57
CA ARG F 71 -18.07 -16.36 -73.71
C ARG F 71 -18.11 -14.83 -73.52
N VAL F 72 -18.78 -14.37 -72.47
CA VAL F 72 -19.08 -12.93 -72.28
C VAL F 72 -17.83 -12.07 -72.10
N ASN F 73 -16.76 -12.71 -71.61
CA ASN F 73 -15.45 -12.04 -71.53
C ASN F 73 -14.82 -11.93 -72.91
N ASP F 74 -14.99 -12.98 -73.72
CA ASP F 74 -14.51 -12.99 -75.12
C ASP F 74 -15.21 -11.97 -75.99
N LEU F 75 -16.53 -11.95 -75.92
CA LEU F 75 -17.30 -10.98 -76.64
C LEU F 75 -16.69 -9.62 -76.38
N ALA F 76 -16.61 -9.24 -75.11
CA ALA F 76 -16.28 -7.86 -74.77
C ALA F 76 -14.85 -7.51 -75.15
N ARG F 77 -14.00 -8.52 -75.21
CA ARG F 77 -12.62 -8.33 -75.63
C ARG F 77 -12.58 -7.84 -77.08
N GLU F 78 -13.40 -8.49 -77.93
CA GLU F 78 -13.58 -8.17 -79.36
C GLU F 78 -14.32 -6.83 -79.61
N LEU F 79 -15.26 -6.50 -78.72
CA LEU F 79 -15.97 -5.25 -78.85
C LEU F 79 -15.07 -4.02 -78.83
N ARG F 80 -13.88 -4.10 -78.22
CA ARG F 80 -13.04 -2.90 -78.12
C ARG F 80 -11.77 -2.93 -78.98
N ILE F 81 -11.60 -3.99 -79.77
CA ILE F 81 -10.64 -4.01 -80.86
C ILE F 81 -10.76 -2.72 -81.66
N ARG F 82 -12.00 -2.31 -81.94
CA ARG F 82 -12.30 -1.03 -82.58
C ARG F 82 -11.82 0.19 -81.77
N ASP F 83 -11.50 1.27 -82.47
CA ASP F 83 -10.97 2.49 -81.84
C ASP F 83 -12.08 3.48 -81.50
N ASN F 84 -13.13 3.52 -82.32
CA ASN F 84 -14.31 4.34 -82.03
C ASN F 84 -15.13 3.79 -80.87
N VAL F 85 -14.80 2.57 -80.48
CA VAL F 85 -15.28 1.99 -79.24
C VAL F 85 -14.28 2.28 -78.13
N ARG F 86 -14.78 2.99 -77.13
CA ARG F 86 -13.95 3.67 -76.15
C ARG F 86 -14.11 3.02 -74.77
N ARG F 87 -15.36 2.78 -74.36
CA ARG F 87 -15.66 1.95 -73.20
C ARG F 87 -16.65 0.87 -73.54
N VAL F 88 -16.29 -0.35 -73.16
CA VAL F 88 -17.17 -1.49 -73.26
C VAL F 88 -17.43 -1.99 -71.83
N MET F 89 -18.66 -1.91 -71.33
CA MET F 89 -19.00 -2.43 -69.98
C MET F 89 -20.20 -3.38 -69.93
N VAL F 90 -19.87 -4.63 -69.58
CA VAL F 90 -20.82 -5.73 -69.54
C VAL F 90 -21.16 -6.12 -68.11
N VAL F 91 -22.46 -6.26 -67.86
CA VAL F 91 -22.99 -6.43 -66.52
C VAL F 91 -24.17 -7.39 -66.46
N LYS F 92 -24.06 -8.35 -65.55
CA LYS F 92 -25.18 -9.19 -65.14
C LYS F 92 -26.47 -8.39 -64.92
N SER F 93 -27.51 -8.75 -65.67
CA SER F 93 -28.84 -8.19 -65.50
C SER F 93 -29.31 -8.45 -64.09
N GLN F 94 -30.21 -7.63 -63.58
CA GLN F 94 -30.55 -7.71 -62.16
C GLN F 94 -31.96 -7.27 -61.77
N GLU F 95 -32.52 -7.95 -60.78
CA GLU F 95 -33.72 -7.50 -60.08
C GLU F 95 -33.44 -6.08 -59.60
N PRO F 96 -34.37 -5.13 -59.84
CA PRO F 96 -34.09 -3.73 -59.52
C PRO F 96 -34.50 -3.27 -58.10
N PHE F 97 -33.75 -3.70 -57.09
CA PHE F 97 -33.85 -3.15 -55.70
C PHE F 97 -34.16 -1.62 -55.67
N LEU F 98 -35.24 -1.24 -55.01
CA LEU F 98 -35.70 0.15 -55.01
C LEU F 98 -35.69 0.68 -53.58
N ALA F 99 -36.06 1.94 -53.38
CA ALA F 99 -36.14 2.51 -52.02
C ALA F 99 -36.98 3.78 -52.03
N ASN F 100 -37.48 4.15 -50.85
CA ASN F 100 -38.64 5.04 -50.71
C ASN F 100 -39.89 4.32 -51.18
N ALA F 101 -40.58 3.70 -50.22
CA ALA F 101 -41.53 2.60 -50.48
C ALA F 101 -40.74 1.33 -50.75
N ALA G 1 0.97 38.23 -8.92
CA ALA G 1 -0.45 38.54 -9.15
C ALA G 1 -1.18 37.34 -9.73
N ARG G 2 -1.22 36.27 -8.94
CA ARG G 2 -1.96 35.06 -9.28
C ARG G 2 -3.48 35.20 -9.10
N ARG G 3 -3.88 35.75 -7.95
CA ARG G 3 -5.28 35.77 -7.57
C ARG G 3 -6.09 36.85 -8.29
N ARG G 4 -5.78 38.11 -7.98
CA ARG G 4 -6.53 39.27 -8.46
C ARG G 4 -5.76 39.97 -9.57
N ARG G 5 -6.41 40.91 -10.26
CA ARG G 5 -5.74 41.73 -11.29
C ARG G 5 -5.27 43.11 -10.80
N ALA G 6 -5.11 43.29 -9.50
CA ALA G 6 -4.40 44.45 -8.91
C ALA G 6 -4.99 45.83 -9.28
N GLU G 7 -5.35 46.60 -8.26
CA GLU G 7 -5.87 47.96 -8.49
C GLU G 7 -4.70 48.87 -8.85
N VAL G 8 -4.88 49.73 -9.86
CA VAL G 8 -3.84 50.67 -10.22
C VAL G 8 -3.72 51.74 -9.13
N ARG G 9 -2.71 51.59 -8.28
CA ARG G 9 -2.49 52.48 -7.15
C ARG G 9 -2.69 53.92 -7.57
N GLN G 10 -3.77 54.55 -7.09
CA GLN G 10 -4.12 55.91 -7.53
C GLN G 10 -3.23 56.95 -6.89
N LEU G 11 -3.15 58.09 -7.56
CA LEU G 11 -2.29 59.17 -7.12
C LEU G 11 -3.08 60.43 -6.81
N GLN G 12 -2.74 61.04 -5.67
CA GLN G 12 -3.08 62.42 -5.37
C GLN G 12 -2.85 63.33 -6.59
N PRO G 13 -3.84 64.16 -6.97
CA PRO G 13 -3.52 65.17 -7.99
C PRO G 13 -2.42 66.17 -7.58
N ASP G 14 -1.89 66.88 -8.57
CA ASP G 14 -0.83 67.86 -8.35
C ASP G 14 -1.40 69.04 -7.57
N LEU G 15 -0.59 69.61 -6.67
CA LEU G 15 -1.02 70.79 -5.91
C LEU G 15 -0.74 72.08 -6.66
N VAL G 16 -0.67 72.02 -7.99
CA VAL G 16 -0.36 73.19 -8.81
C VAL G 16 -1.24 73.14 -10.05
N TYR G 17 -0.89 72.29 -11.03
CA TYR G 17 -1.69 72.18 -12.23
C TYR G 17 -2.89 71.25 -11.99
N GLY G 18 -2.88 70.51 -10.88
CA GLY G 18 -3.99 69.65 -10.49
C GLY G 18 -4.12 68.40 -11.33
N ASP G 19 -2.98 67.79 -11.65
CA ASP G 19 -2.96 66.66 -12.55
C ASP G 19 -2.24 65.47 -11.93
N VAL G 20 -2.94 64.35 -11.88
CA VAL G 20 -2.34 63.07 -11.50
C VAL G 20 -1.05 62.77 -12.26
N LEU G 21 -1.08 63.02 -13.57
CA LEU G 21 0.03 62.69 -14.47
C LEU G 21 1.33 63.45 -14.14
N VAL G 22 1.16 64.60 -13.50
CA VAL G 22 2.30 65.40 -13.07
C VAL G 22 2.98 64.69 -11.88
N THR G 23 2.26 64.50 -10.78
CA THR G 23 2.79 63.79 -9.60
C THR G 23 3.45 62.46 -9.98
N ALA G 24 2.76 61.71 -10.85
CA ALA G 24 3.30 60.51 -11.47
C ALA G 24 4.74 60.79 -11.89
N PHE G 25 4.88 61.83 -12.73
CA PHE G 25 6.19 62.25 -13.21
C PHE G 25 7.08 62.65 -12.03
N ILE G 26 6.54 63.46 -11.13
CA ILE G 26 7.35 63.91 -10.01
C ILE G 26 7.93 62.67 -9.29
N ASN G 27 7.06 61.67 -9.07
CA ASN G 27 7.44 60.49 -8.30
C ASN G 27 8.68 59.84 -8.90
N LYS G 28 8.64 59.60 -10.22
CA LYS G 28 9.82 59.06 -10.96
C LYS G 28 11.14 59.85 -10.73
N ILE G 29 11.03 61.17 -10.66
CA ILE G 29 12.20 62.01 -10.42
C ILE G 29 12.75 61.80 -9.01
N MET G 30 11.86 61.55 -8.06
CA MET G 30 12.24 61.40 -6.66
C MET G 30 13.32 60.34 -6.51
N ARG G 31 14.32 60.62 -5.67
CA ARG G 31 15.33 59.63 -5.32
C ARG G 31 15.01 59.18 -3.91
N ASP G 32 15.99 59.08 -3.02
CA ASP G 32 15.91 58.31 -1.76
C ASP G 32 14.66 58.48 -0.91
N GLY G 33 13.51 58.81 -1.51
CA GLY G 33 12.30 59.18 -0.78
C GLY G 33 12.21 60.66 -0.46
N LYS G 34 13.01 61.47 -1.15
CA LYS G 34 13.03 62.93 -0.97
C LYS G 34 12.10 63.61 -2.00
N LYS G 35 10.81 63.58 -1.68
CA LYS G 35 9.75 64.10 -2.56
C LYS G 35 9.85 65.60 -2.69
N ASN G 36 10.40 66.25 -1.66
CA ASN G 36 10.43 67.72 -1.65
C ASN G 36 11.28 68.18 -2.81
N LEU G 37 12.60 68.02 -2.66
CA LEU G 37 13.56 68.28 -3.71
C LEU G 37 13.03 67.79 -5.09
N ALA G 38 12.40 66.62 -5.11
CA ALA G 38 11.85 66.09 -6.35
C ALA G 38 10.90 67.08 -7.00
N ALA G 39 9.99 67.63 -6.20
CA ALA G 39 8.97 68.55 -6.68
C ALA G 39 9.59 69.85 -7.11
N ARG G 40 10.44 70.41 -6.25
CA ARG G 40 11.10 71.67 -6.56
C ARG G 40 11.62 71.57 -7.98
N ILE G 41 12.54 70.65 -8.20
CA ILE G 41 13.04 70.32 -9.53
C ILE G 41 11.99 70.42 -10.67
N PHE G 42 10.88 69.67 -10.62
CA PHE G 42 9.92 69.70 -11.74
C PHE G 42 9.27 71.03 -12.01
N TYR G 43 9.00 71.77 -10.95
CA TYR G 43 8.44 73.10 -11.06
C TYR G 43 9.49 74.06 -11.59
N ASP G 44 10.59 74.23 -10.87
CA ASP G 44 11.74 74.98 -11.41
C ASP G 44 12.07 74.66 -12.86
N ALA G 45 11.74 73.45 -13.29
CA ALA G 45 11.90 73.06 -14.68
C ALA G 45 10.83 73.69 -15.58
N CYS G 46 9.59 73.74 -15.11
CA CYS G 46 8.50 74.44 -15.82
C CYS G 46 8.81 75.95 -15.98
N LYS G 47 9.63 76.48 -15.06
CA LYS G 47 10.05 77.87 -15.14
C LYS G 47 11.02 78.07 -16.31
N ILE G 48 11.88 77.07 -16.58
CA ILE G 48 12.80 77.16 -17.72
C ILE G 48 12.08 76.84 -19.06
N ILE G 49 10.77 76.67 -19.05
CA ILE G 49 10.01 76.61 -20.30
C ILE G 49 9.15 77.88 -20.48
N GLN G 50 9.11 78.76 -19.46
CA GLN G 50 8.73 80.15 -19.68
C GLN G 50 9.94 80.83 -20.28
N GLU G 51 10.93 81.14 -19.44
CA GLU G 51 12.16 81.79 -19.88
C GLU G 51 12.63 81.35 -21.27
N LYS G 52 12.26 80.15 -21.73
CA LYS G 52 12.76 79.69 -23.02
C LYS G 52 11.74 79.74 -24.14
N THR G 53 10.50 79.35 -23.88
CA THR G 53 9.48 79.36 -24.92
C THR G 53 8.19 80.05 -24.45
N GLY G 54 7.44 80.59 -25.40
CA GLY G 54 6.21 81.31 -25.09
C GLY G 54 5.10 80.42 -24.57
N GLN G 55 5.29 79.10 -24.66
CA GLN G 55 4.21 78.14 -24.43
C GLN G 55 3.95 77.87 -22.95
N GLU G 56 2.82 77.24 -22.66
CA GLU G 56 2.46 76.84 -21.29
C GLU G 56 3.17 75.48 -20.94
N PRO G 57 3.86 75.39 -19.77
CA PRO G 57 4.59 74.16 -19.44
C PRO G 57 3.74 72.91 -19.60
N LEU G 58 2.64 72.81 -18.86
CA LEU G 58 1.74 71.64 -18.94
C LEU G 58 1.56 71.12 -20.38
N LYS G 59 1.22 72.00 -21.31
CA LYS G 59 0.93 71.62 -22.70
C LYS G 59 2.13 70.97 -23.36
N VAL G 60 3.31 71.52 -23.09
CA VAL G 60 4.59 70.96 -23.54
C VAL G 60 4.83 69.56 -22.94
N PHE G 61 4.63 69.48 -21.62
CA PHE G 61 4.76 68.23 -20.88
C PHE G 61 3.86 67.16 -21.50
N LYS G 62 2.55 67.36 -21.41
CA LYS G 62 1.60 66.48 -22.09
C LYS G 62 2.05 66.04 -23.49
N GLN G 63 2.44 67.01 -24.29
CA GLN G 63 2.63 66.78 -25.73
C GLN G 63 3.97 66.07 -26.01
N ALA G 64 4.94 66.25 -25.11
CA ALA G 64 6.21 65.50 -25.16
C ALA G 64 5.96 64.05 -24.78
N VAL G 65 5.33 63.85 -23.63
CA VAL G 65 4.91 62.52 -23.20
C VAL G 65 4.21 61.82 -24.36
N GLU G 66 3.07 62.34 -24.80
CA GLU G 66 2.38 61.78 -25.97
C GLU G 66 3.35 61.41 -27.11
N ASN G 67 4.46 62.11 -27.23
CA ASN G 67 5.45 61.80 -28.25
C ASN G 67 6.40 60.62 -27.96
N VAL G 68 6.47 60.17 -26.71
CA VAL G 68 7.42 59.11 -26.30
C VAL G 68 6.72 57.80 -25.95
N LYS G 69 5.41 57.76 -26.14
CA LYS G 69 4.69 56.53 -25.96
C LYS G 69 4.92 55.64 -27.16
N PRO G 70 5.38 54.38 -26.94
CA PRO G 70 5.46 53.42 -28.04
C PRO G 70 4.07 52.85 -28.36
N ARG G 71 3.90 52.33 -29.58
CA ARG G 71 2.65 51.68 -29.94
C ARG G 71 2.83 50.18 -29.99
N MET G 72 4.03 49.74 -30.38
CA MET G 72 4.34 48.33 -30.47
C MET G 72 5.54 48.03 -29.61
N GLU G 73 5.75 46.77 -29.30
CA GLU G 73 7.01 46.32 -28.71
C GLU G 73 7.12 44.81 -28.78
N VAL G 74 8.36 44.33 -28.73
CA VAL G 74 8.62 42.90 -28.70
C VAL G 74 8.63 42.38 -27.26
N ARG G 75 7.60 41.62 -26.91
CA ARG G 75 7.63 40.80 -25.72
C ARG G 75 8.33 39.49 -26.09
N SER G 76 9.28 39.09 -25.26
CA SER G 76 10.01 37.83 -25.45
C SER G 76 9.09 36.60 -25.43
N ARG G 77 9.52 35.53 -26.12
CA ARG G 77 8.82 34.24 -26.08
C ARG G 77 9.78 33.05 -26.34
N ARG G 78 9.80 32.14 -25.36
CA ARG G 78 10.43 30.84 -25.48
C ARG G 78 9.52 29.90 -26.27
N VAL G 79 10.10 29.14 -27.19
CA VAL G 79 9.48 27.90 -27.69
C VAL G 79 10.61 26.87 -27.77
N GLY G 80 10.30 25.59 -27.54
CA GLY G 80 11.32 24.53 -27.46
C GLY G 80 12.18 24.33 -28.71
N GLY G 81 13.13 25.25 -28.92
CA GLY G 81 14.01 25.25 -30.09
C GLY G 81 14.68 26.57 -30.46
N ALA G 82 14.15 27.68 -29.93
CA ALA G 82 14.70 29.03 -30.16
C ALA G 82 13.93 30.11 -29.37
N ASN G 83 14.46 31.34 -29.37
CA ASN G 83 13.83 32.47 -28.68
C ASN G 83 13.25 33.49 -29.66
N TYR G 84 12.01 33.89 -29.37
CA TYR G 84 11.23 34.69 -30.31
C TYR G 84 10.73 36.02 -29.74
N GLN G 85 11.26 37.10 -30.28
CA GLN G 85 10.82 38.44 -29.93
C GLN G 85 9.55 38.74 -30.70
N VAL G 86 8.40 38.64 -30.02
CA VAL G 86 7.08 38.76 -30.66
C VAL G 86 6.41 40.13 -30.45
N PRO G 87 6.12 40.84 -31.54
CA PRO G 87 5.49 42.16 -31.40
C PRO G 87 4.01 42.13 -31.03
N MET G 88 3.68 42.74 -29.89
CA MET G 88 2.29 43.03 -29.50
C MET G 88 2.09 44.55 -29.28
N GLU G 89 0.83 44.99 -29.28
CA GLU G 89 0.47 46.39 -29.04
C GLU G 89 0.87 46.71 -27.63
N VAL G 90 0.68 47.97 -27.23
CA VAL G 90 1.03 48.38 -25.88
C VAL G 90 -0.20 48.96 -25.19
N SER G 91 -0.63 48.28 -24.13
CA SER G 91 -1.75 48.74 -23.29
C SER G 91 -1.47 50.11 -22.66
N PRO G 92 -2.46 51.00 -22.68
CA PRO G 92 -2.22 52.38 -22.29
C PRO G 92 -1.56 52.64 -20.94
N ARG G 93 -1.73 51.77 -19.93
CA ARG G 93 -0.98 51.93 -18.65
C ARG G 93 0.54 51.80 -18.88
N ARG G 94 0.94 50.87 -19.74
CA ARG G 94 2.37 50.61 -19.94
C ARG G 94 2.97 51.80 -20.68
N GLN G 95 2.26 52.26 -21.71
CA GLN G 95 2.65 53.46 -22.43
C GLN G 95 2.99 54.55 -21.44
N GLN G 96 1.97 55.00 -20.69
CA GLN G 96 2.13 55.95 -19.60
C GLN G 96 3.50 55.84 -18.89
N SER G 97 3.86 54.62 -18.49
CA SER G 97 4.99 54.38 -17.56
C SER G 97 6.34 54.42 -18.27
N LEU G 98 6.37 53.78 -19.44
CA LEU G 98 7.59 53.70 -20.26
C LEU G 98 8.03 55.07 -20.66
N ALA G 99 7.07 55.85 -21.16
CA ALA G 99 7.29 57.24 -21.50
C ALA G 99 7.92 57.99 -20.31
N LEU G 100 7.21 58.05 -19.19
CA LEU G 100 7.64 58.83 -18.04
C LEU G 100 8.93 58.31 -17.45
N ARG G 101 9.08 56.98 -17.37
CA ARG G 101 10.36 56.37 -17.04
C ARG G 101 11.43 56.91 -18.01
N TRP G 102 11.17 56.77 -19.31
CA TRP G 102 12.17 57.09 -20.33
C TRP G 102 12.59 58.54 -20.23
N LEU G 103 11.63 59.47 -20.27
CA LEU G 103 11.96 60.88 -20.07
C LEU G 103 13.02 61.12 -18.99
N VAL G 104 12.71 60.76 -17.75
CA VAL G 104 13.64 60.98 -16.63
C VAL G 104 15.02 60.43 -16.93
N GLN G 105 15.04 59.21 -17.47
CA GLN G 105 16.30 58.53 -17.81
C GLN G 105 17.05 59.25 -18.93
N ALA G 106 16.36 59.46 -20.05
CA ALA G 106 16.87 60.30 -21.13
C ALA G 106 17.41 61.62 -20.58
N ALA G 107 16.63 62.22 -19.70
CA ALA G 107 17.00 63.47 -19.11
C ALA G 107 18.23 63.37 -18.22
N ASN G 108 18.36 62.33 -17.41
CA ASN G 108 19.55 62.31 -16.57
C ASN G 108 20.82 61.91 -17.31
N GLN G 109 20.66 61.45 -18.55
CA GLN G 109 21.76 61.15 -19.49
C GLN G 109 22.37 62.39 -20.17
N ARG G 110 21.57 63.46 -20.24
CA ARG G 110 21.99 64.74 -20.83
C ARG G 110 23.24 65.36 -20.18
N PRO G 111 23.79 66.41 -20.80
CA PRO G 111 25.03 66.99 -20.28
C PRO G 111 24.90 68.07 -19.21
N GLU G 112 23.93 68.98 -19.34
CA GLU G 112 23.86 70.14 -18.43
C GLU G 112 23.93 69.74 -16.95
N ARG G 113 24.54 70.61 -16.13
CA ARG G 113 24.96 70.20 -14.78
C ARG G 113 23.85 70.21 -13.73
N ARG G 114 22.62 70.60 -14.08
CA ARG G 114 21.59 70.82 -13.07
C ARG G 114 20.22 70.19 -13.35
N ALA G 115 19.75 69.45 -12.35
CA ALA G 115 18.44 68.81 -12.37
C ALA G 115 17.39 69.46 -13.25
N ALA G 116 17.06 70.71 -12.93
CA ALA G 116 15.87 71.37 -13.51
C ALA G 116 16.03 71.78 -14.97
N VAL G 117 17.28 71.84 -15.45
CA VAL G 117 17.59 72.15 -16.84
C VAL G 117 17.45 70.91 -17.70
N ARG G 118 18.13 69.84 -17.28
CA ARG G 118 18.07 68.54 -17.95
C ARG G 118 16.61 68.13 -18.19
N ILE G 119 15.82 68.20 -17.13
CA ILE G 119 14.40 67.92 -17.26
C ILE G 119 13.79 68.79 -18.35
N ALA G 120 14.07 70.09 -18.25
CA ALA G 120 13.47 71.09 -19.10
C ALA G 120 13.78 70.85 -20.58
N HIS G 121 15.07 70.83 -20.93
CA HIS G 121 15.50 70.64 -22.33
C HIS G 121 14.84 69.39 -22.92
N GLU G 122 15.11 68.24 -22.30
CA GLU G 122 14.50 66.97 -22.68
C GLU G 122 13.02 67.16 -23.02
N LEU G 123 12.31 67.77 -22.07
CA LEU G 123 10.88 67.98 -22.21
C LEU G 123 10.60 68.75 -23.50
N MET G 124 11.35 69.83 -23.72
CA MET G 124 11.23 70.60 -24.95
C MET G 124 11.63 69.75 -26.16
N ASP G 125 12.86 69.23 -26.14
CA ASP G 125 13.44 68.55 -27.31
C ASP G 125 12.61 67.34 -27.76
N ALA G 126 11.81 66.81 -26.86
CA ALA G 126 11.00 65.65 -27.16
C ALA G 126 9.58 66.02 -27.61
N ALA G 127 9.09 67.18 -27.20
CA ALA G 127 7.81 67.71 -27.75
C ALA G 127 8.01 68.29 -29.15
N GLU G 128 9.24 68.66 -29.49
CA GLU G 128 9.63 68.90 -30.89
C GLU G 128 9.65 67.58 -31.64
N GLY G 129 10.05 66.53 -30.93
CA GLY G 129 10.07 65.18 -31.45
C GLY G 129 11.48 64.71 -31.75
N LYS G 130 12.48 65.32 -31.13
CA LYS G 130 13.87 64.87 -31.28
C LYS G 130 14.58 64.61 -29.94
N GLY G 131 13.89 63.92 -29.03
CA GLY G 131 14.50 63.48 -27.78
C GLY G 131 15.39 62.24 -27.91
N GLY G 132 16.37 62.13 -27.00
CA GLY G 132 17.05 60.86 -26.73
C GLY G 132 16.14 59.88 -26.00
N ALA G 133 15.03 60.41 -25.49
CA ALA G 133 13.91 59.57 -25.09
C ALA G 133 13.28 58.98 -26.34
N VAL G 134 12.94 59.86 -27.27
CA VAL G 134 12.28 59.47 -28.50
C VAL G 134 13.11 58.49 -29.35
N LYS G 135 14.45 58.55 -29.24
CA LYS G 135 15.31 57.46 -29.76
C LYS G 135 14.81 56.14 -29.20
N LYS G 136 15.11 55.86 -27.93
CA LYS G 136 14.57 54.66 -27.26
C LYS G 136 13.06 54.70 -27.18
N LYS G 137 12.44 55.05 -28.31
CA LYS G 137 11.03 54.86 -28.55
C LYS G 137 10.83 54.36 -29.96
N GLU G 138 11.45 55.03 -30.92
CA GLU G 138 11.38 54.59 -32.31
C GLU G 138 12.14 53.30 -32.52
N ASP G 139 13.13 53.05 -31.64
CA ASP G 139 13.89 51.80 -31.60
C ASP G 139 13.01 50.65 -31.24
N VAL G 140 12.23 50.79 -30.16
CA VAL G 140 11.30 49.74 -29.79
C VAL G 140 10.30 49.50 -30.93
N GLU G 141 9.70 50.57 -31.44
CA GLU G 141 8.72 50.44 -32.52
C GLU G 141 9.32 49.72 -33.73
N ARG G 142 10.58 50.07 -34.02
CA ARG G 142 11.38 49.45 -35.09
C ARG G 142 11.74 47.98 -34.84
N MET G 143 12.00 47.65 -33.59
CA MET G 143 12.43 46.31 -33.20
C MET G 143 11.29 45.33 -33.41
N ALA G 144 10.09 45.75 -33.03
CA ALA G 144 8.88 45.16 -33.54
C ALA G 144 8.97 45.50 -35.01
N GLU G 145 8.16 44.92 -35.88
CA GLU G 145 8.23 45.37 -37.28
C GLU G 145 9.38 44.71 -38.05
N ALA G 146 10.58 44.74 -37.47
CA ALA G 146 11.71 43.93 -37.96
C ALA G 146 11.51 42.45 -37.58
N ASN G 147 10.85 42.23 -36.45
CA ASN G 147 10.42 40.91 -36.04
C ASN G 147 8.94 40.70 -36.40
N ARG G 148 8.49 41.42 -37.44
CA ARG G 148 7.10 41.36 -37.92
C ARG G 148 6.74 39.98 -38.42
N ALA G 149 7.76 39.19 -38.75
CA ALA G 149 7.57 37.82 -39.21
C ALA G 149 7.02 36.93 -38.10
N TYR G 150 7.58 37.04 -36.91
CA TYR G 150 7.14 36.25 -35.74
C TYR G 150 5.86 36.78 -35.09
N ALA G 151 5.34 37.88 -35.61
CA ALA G 151 4.15 38.52 -35.05
C ALA G 151 2.86 37.72 -35.27
N HIS G 152 2.97 36.41 -35.46
CA HIS G 152 1.78 35.60 -35.66
C HIS G 152 1.57 34.61 -34.51
N TYR G 153 2.48 34.58 -33.55
CA TYR G 153 2.20 33.92 -32.27
C TYR G 153 1.34 34.80 -31.35
N ARG G 154 1.85 35.99 -31.02
CA ARG G 154 1.30 36.89 -29.98
C ARG G 154 0.23 36.22 -29.11
N TRP G 155 0.67 35.72 -27.95
CA TRP G 155 -0.23 35.14 -26.95
C TRP G 155 -0.81 36.21 -26.01
N MET H 1 -22.74 -34.26 -28.59
CA MET H 1 -24.02 -35.05 -28.74
C MET H 1 -24.93 -35.12 -27.49
N LEU H 2 -24.36 -34.86 -26.31
CA LEU H 2 -24.92 -35.27 -25.00
C LEU H 2 -24.27 -36.59 -24.57
N THR H 3 -23.17 -36.45 -23.86
CA THR H 3 -22.31 -37.57 -23.52
C THR H 3 -22.80 -38.32 -22.30
N ASP H 4 -23.31 -37.61 -21.29
CA ASP H 4 -23.94 -38.24 -20.13
C ASP H 4 -25.28 -37.64 -19.72
N PRO H 5 -26.37 -38.28 -20.14
CA PRO H 5 -27.71 -38.00 -19.76
C PRO H 5 -27.92 -37.99 -18.27
N ILE H 6 -27.43 -38.98 -17.55
CA ILE H 6 -27.67 -38.98 -16.11
C ILE H 6 -27.07 -37.71 -15.47
N ALA H 7 -25.86 -37.37 -15.88
CA ALA H 7 -25.19 -36.18 -15.34
C ALA H 7 -25.90 -34.90 -15.76
N ASP H 8 -26.40 -34.89 -17.00
CA ASP H 8 -27.08 -33.72 -17.47
C ASP H 8 -28.18 -33.46 -16.51
N MET H 9 -29.04 -34.46 -16.34
CA MET H 9 -30.09 -34.40 -15.35
C MET H 9 -29.51 -33.96 -14.00
N LEU H 10 -28.54 -34.68 -13.47
CA LEU H 10 -28.13 -34.36 -12.10
C LEU H 10 -27.85 -32.87 -11.95
N THR H 11 -27.42 -32.31 -13.08
CA THR H 11 -27.00 -30.92 -13.19
C THR H 11 -28.17 -29.96 -13.42
N ARG H 12 -29.04 -30.28 -14.36
CA ARG H 12 -30.25 -29.50 -14.56
C ARG H 12 -30.91 -29.22 -13.22
N ILE H 13 -30.86 -30.24 -12.35
CA ILE H 13 -31.43 -30.12 -11.02
C ILE H 13 -30.54 -29.21 -10.16
N ARG H 14 -29.23 -29.42 -10.20
CA ARG H 14 -28.31 -28.52 -9.49
C ARG H 14 -28.56 -27.05 -9.89
N ASN H 15 -28.69 -26.82 -11.21
CA ASN H 15 -28.76 -25.46 -11.74
C ASN H 15 -30.07 -24.77 -11.38
N ALA H 16 -31.19 -25.38 -11.75
CA ALA H 16 -32.54 -24.90 -11.37
C ALA H 16 -32.69 -24.63 -9.88
N THR H 17 -32.33 -25.58 -9.05
CA THR H 17 -32.45 -25.38 -7.62
C THR H 17 -31.69 -24.15 -7.06
N ARG H 18 -30.61 -23.74 -7.75
CA ARG H 18 -29.76 -22.63 -7.29
C ARG H 18 -30.27 -21.18 -7.63
N VAL H 19 -31.25 -21.11 -8.52
CA VAL H 19 -32.00 -19.89 -8.78
C VAL H 19 -33.42 -20.10 -8.30
N TYR H 20 -33.57 -20.99 -7.32
CA TYR H 20 -34.85 -21.29 -6.70
C TYR H 20 -36.04 -21.43 -7.64
N LYS H 21 -35.88 -22.13 -8.76
CA LYS H 21 -36.99 -22.38 -9.67
C LYS H 21 -37.99 -23.34 -9.02
N GLU H 22 -39.20 -23.41 -9.56
CA GLU H 22 -40.23 -24.35 -9.05
C GLU H 22 -40.20 -25.69 -9.81
N SER H 23 -39.82 -25.67 -11.08
CA SER H 23 -39.91 -26.85 -11.90
C SER H 23 -38.79 -26.90 -12.95
N THR H 24 -38.53 -28.08 -13.54
CA THR H 24 -37.45 -28.33 -14.52
C THR H 24 -37.74 -29.49 -15.44
N ASP H 25 -37.76 -29.24 -16.73
CA ASP H 25 -37.89 -30.32 -17.70
C ASP H 25 -36.56 -31.01 -17.86
N VAL H 26 -36.59 -32.32 -18.14
CA VAL H 26 -35.40 -33.07 -18.54
C VAL H 26 -35.87 -34.07 -19.55
N PRO H 27 -35.10 -34.30 -20.59
CA PRO H 27 -35.60 -35.25 -21.57
C PRO H 27 -35.57 -36.66 -20.97
N ALA H 28 -36.53 -37.48 -21.39
CA ALA H 28 -37.01 -38.58 -20.58
C ALA H 28 -36.39 -39.91 -20.97
N SER H 29 -35.95 -40.62 -19.94
CA SER H 29 -35.60 -42.01 -20.10
C SER H 29 -36.03 -42.79 -18.87
N ARG H 30 -36.02 -44.10 -19.05
CA ARG H 30 -36.47 -45.02 -18.03
C ARG H 30 -35.48 -44.97 -16.85
N PHE H 31 -34.20 -44.98 -17.17
CA PHE H 31 -33.20 -44.95 -16.13
C PHE H 31 -33.26 -43.59 -15.44
N LYS H 32 -33.54 -42.53 -16.20
CA LYS H 32 -33.73 -41.23 -15.60
C LYS H 32 -34.92 -41.25 -14.64
N GLU H 33 -36.03 -41.84 -15.06
CA GLU H 33 -37.23 -41.96 -14.19
C GLU H 33 -36.88 -42.58 -12.82
N GLU H 34 -36.02 -43.59 -12.86
CA GLU H 34 -35.72 -44.40 -11.68
C GLU H 34 -35.05 -43.58 -10.60
N ILE H 35 -34.01 -42.87 -11.01
CA ILE H 35 -33.22 -42.12 -10.08
C ILE H 35 -34.17 -41.11 -9.41
N LEU H 36 -35.11 -40.58 -10.19
CA LEU H 36 -36.06 -39.58 -9.70
C LEU H 36 -37.00 -40.10 -8.56
N ARG H 37 -37.43 -41.36 -8.67
CA ARG H 37 -38.22 -41.98 -7.60
C ARG H 37 -37.46 -42.02 -6.27
N ILE H 38 -36.23 -42.49 -6.32
CA ILE H 38 -35.40 -42.52 -5.11
C ILE H 38 -35.23 -41.09 -4.56
N LEU H 39 -35.04 -40.17 -5.48
CA LEU H 39 -34.98 -38.78 -5.12
C LEU H 39 -36.27 -38.36 -4.43
N ALA H 40 -37.39 -38.64 -5.06
CA ALA H 40 -38.71 -38.30 -4.50
C ALA H 40 -38.99 -39.00 -3.17
N ARG H 41 -38.94 -40.33 -3.17
CA ARG H 41 -39.05 -41.13 -1.94
C ARG H 41 -38.24 -40.62 -0.73
N GLU H 42 -37.05 -40.07 -0.92
CA GLU H 42 -36.25 -39.65 0.24
C GLU H 42 -36.47 -38.17 0.55
N GLY H 43 -37.42 -37.59 -0.19
CA GLY H 43 -37.92 -36.23 0.03
C GLY H 43 -36.88 -35.17 -0.20
N PHE H 44 -36.21 -35.26 -1.34
CA PHE H 44 -35.26 -34.24 -1.83
C PHE H 44 -35.99 -33.37 -2.83
N ILE H 45 -36.92 -33.99 -3.55
CA ILE H 45 -37.85 -33.26 -4.36
C ILE H 45 -39.25 -33.60 -3.92
N LYS H 46 -40.19 -32.83 -4.43
CA LYS H 46 -41.62 -33.10 -4.27
C LYS H 46 -42.00 -34.26 -5.18
N GLY H 47 -41.37 -34.36 -6.34
CA GLY H 47 -41.71 -35.40 -7.31
C GLY H 47 -41.58 -35.00 -8.77
N TYR H 48 -42.02 -35.89 -9.63
CA TYR H 48 -41.91 -35.67 -11.03
C TYR H 48 -43.18 -36.09 -11.73
N GLU H 49 -43.27 -35.88 -13.02
CA GLU H 49 -44.32 -36.51 -13.81
C GLU H 49 -43.95 -36.40 -15.27
N ARG H 50 -44.34 -37.39 -16.06
CA ARG H 50 -44.07 -37.32 -17.51
C ARG H 50 -44.76 -36.11 -18.08
N VAL H 51 -44.39 -35.78 -19.30
CA VAL H 51 -45.10 -34.81 -20.10
C VAL H 51 -44.74 -35.12 -21.53
N ASP H 52 -45.31 -34.29 -22.42
CA ASP H 52 -44.82 -34.15 -23.77
C ASP H 52 -44.57 -32.66 -24.05
N VAL H 53 -43.49 -32.40 -24.78
CA VAL H 53 -43.08 -31.05 -25.11
C VAL H 53 -42.61 -31.12 -26.56
N ASP H 54 -43.37 -30.50 -27.45
CA ASP H 54 -43.07 -30.45 -28.87
C ASP H 54 -42.97 -31.88 -29.45
N GLY H 55 -44.00 -32.68 -29.22
CA GLY H 55 -44.08 -34.06 -29.72
C GLY H 55 -43.25 -35.06 -28.92
N LYS H 56 -42.50 -34.58 -27.94
CA LYS H 56 -41.40 -35.35 -27.41
C LYS H 56 -41.38 -35.43 -25.87
N PRO H 57 -41.08 -36.63 -25.33
CA PRO H 57 -41.11 -36.94 -23.88
C PRO H 57 -40.09 -36.23 -22.99
N TYR H 58 -40.59 -35.45 -22.03
CA TYR H 58 -39.75 -34.87 -20.98
C TYR H 58 -40.25 -35.30 -19.61
N LEU H 59 -39.47 -35.15 -18.56
CA LEU H 59 -40.00 -35.42 -17.23
C LEU H 59 -39.96 -34.16 -16.46
N ARG H 60 -41.09 -33.54 -16.21
CA ARG H 60 -41.03 -32.32 -15.39
C ARG H 60 -40.63 -32.66 -13.94
N VAL H 61 -39.81 -31.83 -13.30
CA VAL H 61 -39.33 -32.08 -11.93
C VAL H 61 -39.62 -30.94 -10.94
N TYR H 62 -40.34 -31.29 -9.87
CA TYR H 62 -40.83 -30.32 -8.89
C TYR H 62 -39.84 -30.24 -7.74
N LEU H 63 -39.10 -29.14 -7.64
CA LEU H 63 -38.02 -29.09 -6.65
C LEU H 63 -38.63 -28.66 -5.35
N LYS H 64 -37.79 -28.57 -4.31
CA LYS H 64 -38.29 -28.31 -2.98
C LYS H 64 -37.17 -27.76 -2.13
N TYR H 65 -37.56 -26.81 -1.28
CA TYR H 65 -36.65 -25.86 -0.62
C TYR H 65 -37.04 -25.72 0.82
N GLY H 66 -36.24 -25.04 1.61
CA GLY H 66 -36.62 -24.77 2.97
C GLY H 66 -37.61 -23.61 3.08
N PRO H 67 -37.77 -23.11 4.30
CA PRO H 67 -38.58 -21.95 4.50
C PRO H 67 -37.73 -20.70 4.25
N ARG H 68 -38.35 -19.61 3.76
CA ARG H 68 -37.69 -18.28 3.68
C ARG H 68 -37.08 -17.90 5.03
N ARG H 69 -36.00 -17.13 4.97
CA ARG H 69 -35.09 -17.09 6.09
C ARG H 69 -34.75 -15.69 6.56
N GLN H 70 -33.98 -15.61 7.63
CA GLN H 70 -34.05 -14.46 8.50
C GLN H 70 -33.50 -13.20 7.91
N GLY H 71 -32.18 -12.99 8.06
CA GLY H 71 -31.59 -11.66 8.00
C GLY H 71 -31.31 -11.08 6.62
N PRO H 72 -30.06 -10.67 6.39
CA PRO H 72 -29.65 -10.20 5.05
C PRO H 72 -29.43 -11.43 4.19
N ASP H 73 -30.02 -11.48 3.00
CA ASP H 73 -30.16 -12.78 2.30
C ASP H 73 -31.19 -13.69 2.99
N PRO H 74 -32.45 -13.63 2.53
CA PRO H 74 -33.54 -14.42 3.00
C PRO H 74 -33.77 -15.60 2.08
N ARG H 75 -32.77 -16.01 1.33
CA ARG H 75 -33.02 -17.12 0.46
C ARG H 75 -33.09 -18.36 1.31
N PRO H 76 -34.01 -19.21 0.96
CA PRO H 76 -34.15 -20.46 1.64
C PRO H 76 -32.87 -21.25 1.67
N GLU H 77 -32.72 -22.05 2.74
CA GLU H 77 -31.90 -23.25 2.69
C GLU H 77 -32.47 -24.10 1.58
N GLN H 78 -31.75 -25.13 1.25
CA GLN H 78 -31.95 -25.86 0.06
C GLN H 78 -32.05 -27.30 0.52
N VAL H 79 -33.03 -28.04 0.00
CA VAL H 79 -33.25 -29.43 0.43
C VAL H 79 -32.17 -30.36 -0.17
N ILE H 80 -31.87 -30.14 -1.46
CA ILE H 80 -30.71 -30.73 -2.13
C ILE H 80 -29.47 -29.85 -2.07
N HIS H 81 -28.61 -30.09 -1.08
CA HIS H 81 -27.42 -29.24 -0.91
C HIS H 81 -26.31 -29.57 -1.91
N HIS H 82 -26.25 -30.85 -2.29
CA HIS H 82 -25.11 -31.46 -2.94
C HIS H 82 -25.65 -32.62 -3.75
N ILE H 83 -25.48 -32.58 -5.05
CA ILE H 83 -25.81 -33.71 -5.91
C ILE H 83 -24.64 -33.87 -6.91
N ARG H 84 -24.17 -35.11 -7.13
CA ARG H 84 -22.85 -35.32 -7.79
C ARG H 84 -22.57 -36.67 -8.48
N ARG H 85 -22.43 -36.70 -9.81
CA ARG H 85 -22.01 -37.93 -10.47
C ARG H 85 -20.77 -38.56 -9.88
N ILE H 86 -20.69 -39.90 -9.99
CA ILE H 86 -19.56 -40.64 -9.50
C ILE H 86 -19.12 -41.57 -10.60
N SER H 87 -19.90 -42.60 -10.91
CA SER H 87 -19.56 -43.35 -12.12
C SER H 87 -19.83 -42.30 -13.17
N LYS H 88 -19.00 -42.36 -14.21
CA LYS H 88 -19.01 -41.45 -15.37
C LYS H 88 -18.52 -42.22 -16.58
N PRO H 89 -18.99 -41.85 -17.76
CA PRO H 89 -18.55 -42.56 -18.97
C PRO H 89 -17.04 -42.69 -19.10
N GLY H 90 -16.30 -41.64 -18.76
CA GLY H 90 -14.84 -41.69 -18.82
C GLY H 90 -14.14 -42.43 -17.69
N ARG H 91 -14.91 -42.82 -16.67
CA ARG H 91 -14.42 -43.61 -15.53
C ARG H 91 -15.60 -44.12 -14.70
N ARG H 92 -15.96 -45.38 -14.97
CA ARG H 92 -17.02 -46.11 -14.26
C ARG H 92 -16.56 -46.59 -12.88
N VAL H 93 -17.45 -46.44 -11.89
CA VAL H 93 -17.17 -46.76 -10.49
C VAL H 93 -18.16 -47.82 -10.08
N TYR H 94 -17.64 -48.97 -9.66
CA TYR H 94 -18.43 -50.11 -9.25
C TYR H 94 -18.01 -50.49 -7.85
N VAL H 95 -18.94 -50.86 -6.99
CA VAL H 95 -18.58 -51.26 -5.63
C VAL H 95 -19.42 -52.42 -5.17
N GLY H 96 -18.81 -53.29 -4.39
CA GLY H 96 -19.53 -54.39 -3.77
C GLY H 96 -20.00 -53.99 -2.39
N VAL H 97 -21.18 -54.47 -2.02
CA VAL H 97 -21.80 -54.31 -0.68
C VAL H 97 -20.88 -54.01 0.53
N LYS H 98 -19.69 -54.60 0.51
CA LYS H 98 -18.71 -54.41 1.56
C LYS H 98 -18.13 -52.99 1.55
N GLU H 99 -18.10 -52.35 0.38
CA GLU H 99 -17.45 -51.05 0.16
C GLU H 99 -18.45 -49.94 -0.21
N ILE H 100 -19.69 -50.07 0.24
CA ILE H 100 -20.66 -49.05 -0.06
C ILE H 100 -20.47 -47.89 0.91
N PRO H 101 -20.41 -46.67 0.38
CA PRO H 101 -20.19 -45.47 1.17
C PRO H 101 -21.36 -45.09 2.06
N ARG H 102 -21.04 -44.57 3.24
CA ARG H 102 -22.04 -44.01 4.16
C ARG H 102 -22.01 -42.48 4.10
N VAL H 103 -22.74 -41.92 3.15
CA VAL H 103 -22.78 -40.48 2.96
C VAL H 103 -23.21 -39.72 4.22
N ARG H 104 -22.27 -38.93 4.72
CA ARG H 104 -22.53 -37.93 5.74
C ARG H 104 -23.10 -38.57 7.00
N ARG H 105 -22.26 -39.30 7.72
CA ARG H 105 -22.72 -40.22 8.79
C ARG H 105 -24.24 -40.46 8.83
N GLY H 106 -24.84 -40.88 7.72
CA GLY H 106 -26.25 -41.24 7.74
C GLY H 106 -27.12 -40.25 7.03
N LEU H 107 -26.92 -38.96 7.29
CA LEU H 107 -27.81 -37.93 6.75
C LEU H 107 -27.79 -37.82 5.21
N GLY H 108 -27.09 -38.71 4.51
CA GLY H 108 -26.94 -38.61 3.08
C GLY H 108 -27.24 -39.87 2.28
N ILE H 109 -27.72 -39.66 1.08
CA ILE H 109 -27.98 -40.70 0.11
C ILE H 109 -26.74 -41.08 -0.71
N ALA H 110 -26.73 -42.32 -1.22
CA ALA H 110 -25.89 -42.70 -2.36
C ALA H 110 -26.65 -43.63 -3.31
N ILE H 111 -27.40 -43.03 -4.24
CA ILE H 111 -28.05 -43.77 -5.29
C ILE H 111 -27.02 -44.59 -6.02
N LEU H 112 -27.44 -45.76 -6.50
CA LEU H 112 -26.57 -46.88 -6.67
C LEU H 112 -27.27 -47.96 -7.53
N SER H 113 -26.82 -48.21 -8.75
CA SER H 113 -27.52 -49.16 -9.66
C SER H 113 -27.04 -50.61 -9.57
N THR H 114 -27.94 -51.55 -9.23
CA THR H 114 -27.61 -52.99 -9.05
C THR H 114 -28.47 -53.95 -9.90
N SER H 115 -28.13 -55.23 -9.92
CA SER H 115 -28.95 -56.20 -10.64
C SER H 115 -30.36 -56.42 -10.03
N LYS H 116 -30.49 -56.09 -8.75
CA LYS H 116 -31.79 -55.94 -8.09
C LYS H 116 -32.49 -54.61 -8.42
N GLY H 117 -31.79 -53.72 -9.14
CA GLY H 117 -32.36 -52.46 -9.59
C GLY H 117 -31.77 -51.27 -8.85
N VAL H 118 -32.12 -50.08 -9.31
CA VAL H 118 -31.64 -48.80 -8.75
C VAL H 118 -32.02 -48.64 -7.27
N LEU H 119 -31.11 -48.30 -6.39
CA LEU H 119 -31.34 -48.47 -4.93
C LEU H 119 -30.58 -47.50 -4.08
N THR H 120 -31.08 -47.08 -2.93
CA THR H 120 -30.20 -46.30 -2.03
C THR H 120 -29.16 -47.22 -1.41
N ASP H 121 -28.22 -46.61 -0.70
CA ASP H 121 -27.13 -47.36 -0.07
C ASP H 121 -27.67 -48.33 0.98
N ARG H 122 -28.50 -47.84 1.91
CA ARG H 122 -29.08 -48.72 2.95
C ARG H 122 -29.96 -49.77 2.33
N GLU H 123 -30.80 -49.42 1.36
CA GLU H 123 -31.57 -50.45 0.62
C GLU H 123 -30.62 -51.57 0.14
N ALA H 124 -29.69 -51.21 -0.74
CA ALA H 124 -28.65 -52.10 -1.28
C ALA H 124 -27.86 -52.89 -0.23
N ARG H 125 -27.54 -52.24 0.88
CA ARG H 125 -26.77 -52.85 1.96
C ARG H 125 -27.61 -53.95 2.54
N LYS H 126 -28.85 -53.62 2.88
CA LYS H 126 -29.77 -54.60 3.48
C LYS H 126 -30.13 -55.74 2.51
N LEU H 127 -30.47 -55.41 1.26
CA LEU H 127 -30.55 -56.43 0.18
C LEU H 127 -29.25 -57.19 -0.12
N GLY H 128 -28.14 -56.66 0.43
CA GLY H 128 -26.81 -57.23 0.31
C GLY H 128 -26.14 -57.12 -1.04
N VAL H 129 -26.52 -56.17 -1.87
CA VAL H 129 -25.86 -56.08 -3.18
C VAL H 129 -25.04 -54.80 -3.37
N GLY H 130 -24.15 -54.79 -4.37
CA GLY H 130 -23.40 -53.60 -4.74
C GLY H 130 -23.71 -53.28 -6.19
N GLY H 131 -22.97 -52.35 -6.79
CA GLY H 131 -23.12 -52.06 -8.22
C GLY H 131 -22.39 -50.82 -8.68
N GLU H 132 -22.83 -50.28 -9.82
CA GLU H 132 -22.32 -49.02 -10.37
C GLU H 132 -22.79 -47.96 -9.43
N LEU H 133 -21.88 -47.27 -8.76
CA LEU H 133 -22.28 -46.26 -7.78
C LEU H 133 -22.65 -44.98 -8.50
N ILE H 134 -23.94 -44.77 -8.75
CA ILE H 134 -24.38 -43.66 -9.59
C ILE H 134 -23.94 -42.28 -9.12
N CYS H 135 -24.30 -41.94 -7.89
CA CYS H 135 -24.07 -40.57 -7.46
C CYS H 135 -24.25 -40.43 -5.95
N GLU H 136 -24.31 -39.20 -5.47
CA GLU H 136 -24.60 -38.99 -4.09
C GLU H 136 -25.33 -37.67 -3.92
N VAL H 137 -26.37 -37.67 -3.05
CA VAL H 137 -27.08 -36.45 -2.66
C VAL H 137 -27.06 -36.24 -1.17
N TRP H 138 -26.86 -34.99 -0.76
CA TRP H 138 -27.02 -34.62 0.64
C TRP H 138 -27.47 -33.20 0.76
N GLU I 1 -17.99 82.16 17.61
CA GLU I 1 -16.70 82.62 18.20
C GLU I 1 -15.60 81.58 17.93
N GLN I 2 -15.88 80.34 18.31
CA GLN I 2 -14.88 79.26 18.37
C GLN I 2 -15.35 77.95 17.69
N TYR I 3 -14.40 77.15 17.21
CA TYR I 3 -14.68 75.79 16.70
C TYR I 3 -13.46 74.89 16.84
N TYR I 4 -13.70 73.58 16.81
CA TYR I 4 -12.67 72.60 17.14
C TYR I 4 -12.69 71.35 16.25
N GLY I 5 -11.50 70.77 16.08
CA GLY I 5 -11.35 69.39 15.61
C GLY I 5 -10.03 68.92 16.20
N THR I 6 -9.84 67.60 16.31
CA THR I 6 -8.51 67.05 16.66
C THR I 6 -7.99 66.13 15.52
N GLY I 7 -7.12 66.70 14.68
CA GLY I 7 -6.44 65.94 13.64
C GLY I 7 -5.26 65.13 14.19
N ARG I 8 -5.13 63.89 13.73
CA ARG I 8 -3.97 63.05 14.03
C ARG I 8 -3.48 62.26 12.82
N ARG I 9 -2.17 62.02 12.77
CA ARG I 9 -1.52 61.41 11.60
C ARG I 9 -0.16 60.84 11.91
N LYS I 10 -0.12 59.64 12.46
CA LYS I 10 1.10 58.87 12.54
C LYS I 10 2.04 59.53 13.54
N GLU I 11 1.72 59.41 14.82
CA GLU I 11 2.48 60.07 15.92
C GLU I 11 2.33 61.62 16.01
N ALA I 12 1.45 62.22 15.21
CA ALA I 12 1.34 63.69 15.13
C ALA I 12 -0.07 64.14 15.46
N VAL I 13 -0.19 65.10 16.39
CA VAL I 13 -1.49 65.54 16.91
C VAL I 13 -1.77 67.01 16.59
N ALA I 14 -3.00 67.32 16.20
CA ALA I 14 -3.33 68.64 15.66
C ALA I 14 -4.48 69.32 16.39
N ARG I 15 -4.13 70.19 17.35
CA ARG I 15 -5.11 71.04 18.06
C ARG I 15 -5.48 72.22 17.18
N VAL I 16 -6.74 72.31 16.80
CA VAL I 16 -7.16 73.31 15.81
C VAL I 16 -8.40 74.09 16.26
N PHE I 17 -8.25 75.41 16.38
CA PHE I 17 -9.37 76.33 16.60
C PHE I 17 -9.48 77.32 15.44
N LEU I 18 -10.64 77.37 14.80
CA LEU I 18 -10.83 78.36 13.76
C LEU I 18 -11.57 79.52 14.39
N ARG I 19 -11.58 80.65 13.68
CA ARG I 19 -12.35 81.85 14.05
C ARG I 19 -12.77 82.51 12.73
N PRO I 20 -13.88 83.28 12.70
CA PRO I 20 -14.33 83.76 11.39
C PRO I 20 -13.49 84.95 10.90
N GLY I 21 -13.65 85.31 9.63
CA GLY I 21 -13.16 86.59 9.10
C GLY I 21 -11.91 86.63 8.22
N ASN I 22 -10.72 86.67 8.83
CA ASN I 22 -9.52 87.21 8.19
C ASN I 22 -8.82 86.35 7.10
N GLY I 23 -8.18 85.25 7.50
CA GLY I 23 -7.38 84.43 6.58
C GLY I 23 -6.04 83.96 7.15
N LYS I 24 -5.52 84.70 8.13
CA LYS I 24 -4.26 84.33 8.80
C LYS I 24 -4.41 83.09 9.66
N VAL I 25 -3.30 82.39 9.85
CA VAL I 25 -3.28 81.06 10.46
C VAL I 25 -2.03 80.88 11.35
N THR I 26 -2.19 81.02 12.65
CA THR I 26 -1.05 80.88 13.57
C THR I 26 -0.85 79.44 13.96
N VAL I 27 0.35 78.93 13.76
CA VAL I 27 0.63 77.53 14.03
C VAL I 27 1.85 77.34 14.94
N ASN I 28 1.57 76.90 16.18
CA ASN I 28 2.56 76.83 17.25
C ASN I 28 3.23 78.19 17.47
N GLY I 29 2.42 79.25 17.39
CA GLY I 29 2.92 80.60 17.56
C GLY I 29 3.86 80.98 16.42
N GLN I 30 3.34 80.88 15.20
CA GLN I 30 4.07 81.28 14.02
C GLN I 30 3.11 81.36 12.86
N ASP I 31 3.43 82.20 11.89
CA ASP I 31 2.63 82.26 10.70
C ASP I 31 2.88 80.94 9.97
N PHE I 32 1.83 80.42 9.35
CA PHE I 32 1.89 79.20 8.56
C PHE I 32 3.20 79.10 7.76
N ASN I 33 3.51 80.16 7.02
CA ASN I 33 4.62 80.18 6.06
C ASN I 33 5.99 80.33 6.68
N GLU I 34 6.03 80.42 8.00
CA GLU I 34 7.29 80.47 8.74
C GLU I 34 7.64 79.07 9.27
N TYR I 35 6.60 78.31 9.62
CA TYR I 35 6.72 76.93 10.10
C TYR I 35 6.94 75.97 8.92
N PHE I 36 6.09 76.10 7.90
CA PHE I 36 6.14 75.28 6.69
C PHE I 36 6.88 75.97 5.53
N GLN I 37 8.15 76.30 5.72
CA GLN I 37 8.84 77.19 4.78
C GLN I 37 9.65 76.44 3.74
N GLY I 38 9.21 76.52 2.48
CA GLY I 38 9.83 75.76 1.39
C GLY I 38 9.17 74.41 1.17
N LEU I 39 8.66 73.84 2.26
CA LEU I 39 7.93 72.58 2.22
C LEU I 39 6.70 72.66 1.29
N VAL I 40 6.96 72.34 0.02
CA VAL I 40 6.06 72.51 -1.12
C VAL I 40 4.61 71.99 -0.99
N ARG I 41 4.38 71.07 -0.06
CA ARG I 41 3.06 70.42 0.02
C ARG I 41 2.08 71.05 1.03
N ALA I 42 2.60 71.91 1.92
CA ALA I 42 1.81 72.43 3.04
C ALA I 42 0.51 73.08 2.57
N VAL I 43 0.57 73.77 1.44
CA VAL I 43 -0.59 74.42 0.85
C VAL I 43 -1.81 73.48 0.83
N ALA I 44 -1.55 72.18 0.95
CA ALA I 44 -2.59 71.15 0.97
C ALA I 44 -3.34 71.11 2.30
N ALA I 45 -2.62 71.28 3.40
CA ALA I 45 -3.20 71.26 4.74
C ALA I 45 -4.45 72.14 4.90
N LEU I 46 -4.49 73.22 4.14
CA LEU I 46 -5.64 74.14 4.12
C LEU I 46 -6.50 73.88 2.90
N GLU I 47 -6.38 72.69 2.33
CA GLU I 47 -7.23 72.30 1.22
C GLU I 47 -8.69 72.10 1.66
N PRO I 48 -8.93 71.69 2.93
CA PRO I 48 -10.32 71.44 3.32
C PRO I 48 -11.21 72.68 3.20
N LEU I 49 -10.61 73.85 3.36
CA LEU I 49 -11.33 75.13 3.26
C LEU I 49 -11.70 75.39 1.81
N ARG I 50 -10.70 75.36 0.92
CA ARG I 50 -10.95 75.47 -0.53
C ARG I 50 -12.03 74.49 -1.03
N ALA I 51 -12.23 73.42 -0.27
CA ALA I 51 -13.31 72.47 -0.52
C ALA I 51 -14.70 73.05 -0.24
N VAL I 52 -14.85 73.74 0.88
CA VAL I 52 -16.16 74.29 1.28
C VAL I 52 -16.44 75.69 0.76
N ASP I 53 -15.40 76.38 0.28
CA ASP I 53 -15.43 77.80 -0.16
C ASP I 53 -15.16 78.80 0.98
N ALA I 54 -14.92 78.32 2.20
CA ALA I 54 -14.40 79.16 3.28
C ALA I 54 -12.96 79.60 3.01
N LEU I 55 -12.61 79.63 1.71
CA LEU I 55 -11.26 79.93 1.20
C LEU I 55 -10.26 80.40 2.26
N GLY I 56 -10.36 81.68 2.61
CA GLY I 56 -9.54 82.27 3.65
C GLY I 56 -10.37 83.27 4.42
N ARG I 57 -11.60 82.90 4.76
CA ARG I 57 -12.46 83.74 5.60
C ARG I 57 -12.78 82.98 6.88
N PHE I 58 -11.72 82.38 7.42
CA PHE I 58 -11.57 82.04 8.82
C PHE I 58 -10.14 82.43 9.18
N ASP I 59 -9.87 82.74 10.44
CA ASP I 59 -8.50 82.68 10.94
C ASP I 59 -8.41 81.26 11.47
N ALA I 60 -7.24 80.83 11.95
CA ALA I 60 -7.17 79.58 12.73
C ALA I 60 -5.95 79.55 13.63
N TYR I 61 -6.15 79.09 14.86
CA TYR I 61 -5.06 78.94 15.79
C TYR I 61 -4.84 77.47 15.99
N ILE I 62 -3.57 77.07 15.93
CA ILE I 62 -3.23 75.67 15.85
C ILE I 62 -1.98 75.33 16.62
N THR I 63 -2.12 74.51 17.66
CA THR I 63 -0.96 73.80 18.16
C THR I 63 -0.91 72.45 17.47
N VAL I 64 0.31 71.99 17.20
CA VAL I 64 0.56 70.75 16.49
C VAL I 64 1.97 70.24 16.88
N ARG I 65 2.01 69.11 17.57
CA ARG I 65 3.27 68.51 17.98
C ARG I 65 3.16 67.00 17.83
N GLY I 66 4.31 66.34 17.89
CA GLY I 66 4.36 64.89 17.68
C GLY I 66 4.96 64.48 16.32
N GLY I 67 6.21 64.02 16.36
CA GLY I 67 6.82 63.41 15.19
C GLY I 67 7.27 64.33 14.07
N GLY I 68 6.40 64.51 13.08
CA GLY I 68 6.86 64.87 11.75
C GLY I 68 6.21 66.02 11.03
N LYS I 69 6.98 66.71 10.20
CA LYS I 69 6.57 68.01 9.67
C LYS I 69 5.46 67.84 8.68
N SER I 70 5.61 66.80 7.88
CA SER I 70 4.68 66.45 6.83
C SER I 70 3.51 65.64 7.37
N GLY I 71 3.76 64.90 8.45
CA GLY I 71 2.70 64.22 9.20
C GLY I 71 1.79 65.22 9.92
N GLN I 72 2.43 66.21 10.55
CA GLN I 72 1.74 67.41 11.03
C GLN I 72 0.92 68.03 9.91
N ILE I 73 1.53 68.19 8.74
CA ILE I 73 0.84 68.83 7.61
C ILE I 73 -0.51 68.17 7.34
N ASP I 74 -0.52 66.85 7.42
CA ASP I 74 -1.73 66.08 7.13
C ASP I 74 -2.63 66.11 8.38
N ALA I 75 -2.02 66.03 9.56
CA ALA I 75 -2.75 66.15 10.84
C ALA I 75 -3.67 67.38 10.84
N ILE I 76 -3.06 68.56 10.72
CA ILE I 76 -3.79 69.82 10.56
C ILE I 76 -4.95 69.60 9.60
N LYS I 77 -4.65 69.12 8.39
CA LYS I 77 -5.67 68.88 7.38
C LYS I 77 -6.94 68.21 7.93
N LEU I 78 -6.77 67.37 8.96
CA LEU I 78 -7.91 66.67 9.59
C LEU I 78 -8.69 67.59 10.52
N GLY I 79 -7.98 68.32 11.39
CA GLY I 79 -8.58 69.42 12.16
C GLY I 79 -9.36 70.42 11.31
N ILE I 80 -8.65 71.26 10.54
CA ILE I 80 -9.27 72.15 9.53
C ILE I 80 -10.57 71.59 8.95
N ALA I 81 -10.72 70.27 8.90
CA ALA I 81 -11.92 69.62 8.36
C ALA I 81 -12.92 69.17 9.43
N ARG I 82 -12.39 68.51 10.48
CA ARG I 82 -13.18 68.09 11.66
C ARG I 82 -13.66 69.28 12.47
N ALA I 83 -13.07 70.45 12.23
CA ALA I 83 -13.52 71.67 12.89
C ALA I 83 -14.80 72.21 12.30
N LEU I 84 -14.92 72.18 10.97
CA LEU I 84 -16.06 72.83 10.32
C LEU I 84 -17.35 71.96 10.24
N VAL I 85 -17.21 70.64 10.33
CA VAL I 85 -18.38 69.77 10.50
C VAL I 85 -19.08 70.14 11.83
N GLN I 86 -18.25 70.52 12.81
CA GLN I 86 -18.71 71.10 14.07
C GLN I 86 -18.73 72.64 13.98
N TYR I 87 -19.22 73.15 12.84
CA TYR I 87 -19.79 74.49 12.75
C TYR I 87 -20.69 74.56 11.53
N ASN I 88 -21.37 73.45 11.33
CA ASN I 88 -22.28 73.21 10.22
C ASN I 88 -22.49 71.70 10.12
N PRO I 89 -23.68 71.23 10.52
CA PRO I 89 -24.06 69.85 10.24
C PRO I 89 -23.76 69.47 8.79
N ASP I 90 -24.29 70.26 7.84
CA ASP I 90 -24.17 69.97 6.41
C ASP I 90 -22.75 70.00 5.86
N TYR I 91 -21.76 70.37 6.68
CA TYR I 91 -20.34 70.27 6.31
C TYR I 91 -19.77 68.84 6.47
N ARG I 92 -20.01 68.06 5.43
CA ARG I 92 -20.11 66.60 5.51
C ARG I 92 -20.40 66.16 4.10
N ALA I 93 -21.57 66.57 3.62
CA ALA I 93 -22.13 66.12 2.34
C ALA I 93 -21.27 66.51 1.13
N LYS I 94 -20.17 67.22 1.34
CA LYS I 94 -19.18 67.44 0.29
C LYS I 94 -17.70 67.35 0.73
N LEU I 95 -17.47 66.98 2.00
CA LEU I 95 -16.12 66.59 2.46
C LEU I 95 -15.90 65.06 2.50
N LYS I 96 -16.97 64.28 2.31
CA LYS I 96 -16.88 62.80 2.25
C LYS I 96 -16.45 62.32 0.88
N PRO I 97 -17.17 62.74 -0.19
CA PRO I 97 -16.65 62.55 -1.53
C PRO I 97 -15.14 62.76 -1.69
N LEU I 98 -14.56 63.68 -0.91
CA LEU I 98 -13.11 63.90 -0.90
C LEU I 98 -12.42 63.30 0.33
N GLY I 99 -13.22 62.90 1.32
CA GLY I 99 -12.74 62.13 2.46
C GLY I 99 -11.61 62.73 3.27
N PHE I 100 -11.66 64.05 3.50
CA PHE I 100 -10.71 64.70 4.41
C PHE I 100 -10.99 64.28 5.87
N LEU I 101 -11.84 63.26 6.02
CA LEU I 101 -12.45 62.89 7.30
C LEU I 101 -11.90 61.58 7.85
N THR I 102 -11.40 60.73 6.96
CA THR I 102 -10.71 59.50 7.36
C THR I 102 -9.41 59.84 8.13
N ARG I 103 -9.12 59.09 9.18
CA ARG I 103 -7.95 59.36 10.02
C ARG I 103 -6.63 59.23 9.24
N ASP I 104 -6.57 58.23 8.35
CA ASP I 104 -5.31 57.75 7.78
C ASP I 104 -4.62 56.82 8.78
N ALA I 105 -4.92 55.53 8.63
CA ALA I 105 -4.53 54.46 9.56
C ALA I 105 -3.04 54.09 9.60
N ARG I 106 -2.28 54.56 8.61
CA ARG I 106 -0.96 54.00 8.28
C ARG I 106 0.16 54.46 9.23
N VAL I 107 1.03 53.53 9.59
CA VAL I 107 2.08 53.76 10.61
C VAL I 107 3.30 52.84 10.48
N VAL I 108 4.48 53.42 10.75
CA VAL I 108 5.71 52.66 10.84
C VAL I 108 5.39 51.30 11.42
N GLU I 109 5.33 50.34 10.50
CA GLU I 109 5.25 48.95 10.82
C GLU I 109 6.57 48.46 11.53
N ARG I 110 6.45 47.41 12.31
CA ARG I 110 7.41 47.09 13.37
C ARG I 110 8.67 46.39 12.90
N LYS I 111 9.83 46.62 13.51
CA LYS I 111 11.00 45.77 13.23
C LYS I 111 10.89 44.39 13.85
N LYS I 112 10.84 43.37 12.98
CA LYS I 112 10.79 41.97 13.36
C LYS I 112 12.20 41.41 13.49
N TYR I 113 12.39 40.48 14.44
CA TYR I 113 13.71 39.85 14.68
C TYR I 113 14.05 38.97 13.50
N GLY I 114 15.33 38.95 13.15
CA GLY I 114 15.82 38.13 12.03
C GLY I 114 15.81 38.81 10.67
N LYS I 115 14.76 39.56 10.37
CA LYS I 115 14.81 40.54 9.30
C LYS I 115 15.78 41.70 9.62
N HIS I 116 16.05 42.52 8.62
CA HIS I 116 16.89 43.68 8.80
C HIS I 116 16.07 44.89 9.26
N LYS I 117 14.74 44.81 9.28
CA LYS I 117 13.98 46.00 8.97
C LYS I 117 12.46 45.88 8.80
N ALA I 118 11.80 44.94 9.48
CA ALA I 118 10.33 44.73 9.29
C ALA I 118 10.01 43.67 8.25
N ARG I 119 10.34 43.99 6.99
CA ARG I 119 10.12 43.11 5.81
C ARG I 119 11.42 42.72 5.09
N ARG I 120 12.31 43.67 4.89
CA ARG I 120 13.58 43.39 4.25
C ARG I 120 14.35 42.31 4.99
N ALA I 121 14.36 41.08 4.44
CA ALA I 121 15.20 39.94 4.93
C ALA I 121 16.66 40.08 4.50
N PRO I 122 17.59 39.32 5.10
CA PRO I 122 19.01 39.49 4.70
C PRO I 122 19.37 38.68 3.44
N GLN I 123 20.68 38.54 3.14
CA GLN I 123 21.09 38.09 1.81
C GLN I 123 21.68 36.65 1.69
N TYR I 124 20.78 35.66 1.68
CA TYR I 124 20.92 34.39 0.96
C TYR I 124 22.08 34.34 -0.08
N SER I 125 23.05 33.44 0.09
CA SER I 125 24.09 33.22 -0.94
C SER I 125 24.05 31.81 -1.56
N LYS I 126 23.51 30.83 -0.82
CA LYS I 126 23.09 29.51 -1.33
C LYS I 126 24.24 28.50 -1.59
N ARG I 127 25.38 28.95 -2.09
CA ARG I 127 26.59 28.13 -2.12
C ARG I 127 27.54 28.59 -1.01
N LYS J 1 -2.65 67.69 52.71
CA LYS J 1 -1.75 67.54 51.53
C LYS J 1 -0.87 66.29 51.68
N ILE J 2 -1.36 65.15 51.19
CA ILE J 2 -0.62 63.87 51.23
C ILE J 2 -0.24 63.39 49.80
N ARG J 3 1.01 62.98 49.62
CA ARG J 3 1.54 62.52 48.33
C ARG J 3 2.14 61.12 48.44
N ILE J 4 1.36 60.10 48.10
CA ILE J 4 1.80 58.71 48.26
C ILE J 4 2.00 58.02 46.91
N LYS J 5 3.21 57.48 46.71
CA LYS J 5 3.56 56.75 45.49
C LYS J 5 3.11 55.29 45.58
N LEU J 6 2.87 54.71 44.42
CA LEU J 6 2.49 53.32 44.29
C LEU J 6 3.16 52.77 43.05
N ARG J 7 4.15 51.92 43.24
CA ARG J 7 4.78 51.24 42.11
C ARG J 7 4.24 49.83 42.02
N GLY J 8 4.40 49.19 40.86
CA GLY J 8 3.89 47.84 40.66
C GLY J 8 4.29 47.08 39.40
N PHE J 9 4.17 45.77 39.46
CA PHE J 9 4.27 44.90 38.29
C PHE J 9 2.89 44.60 37.79
N ASP J 10 1.98 44.37 38.75
CA ASP J 10 0.59 44.00 38.49
C ASP J 10 -0.33 45.23 38.33
N HIS J 11 -0.63 45.60 37.09
CA HIS J 11 -1.48 46.77 36.82
C HIS J 11 -2.81 46.73 37.60
N LYS J 12 -3.48 45.58 37.57
CA LYS J 12 -4.84 45.42 38.10
C LYS J 12 -4.94 45.58 39.63
N THR J 13 -3.84 45.32 40.34
CA THR J 13 -3.86 45.48 41.80
C THR J 13 -2.98 46.62 42.33
N LEU J 14 -2.89 47.71 41.56
CA LEU J 14 -2.57 49.02 42.12
C LEU J 14 -3.91 49.72 42.11
N ASP J 15 -4.49 49.83 40.92
CA ASP J 15 -5.84 50.34 40.75
C ASP J 15 -6.85 49.62 41.66
N ALA J 16 -6.52 48.42 42.14
CA ALA J 16 -7.33 47.77 43.17
C ALA J 16 -6.88 48.21 44.57
N SER J 17 -5.71 47.75 45.01
CA SER J 17 -5.28 47.91 46.41
C SER J 17 -5.17 49.38 46.83
N ALA J 18 -4.82 50.25 45.89
CA ALA J 18 -4.73 51.69 46.15
C ALA J 18 -5.90 52.49 45.54
N GLN J 19 -7.06 51.85 45.53
CA GLN J 19 -8.32 52.57 45.44
C GLN J 19 -9.19 52.21 46.66
N LYS J 20 -8.58 51.54 47.66
CA LYS J 20 -9.09 51.53 49.03
C LYS J 20 -8.68 52.85 49.69
N ILE J 21 -7.68 53.50 49.11
CA ILE J 21 -7.16 54.78 49.59
C ILE J 21 -7.83 55.96 48.88
N VAL J 22 -8.95 55.67 48.20
CA VAL J 22 -9.86 56.68 47.65
C VAL J 22 -11.23 56.47 48.30
N GLU J 23 -11.25 55.73 49.41
CA GLU J 23 -12.45 55.47 50.18
C GLU J 23 -12.15 55.78 51.64
N ALA J 24 -11.19 55.04 52.21
CA ALA J 24 -10.77 55.23 53.60
C ALA J 24 -10.02 56.55 53.81
N ALA J 25 -9.95 57.38 52.77
CA ALA J 25 -9.57 58.78 52.91
C ALA J 25 -10.70 59.74 52.45
N ARG J 26 -11.85 59.18 52.05
CA ARG J 26 -13.05 59.97 51.73
C ARG J 26 -14.12 59.88 52.82
N ARG J 27 -14.16 58.73 53.50
CA ARG J 27 -15.14 58.47 54.55
C ARG J 27 -14.77 59.14 55.87
N SER J 28 -13.48 59.13 56.21
CA SER J 28 -12.96 59.80 57.41
C SER J 28 -11.94 60.92 57.13
N GLY J 29 -11.70 61.22 55.85
CA GLY J 29 -11.05 62.46 55.44
C GLY J 29 -12.09 63.24 54.68
N ALA J 30 -11.66 64.13 53.79
CA ALA J 30 -12.59 64.86 52.92
C ALA J 30 -12.12 64.86 51.45
N GLN J 31 -11.41 65.91 51.03
CA GLN J 31 -11.11 66.16 49.60
C GLN J 31 -10.04 65.23 49.02
N VAL J 32 -10.25 64.82 47.77
CA VAL J 32 -9.39 63.84 47.07
C VAL J 32 -9.14 64.26 45.61
N SER J 33 -7.86 64.42 45.23
CA SER J 33 -7.47 64.59 43.81
C SER J 33 -7.05 63.21 43.29
N GLY J 34 -7.92 62.63 42.47
CA GLY J 34 -7.96 61.20 42.20
C GLY J 34 -6.66 60.52 41.83
N PRO J 35 -6.69 59.19 41.61
CA PRO J 35 -5.45 58.53 41.25
C PRO J 35 -4.92 59.09 39.91
N ILE J 36 -3.64 59.40 39.86
CA ILE J 36 -3.00 59.80 38.61
C ILE J 36 -1.96 58.75 38.19
N PRO J 37 -2.11 58.17 36.97
CA PRO J 37 -1.27 57.08 36.51
C PRO J 37 -0.03 57.58 35.76
N LEU J 38 1.15 57.33 36.31
CA LEU J 38 2.41 57.77 35.70
C LEU J 38 2.92 56.76 34.65
N PRO J 39 3.48 57.25 33.52
CA PRO J 39 3.92 56.36 32.46
C PRO J 39 4.79 55.19 32.96
N THR J 40 4.69 54.06 32.25
CA THR J 40 5.26 52.79 32.70
C THR J 40 6.73 52.66 32.33
N ARG J 41 7.52 51.93 33.12
CA ARG J 41 8.97 51.79 32.85
C ARG J 41 9.30 50.36 32.40
N VAL J 42 9.18 50.12 31.09
CA VAL J 42 9.23 48.76 30.53
C VAL J 42 10.67 48.31 30.28
N ARG J 43 11.02 47.12 30.80
CA ARG J 43 12.41 46.58 30.78
C ARG J 43 12.48 45.32 29.92
N ARG J 44 12.89 45.46 28.66
CA ARG J 44 12.80 44.36 27.69
C ARG J 44 14.06 43.53 27.66
N PHE J 45 13.88 42.22 27.63
CA PHE J 45 14.96 41.27 27.42
C PHE J 45 14.64 40.53 26.13
N THR J 46 15.67 40.09 25.42
CA THR J 46 15.46 39.42 24.16
C THR J 46 16.46 38.28 24.03
N VAL J 47 15.94 37.07 24.00
CA VAL J 47 16.78 35.90 24.13
C VAL J 47 16.69 35.03 22.87
N ILE J 48 17.83 34.49 22.44
CA ILE J 48 17.80 33.48 21.36
C ILE J 48 17.20 32.19 21.93
N ARG J 49 16.09 31.77 21.32
CA ARG J 49 15.26 30.64 21.78
C ARG J 49 16.01 29.35 22.15
N GLY J 50 16.96 28.93 21.33
CA GLY J 50 17.66 27.68 21.55
C GLY J 50 18.88 27.90 22.41
N PRO J 51 19.49 26.81 22.86
CA PRO J 51 20.77 26.87 23.58
C PRO J 51 22.00 27.08 22.69
N PHE J 52 21.81 27.02 21.38
CA PHE J 52 22.92 27.03 20.41
C PHE J 52 22.63 27.95 19.21
N LYS J 53 23.50 27.87 18.20
CA LYS J 53 23.39 28.72 17.03
C LYS J 53 22.02 28.62 16.38
N HIS J 54 21.17 29.59 16.66
CA HIS J 54 20.02 29.80 15.79
C HIS J 54 19.68 31.26 15.86
N LYS J 55 20.72 32.04 15.67
CA LYS J 55 20.69 33.47 15.91
C LYS J 55 19.45 34.20 15.45
N ASP J 56 18.68 33.69 14.50
CA ASP J 56 17.34 34.27 14.23
C ASP J 56 16.40 33.64 15.25
N SER J 57 15.10 33.61 15.00
CA SER J 57 14.15 33.03 15.98
C SER J 57 14.52 33.20 17.47
N ARG J 58 13.99 34.29 18.07
CA ARG J 58 14.13 34.67 19.49
C ARG J 58 12.77 34.83 20.20
N GLU J 59 12.81 35.00 21.52
CA GLU J 59 11.62 35.30 22.29
C GLU J 59 11.75 36.63 23.00
N HIS J 60 10.61 37.28 23.23
CA HIS J 60 10.58 38.59 23.88
C HIS J 60 9.87 38.63 25.25
N PHE J 61 10.61 39.14 26.23
CA PHE J 61 10.15 39.27 27.60
C PHE J 61 10.23 40.71 28.08
N GLU J 62 9.12 41.25 28.58
CA GLU J 62 9.13 42.55 29.23
C GLU J 62 8.48 42.52 30.61
N LEU J 63 9.22 43.03 31.60
CA LEU J 63 8.81 43.19 33.01
C LEU J 63 8.41 44.63 33.30
N ARG J 64 7.13 44.96 33.38
CA ARG J 64 6.75 46.39 33.40
C ARG J 64 6.24 46.95 34.74
N THR J 65 7.00 47.93 35.25
CA THR J 65 6.66 48.73 36.44
C THR J 65 5.53 49.73 36.11
N HIS J 66 4.34 49.47 36.65
CA HIS J 66 3.24 50.43 36.57
C HIS J 66 3.31 51.38 37.74
N ASN J 67 3.33 52.68 37.46
CA ASN J 67 3.50 53.72 38.47
C ASN J 67 2.18 54.45 38.68
N ARG J 68 1.73 54.53 39.95
CA ARG J 68 0.45 55.19 40.31
C ARG J 68 0.63 56.23 41.44
N LEU J 69 -0.10 57.35 41.33
CA LEU J 69 0.08 58.49 42.24
C LEU J 69 -1.23 58.96 42.90
N VAL J 70 -1.15 59.27 44.20
CA VAL J 70 -2.31 59.69 45.02
C VAL J 70 -2.05 60.95 45.86
N ASP J 71 -2.96 61.92 45.72
CA ASP J 71 -2.98 63.18 46.49
C ASP J 71 -4.32 63.36 47.21
N ILE J 72 -4.27 63.71 48.50
CA ILE J 72 -5.47 63.95 49.33
C ILE J 72 -5.22 65.14 50.29
N ILE J 73 -6.09 66.16 50.27
CA ILE J 73 -5.79 67.44 50.97
C ILE J 73 -6.39 67.63 52.41
N ASN J 74 -6.84 66.53 53.03
CA ASN J 74 -7.30 66.53 54.43
C ASN J 74 -6.50 65.57 55.33
N PRO J 75 -5.30 66.00 55.78
CA PRO J 75 -4.46 65.14 56.64
C PRO J 75 -4.90 65.04 58.12
N ASN J 76 -5.90 64.20 58.41
CA ASN J 76 -6.35 63.96 59.80
C ASN J 76 -5.72 62.66 60.33
N ARG J 77 -5.89 62.39 61.63
CA ARG J 77 -5.68 61.04 62.21
C ARG J 77 -7.03 60.29 62.23
N LYS J 78 -8.10 61.04 61.92
CA LYS J 78 -9.37 60.44 61.45
C LYS J 78 -9.12 59.50 60.27
N THR J 79 -8.15 59.85 59.42
CA THR J 79 -7.77 59.03 58.27
C THR J 79 -6.65 58.01 58.58
N ILE J 80 -5.61 58.39 59.33
CA ILE J 80 -4.47 57.47 59.63
C ILE J 80 -4.91 56.28 60.51
N GLU J 81 -5.95 55.57 60.08
CA GLU J 81 -6.55 54.47 60.85
C GLU J 81 -6.67 53.21 60.00
N GLN J 82 -7.48 53.26 58.96
CA GLN J 82 -7.49 52.26 57.90
C GLN J 82 -6.26 52.53 57.04
N LEU J 83 -5.78 53.78 57.11
CA LEU J 83 -4.57 54.23 56.43
C LEU J 83 -3.36 54.23 57.41
N MET J 84 -3.54 53.59 58.56
CA MET J 84 -2.45 53.14 59.44
C MET J 84 -2.24 51.65 59.18
N THR J 85 -3.33 50.87 59.32
CA THR J 85 -3.40 49.47 58.88
C THR J 85 -4.85 49.01 58.62
N LEU J 86 -5.05 48.37 57.46
CA LEU J 86 -6.31 47.71 57.01
C LEU J 86 -6.11 47.32 55.52
N ASP J 87 -5.43 46.18 55.30
CA ASP J 87 -4.70 45.89 54.04
C ASP J 87 -5.39 45.04 52.97
N LEU J 88 -5.04 45.30 51.70
CA LEU J 88 -5.07 44.29 50.60
C LEU J 88 -3.97 44.46 49.45
N PRO J 89 -2.85 45.19 49.70
CA PRO J 89 -1.72 45.00 48.76
C PRO J 89 -0.84 43.80 49.18
N THR J 90 -0.14 43.18 48.23
CA THR J 90 0.75 42.02 48.55
C THR J 90 2.10 41.97 47.81
N GLY J 91 2.18 42.65 46.66
CA GLY J 91 3.45 42.94 45.98
C GLY J 91 3.41 44.38 45.48
N VAL J 92 3.35 45.33 46.41
CA VAL J 92 3.36 46.77 46.12
C VAL J 92 4.50 47.43 46.93
N GLU J 93 4.88 48.63 46.52
CA GLU J 93 5.70 49.51 47.33
C GLU J 93 4.95 50.86 47.37
N ILE J 94 5.30 51.65 48.38
CA ILE J 94 4.64 52.94 48.68
C ILE J 94 5.66 53.93 49.20
N GLU J 95 5.61 55.15 48.67
CA GLU J 95 6.38 56.25 49.23
C GLU J 95 5.39 57.19 49.90
N ILE J 96 5.65 57.47 51.17
CA ILE J 96 4.78 58.32 51.95
C ILE J 96 5.42 59.70 51.89
N LYS J 97 4.64 60.71 51.47
CA LYS J 97 5.08 62.13 51.41
C LYS J 97 3.97 63.13 51.83
N THR J 98 4.31 64.42 51.82
CA THR J 98 3.47 65.46 52.43
C THR J 98 3.35 66.73 51.55
N LYS K 1 5.73 42.85 -74.93
CA LYS K 1 5.11 41.91 -73.96
C LYS K 1 3.62 42.18 -73.78
N ARG K 2 2.80 41.25 -74.29
CA ARG K 2 1.33 41.32 -74.30
C ARG K 2 0.66 41.93 -73.08
N GLN K 3 -0.56 42.39 -73.27
CA GLN K 3 -1.41 42.78 -72.15
C GLN K 3 -2.43 41.66 -71.93
N VAL K 4 -2.37 41.05 -70.75
CA VAL K 4 -3.41 40.13 -70.31
C VAL K 4 -4.36 40.90 -69.39
N ALA K 5 -5.66 40.65 -69.54
CA ALA K 5 -6.65 41.35 -68.73
C ALA K 5 -6.98 40.58 -67.46
N SER K 6 -7.05 39.25 -67.61
CA SER K 6 -7.39 38.35 -66.50
C SER K 6 -6.74 36.95 -66.64
N GLY K 7 -6.93 36.11 -65.62
CA GLY K 7 -6.33 34.78 -65.59
C GLY K 7 -6.21 34.14 -64.21
N ARG K 8 -5.15 33.36 -64.02
CA ARG K 8 -5.02 32.52 -62.86
C ARG K 8 -3.92 32.91 -61.90
N ALA K 9 -4.24 32.90 -60.60
CA ALA K 9 -3.22 32.91 -59.56
C ALA K 9 -3.24 31.55 -58.89
N TYR K 10 -2.11 30.88 -58.91
CA TYR K 10 -1.99 29.59 -58.28
C TYR K 10 -1.21 29.78 -56.99
N ILE K 11 -1.79 29.38 -55.85
CA ILE K 11 -1.08 29.39 -54.57
C ILE K 11 -0.72 27.99 -54.14
N HIS K 12 0.57 27.75 -53.91
CA HIS K 12 1.06 26.42 -53.50
C HIS K 12 1.64 26.60 -52.13
N ALA K 13 0.79 26.32 -51.13
CA ALA K 13 1.16 26.33 -49.68
C ALA K 13 1.82 25.04 -49.21
N SER K 14 2.76 25.14 -48.29
CA SER K 14 3.49 24.00 -47.75
C SER K 14 3.98 24.43 -46.37
N TYR K 15 4.44 23.49 -45.56
CA TYR K 15 4.78 23.84 -44.18
C TYR K 15 6.19 24.38 -44.07
N ASN K 16 6.71 24.88 -45.19
CA ASN K 16 8.14 25.21 -45.37
C ASN K 16 8.49 26.37 -46.26
N ASN K 17 7.45 26.82 -47.01
CA ASN K 17 7.46 27.85 -48.08
C ASN K 17 6.08 27.92 -48.78
N THR K 18 5.62 29.16 -48.95
CA THR K 18 4.48 29.46 -49.80
C THR K 18 4.99 30.01 -51.13
N ILE K 19 4.46 29.52 -52.27
CA ILE K 19 4.87 30.07 -53.60
C ILE K 19 3.64 30.36 -54.48
N VAL K 20 3.72 31.45 -55.22
CA VAL K 20 2.58 31.92 -55.99
C VAL K 20 2.96 32.26 -57.41
N THR K 21 2.17 31.79 -58.37
CA THR K 21 2.49 32.03 -59.76
C THR K 21 1.24 32.52 -60.47
N ILE K 22 1.43 33.39 -61.46
CA ILE K 22 0.28 33.97 -62.14
C ILE K 22 0.37 33.71 -63.63
N THR K 23 -0.77 33.36 -64.23
CA THR K 23 -0.78 32.87 -65.59
C THR K 23 -1.97 33.44 -66.34
N ASP K 24 -1.86 33.37 -67.67
CA ASP K 24 -2.96 33.67 -68.59
C ASP K 24 -4.06 32.58 -68.52
N PRO K 25 -5.26 32.88 -69.04
CA PRO K 25 -6.39 31.96 -68.95
C PRO K 25 -6.21 30.54 -69.47
N ASP K 26 -5.04 30.20 -69.99
CA ASP K 26 -4.71 28.79 -70.33
C ASP K 26 -3.61 28.21 -69.40
N GLY K 27 -3.31 28.92 -68.33
CA GLY K 27 -2.36 28.45 -67.35
C GLY K 27 -0.91 28.66 -67.71
N ASN K 28 -0.63 29.50 -68.69
CA ASN K 28 0.77 29.82 -68.99
C ASN K 28 1.35 30.92 -68.06
N PRO K 29 2.45 30.59 -67.37
CA PRO K 29 2.98 31.54 -66.42
C PRO K 29 3.32 32.86 -67.06
N ILE K 30 2.74 33.92 -66.51
CA ILE K 30 3.20 35.32 -66.67
C ILE K 30 4.38 35.59 -65.72
N THR K 31 4.10 35.68 -64.42
CA THR K 31 5.07 36.00 -63.38
C THR K 31 4.96 35.03 -62.23
N TRP K 32 5.87 35.14 -61.26
CA TRP K 32 5.77 34.34 -60.05
C TRP K 32 6.67 34.79 -58.90
N SER K 33 6.28 34.39 -57.70
CA SER K 33 7.06 34.72 -56.52
C SER K 33 7.06 33.58 -55.47
N SER K 34 7.98 33.71 -54.53
CA SER K 34 8.06 32.77 -53.45
C SER K 34 8.69 33.44 -52.24
N GLY K 35 8.61 32.77 -51.11
CA GLY K 35 9.27 33.26 -49.91
C GLY K 35 10.71 33.66 -50.11
N GLY K 36 11.46 32.83 -50.79
CA GLY K 36 12.87 33.07 -50.97
C GLY K 36 13.07 34.22 -51.91
N VAL K 37 12.14 34.39 -52.85
CA VAL K 37 12.26 35.42 -53.87
C VAL K 37 12.10 36.81 -53.27
N ILE K 38 11.34 36.97 -52.18
CA ILE K 38 11.59 38.11 -51.29
C ILE K 38 12.82 37.73 -50.43
N GLY K 39 13.13 38.51 -49.41
CA GLY K 39 14.36 38.29 -48.63
C GLY K 39 14.52 37.00 -47.85
N TYR K 40 13.42 36.52 -47.25
CA TYR K 40 13.47 35.40 -46.28
C TYR K 40 14.04 34.15 -46.87
N LYS K 41 14.65 33.37 -45.99
CA LYS K 41 15.60 32.36 -46.41
C LYS K 41 15.74 31.42 -45.25
N GLY K 42 15.60 30.13 -45.51
CA GLY K 42 15.46 29.17 -44.43
C GLY K 42 14.05 29.22 -43.84
N SER K 43 13.95 29.04 -42.52
CA SER K 43 12.66 28.72 -41.90
C SER K 43 11.65 29.83 -41.86
N ARG K 44 12.00 31.02 -42.35
CA ARG K 44 11.07 32.16 -42.35
C ARG K 44 10.21 32.21 -43.60
N LYS K 45 10.52 31.41 -44.61
CA LYS K 45 9.81 31.52 -45.88
C LYS K 45 8.35 30.96 -45.75
N GLY K 46 8.09 30.28 -44.63
CA GLY K 46 6.78 29.67 -44.32
C GLY K 46 5.78 30.61 -43.65
N THR K 47 6.27 31.32 -42.63
CA THR K 47 5.53 32.38 -41.92
C THR K 47 4.48 33.10 -42.74
N PRO K 48 3.27 33.30 -42.18
CA PRO K 48 2.24 33.97 -42.99
C PRO K 48 2.65 35.35 -43.57
N TYR K 49 3.69 35.96 -42.99
CA TYR K 49 4.18 37.24 -43.52
C TYR K 49 4.89 37.03 -44.84
N ALA K 50 5.95 36.23 -44.82
CA ALA K 50 6.56 35.71 -46.03
C ALA K 50 5.54 35.39 -47.13
N ALA K 51 4.44 34.73 -46.77
CA ALA K 51 3.41 34.36 -47.74
C ALA K 51 2.78 35.58 -48.29
N GLN K 52 2.25 36.41 -47.41
CA GLN K 52 1.71 37.70 -47.80
C GLN K 52 2.65 38.47 -48.74
N LEU K 53 3.90 38.64 -48.36
CA LEU K 53 4.82 39.43 -49.15
C LEU K 53 4.96 38.87 -50.54
N ALA K 54 5.46 37.65 -50.64
CA ALA K 54 5.50 36.95 -51.91
C ALA K 54 4.23 37.20 -52.71
N ALA K 55 3.09 36.80 -52.16
CA ALA K 55 1.83 36.97 -52.83
C ALA K 55 1.69 38.37 -53.41
N LEU K 56 1.75 39.38 -52.56
CA LEU K 56 1.62 40.76 -53.03
C LEU K 56 2.56 41.03 -54.15
N ASP K 57 3.83 40.68 -53.98
CA ASP K 57 4.85 41.00 -54.97
C ASP K 57 4.54 40.39 -56.35
N ALA K 58 4.10 39.14 -56.37
CA ALA K 58 3.72 38.50 -57.62
C ALA K 58 2.64 39.32 -58.32
N ALA K 59 1.59 39.65 -57.59
CA ALA K 59 0.48 40.47 -58.12
C ALA K 59 0.95 41.80 -58.74
N LYS K 60 1.80 42.56 -58.05
CA LYS K 60 2.42 43.76 -58.62
C LYS K 60 3.06 43.52 -60.02
N LYS K 61 3.78 42.41 -60.16
CA LYS K 61 4.46 42.06 -61.41
C LYS K 61 3.46 41.72 -62.52
N ALA K 62 2.34 41.14 -62.13
CA ALA K 62 1.30 40.82 -63.07
C ALA K 62 0.54 42.07 -63.49
N MET K 63 0.34 42.99 -62.55
CA MET K 63 -0.34 44.27 -62.81
C MET K 63 0.46 45.11 -63.80
N ALA K 64 1.78 44.90 -63.86
CA ALA K 64 2.63 45.44 -64.93
C ALA K 64 2.13 45.03 -66.31
N TYR K 65 1.84 43.75 -66.52
CA TYR K 65 1.17 43.31 -67.75
C TYR K 65 -0.27 43.80 -67.82
N GLY K 66 -0.64 44.73 -66.94
CA GLY K 66 -1.99 45.27 -66.88
C GLY K 66 -3.06 44.32 -66.38
N MET K 67 -2.68 43.33 -65.57
CA MET K 67 -3.63 42.31 -65.13
C MET K 67 -4.62 42.94 -64.20
N GLN K 68 -5.90 42.69 -64.44
CA GLN K 68 -6.98 43.31 -63.69
C GLN K 68 -7.76 42.33 -62.80
N SER K 69 -7.94 41.10 -63.25
CA SER K 69 -8.67 40.11 -62.45
C SER K 69 -8.12 38.67 -62.53
N VAL K 70 -8.41 37.88 -61.50
CA VAL K 70 -7.94 36.49 -61.42
C VAL K 70 -8.93 35.51 -60.81
N ASP K 71 -8.83 34.27 -61.26
CA ASP K 71 -9.34 33.14 -60.51
C ASP K 71 -8.15 32.56 -59.74
N VAL K 72 -8.37 32.41 -58.44
CA VAL K 72 -7.39 31.84 -57.51
C VAL K 72 -7.59 30.32 -57.42
N ILE K 73 -6.48 29.61 -57.24
CA ILE K 73 -6.48 28.18 -57.14
C ILE K 73 -5.45 27.84 -56.09
N VAL K 74 -5.91 27.31 -54.96
CA VAL K 74 -5.02 27.07 -53.84
C VAL K 74 -4.83 25.57 -53.59
N ARG K 75 -3.62 25.23 -53.15
CA ARG K 75 -3.16 23.86 -53.16
C ARG K 75 -2.19 23.70 -52.04
N GLY K 76 -2.49 22.76 -51.15
CA GLY K 76 -1.64 22.50 -49.98
C GLY K 76 -2.09 23.23 -48.73
N THR K 77 -1.69 22.69 -47.59
CA THR K 77 -1.89 23.37 -46.32
C THR K 77 -0.56 23.84 -45.76
N GLY K 78 -0.64 24.88 -44.94
CA GLY K 78 0.53 25.59 -44.47
C GLY K 78 0.06 26.91 -43.88
N ALA K 79 0.99 27.63 -43.25
CA ALA K 79 0.65 28.85 -42.50
C ALA K 79 0.16 29.99 -43.42
N GLY K 80 0.94 30.20 -44.47
CA GLY K 80 0.62 31.17 -45.50
C GLY K 80 -0.32 30.47 -46.41
N ARG K 81 -1.50 31.03 -46.53
CA ARG K 81 -2.55 30.26 -47.09
C ARG K 81 -3.64 31.26 -47.16
N GLU K 82 -4.37 31.40 -46.05
CA GLU K 82 -5.41 32.40 -46.01
C GLU K 82 -4.75 33.75 -46.20
N GLN K 83 -3.51 33.91 -45.72
CA GLN K 83 -2.79 35.17 -45.84
C GLN K 83 -2.39 35.57 -47.27
N ALA K 84 -2.00 34.60 -48.09
CA ALA K 84 -1.73 34.89 -49.51
C ALA K 84 -3.02 35.14 -50.28
N ILE K 85 -4.09 34.48 -49.89
CA ILE K 85 -5.38 34.83 -50.45
C ILE K 85 -5.77 36.25 -50.02
N ARG K 86 -5.83 36.49 -48.71
CA ARG K 86 -6.11 37.83 -48.15
C ARG K 86 -5.28 38.91 -48.84
N ALA K 87 -4.06 38.56 -49.20
CA ALA K 87 -3.17 39.48 -49.93
C ALA K 87 -3.71 39.81 -51.32
N LEU K 88 -3.82 38.79 -52.18
CA LEU K 88 -4.33 39.00 -53.53
C LEU K 88 -5.65 39.76 -53.52
N GLN K 89 -6.55 39.38 -52.61
CA GLN K 89 -7.80 40.12 -52.45
C GLN K 89 -7.55 41.63 -52.22
N ALA K 90 -6.56 41.95 -51.38
CA ALA K 90 -6.25 43.32 -50.98
C ALA K 90 -5.10 43.94 -51.79
N SER K 91 -4.75 43.32 -52.90
CA SER K 91 -3.74 43.87 -53.81
C SER K 91 -4.38 44.73 -54.92
N GLY K 92 -5.68 44.98 -54.79
CA GLY K 92 -6.46 45.61 -55.86
C GLY K 92 -6.85 44.50 -56.80
N LEU K 93 -5.94 44.17 -57.73
CA LEU K 93 -6.04 43.01 -58.62
C LEU K 93 -7.17 42.02 -58.29
N GLN K 94 -8.31 42.14 -58.98
CA GLN K 94 -9.59 41.64 -58.47
C GLN K 94 -9.73 40.13 -58.47
N VAL K 95 -10.22 39.62 -57.35
CA VAL K 95 -10.36 38.18 -57.10
C VAL K 95 -11.74 37.67 -57.52
N LYS K 96 -11.80 37.09 -58.72
CA LYS K 96 -13.04 36.52 -59.30
C LYS K 96 -13.57 35.31 -58.52
N SER K 97 -12.74 34.29 -58.35
CA SER K 97 -13.13 33.09 -57.60
C SER K 97 -11.93 32.42 -56.93
N ILE K 98 -12.25 31.48 -56.04
CA ILE K 98 -11.24 30.74 -55.27
C ILE K 98 -11.59 29.30 -55.38
N VAL K 99 -10.67 28.40 -55.08
CA VAL K 99 -10.89 27.01 -55.36
C VAL K 99 -9.74 26.29 -54.74
N ASP K 100 -10.00 25.43 -53.79
CA ASP K 100 -8.95 24.52 -53.37
C ASP K 100 -8.87 23.44 -54.42
N ASP K 101 -7.69 22.86 -54.58
CA ASP K 101 -7.47 21.86 -55.62
C ASP K 101 -6.32 20.95 -55.25
N THR K 102 -6.17 20.71 -53.95
CA THR K 102 -5.03 19.94 -53.48
C THR K 102 -5.11 18.52 -54.05
N PRO K 103 -3.96 18.07 -54.59
CA PRO K 103 -3.81 16.68 -54.96
C PRO K 103 -3.96 15.75 -53.75
N VAL K 104 -4.54 14.60 -54.01
CA VAL K 104 -4.62 13.53 -53.02
C VAL K 104 -4.74 12.19 -53.78
N PRO K 105 -3.87 11.23 -53.44
CA PRO K 105 -4.05 10.00 -54.15
C PRO K 105 -5.24 9.28 -53.58
N HIS K 106 -5.89 8.53 -54.46
CA HIS K 106 -6.88 7.57 -54.05
C HIS K 106 -6.13 6.29 -53.62
N ASN K 107 -5.29 6.48 -52.60
CA ASN K 107 -4.23 5.54 -52.12
C ASN K 107 -3.19 4.99 -53.12
N GLY K 108 -2.17 5.82 -53.33
CA GLY K 108 -1.16 5.66 -54.38
C GLY K 108 0.16 5.19 -53.80
N CYS K 109 1.25 5.92 -53.99
CA CYS K 109 2.59 5.46 -53.49
C CYS K 109 2.84 5.45 -51.97
N ARG K 110 3.66 4.51 -51.50
CA ARG K 110 4.00 4.49 -50.07
C ARG K 110 4.67 5.80 -49.65
N PRO K 111 4.09 6.53 -48.68
CA PRO K 111 4.69 7.79 -48.22
C PRO K 111 5.93 7.57 -47.44
N LYS K 112 6.78 8.59 -47.36
CA LYS K 112 8.05 8.46 -46.65
C LYS K 112 7.74 8.31 -45.15
N LYS K 113 8.61 7.58 -44.45
CA LYS K 113 8.37 7.23 -43.07
C LYS K 113 8.01 8.44 -42.19
N LYS K 114 8.52 9.62 -42.49
CA LYS K 114 8.08 10.82 -41.76
C LYS K 114 6.57 11.00 -41.81
N PHE K 115 5.94 10.67 -42.93
CA PHE K 115 4.52 10.96 -43.17
C PHE K 115 3.60 9.79 -42.88
N ARG K 116 4.14 8.64 -42.53
CA ARG K 116 3.35 7.65 -41.82
C ARG K 116 3.82 7.58 -40.34
N LYS K 117 3.86 8.72 -39.64
CA LYS K 117 3.90 8.70 -38.15
C LYS K 117 2.50 8.27 -37.69
N ALA K 118 1.49 8.71 -38.44
CA ALA K 118 0.26 7.93 -38.62
C ALA K 118 0.68 6.69 -39.42
N SER K 119 1.16 5.68 -38.68
CA SER K 119 1.80 4.49 -39.24
C SER K 119 0.76 3.51 -39.75
N PRO L 1 -5.43 -33.78 -15.93
CA PRO L 1 -5.57 -34.49 -17.25
C PRO L 1 -6.73 -35.53 -17.29
N THR L 2 -7.39 -35.74 -18.43
CA THR L 2 -8.37 -36.81 -18.48
C THR L 2 -7.82 -38.16 -17.98
N ILE L 3 -8.72 -38.99 -17.47
CA ILE L 3 -8.30 -40.29 -17.00
C ILE L 3 -7.63 -41.03 -18.16
N ASN L 4 -8.22 -40.97 -19.36
CA ASN L 4 -7.63 -41.67 -20.50
C ASN L 4 -6.22 -41.25 -20.62
N GLN L 5 -5.98 -39.95 -20.43
CA GLN L 5 -4.63 -39.40 -20.50
C GLN L 5 -3.80 -40.00 -19.42
N LEU L 6 -4.30 -39.98 -18.19
CA LEU L 6 -3.60 -40.65 -17.09
C LEU L 6 -3.32 -42.11 -17.33
N VAL L 7 -4.19 -42.77 -18.07
CA VAL L 7 -3.99 -44.15 -18.41
C VAL L 7 -2.92 -44.23 -19.48
N ARG L 8 -2.88 -43.28 -20.40
CA ARG L 8 -1.84 -43.25 -21.44
C ARG L 8 -0.44 -42.80 -20.96
N LYS L 9 -0.35 -41.91 -19.96
CA LYS L 9 0.90 -41.21 -19.65
C LYS L 9 1.33 -41.42 -18.22
N GLY L 10 0.38 -41.45 -17.32
CA GLY L 10 0.72 -41.71 -15.95
C GLY L 10 1.10 -40.39 -15.37
N ARG L 11 1.37 -40.41 -14.06
CA ARG L 11 2.04 -39.31 -13.40
C ARG L 11 3.50 -39.67 -13.32
N GLU L 12 4.34 -38.66 -13.14
CA GLU L 12 5.77 -38.84 -13.18
C GLU L 12 6.27 -38.64 -11.80
N LYS L 13 7.11 -39.55 -11.31
CA LYS L 13 7.64 -39.46 -9.93
C LYS L 13 8.69 -38.35 -9.78
N VAL L 14 8.74 -37.77 -8.60
CA VAL L 14 9.64 -36.65 -8.34
C VAL L 14 10.91 -37.23 -7.71
N ARG L 15 12.06 -36.99 -8.36
CA ARG L 15 13.35 -37.49 -7.88
C ARG L 15 14.33 -36.34 -7.65
N LYS L 16 14.38 -35.81 -6.44
CA LYS L 16 15.35 -34.74 -6.12
C LYS L 16 16.70 -35.40 -5.78
N LYS L 17 17.78 -34.67 -6.03
CA LYS L 17 19.11 -35.26 -6.00
C LYS L 17 19.96 -34.79 -4.81
N SER L 18 21.04 -35.54 -4.59
CA SER L 18 21.87 -35.40 -3.39
C SER L 18 22.47 -34.02 -3.33
N LYS L 19 22.55 -33.46 -2.12
CA LYS L 19 23.04 -32.08 -1.91
C LYS L 19 24.53 -32.08 -1.54
N VAL L 20 25.19 -33.20 -1.85
CA VAL L 20 26.41 -33.61 -1.20
C VAL L 20 26.89 -34.90 -1.86
N PRO L 21 27.63 -34.81 -2.97
CA PRO L 21 28.41 -36.08 -3.28
C PRO L 21 29.77 -36.30 -2.48
N ALA L 22 29.55 -36.83 -1.26
CA ALA L 22 30.56 -37.46 -0.39
C ALA L 22 30.50 -38.92 -0.85
N LEU L 23 30.30 -39.01 -2.17
CA LEU L 23 29.74 -40.14 -2.88
C LEU L 23 28.94 -41.13 -2.05
N LYS L 24 29.29 -42.42 -2.18
CA LYS L 24 28.55 -43.55 -1.63
C LYS L 24 27.86 -43.16 -0.33
N GLY L 25 26.82 -42.33 -0.44
CA GLY L 25 26.04 -41.92 0.71
C GLY L 25 26.96 -41.50 1.83
N ALA L 26 27.75 -42.48 2.29
CA ALA L 26 28.80 -42.32 3.31
C ALA L 26 28.60 -41.08 4.15
N PRO L 27 28.34 -41.27 5.43
CA PRO L 27 28.10 -40.10 6.27
C PRO L 27 29.32 -39.22 6.46
N PHE L 28 30.51 -39.73 6.14
CA PHE L 28 31.78 -39.01 6.23
C PHE L 28 32.68 -39.48 5.13
N ARG L 29 33.67 -38.69 4.79
CA ARG L 29 34.69 -39.21 3.90
C ARG L 29 36.05 -38.68 4.26
N ARG L 30 37.06 -39.50 4.00
CA ARG L 30 38.47 -39.14 4.19
C ARG L 30 39.06 -38.25 3.12
N GLY L 31 39.75 -37.22 3.60
CA GLY L 31 40.46 -36.28 2.74
C GLY L 31 41.95 -36.22 3.03
N VAL L 32 42.69 -35.72 2.06
CA VAL L 32 44.06 -35.24 2.25
C VAL L 32 44.02 -33.79 1.82
N CYS L 33 44.46 -32.86 2.67
CA CYS L 33 44.41 -31.42 2.31
C CYS L 33 45.37 -31.02 1.18
N THR L 34 45.09 -29.89 0.56
CA THR L 34 45.70 -29.52 -0.70
C THR L 34 46.12 -28.08 -0.67
N VAL L 35 45.25 -27.25 -0.09
CA VAL L 35 45.36 -25.81 -0.06
C VAL L 35 44.56 -25.44 1.18
N VAL L 36 44.96 -24.37 1.84
CA VAL L 36 44.29 -23.95 3.06
C VAL L 36 44.14 -22.43 3.00
N ARG L 37 43.46 -22.00 1.94
CA ARG L 37 43.26 -20.59 1.68
C ARG L 37 42.48 -19.95 2.85
N THR L 38 42.18 -18.69 2.70
CA THR L 38 41.29 -17.98 3.57
C THR L 38 40.27 -17.31 2.61
N VAL L 39 38.98 -17.42 2.92
CA VAL L 39 37.92 -16.96 1.99
C VAL L 39 37.08 -15.81 2.59
N THR L 40 36.79 -14.82 1.73
CA THR L 40 35.87 -13.76 2.04
C THR L 40 34.51 -14.26 1.57
N PRO L 41 33.44 -14.04 2.37
CA PRO L 41 32.08 -14.46 2.05
C PRO L 41 31.34 -13.45 1.18
N LYS L 42 30.03 -13.29 1.42
CA LYS L 42 29.24 -12.53 0.49
C LYS L 42 28.04 -11.84 1.14
N LYS L 43 27.17 -11.34 0.26
CA LYS L 43 25.83 -10.96 0.64
C LYS L 43 26.05 -9.71 1.46
N PRO L 44 25.81 -9.74 2.81
CA PRO L 44 26.01 -8.60 3.71
C PRO L 44 27.04 -8.89 4.83
N ASN L 45 28.02 -9.74 4.52
CA ASN L 45 28.98 -10.23 5.49
C ASN L 45 30.41 -10.00 5.09
N SER L 46 31.28 -10.06 6.09
CA SER L 46 32.70 -9.82 5.93
C SER L 46 33.40 -10.43 7.12
N ALA L 47 34.46 -11.16 6.83
CA ALA L 47 35.32 -11.83 7.81
C ALA L 47 36.19 -12.79 7.04
N LEU L 48 37.33 -13.14 7.59
CA LEU L 48 38.24 -14.01 6.86
C LEU L 48 38.05 -15.48 7.32
N ARG L 49 37.37 -16.23 6.45
CA ARG L 49 36.80 -17.50 6.84
C ARG L 49 37.60 -18.69 6.36
N LYS L 50 37.89 -19.60 7.29
CA LYS L 50 38.90 -20.64 7.07
C LYS L 50 38.38 -21.87 6.31
N VAL L 51 39.14 -22.30 5.29
CA VAL L 51 38.70 -23.29 4.29
C VAL L 51 39.84 -24.25 3.94
N ALA L 52 39.53 -25.44 3.44
CA ALA L 52 40.51 -26.30 2.79
C ALA L 52 40.01 -26.85 1.44
N LYS L 53 40.87 -26.99 0.44
CA LYS L 53 40.52 -27.90 -0.69
C LYS L 53 40.99 -29.31 -0.34
N VAL L 54 40.19 -30.31 -0.68
CA VAL L 54 40.47 -31.65 -0.22
C VAL L 54 40.35 -32.67 -1.33
N ARG L 55 41.39 -33.49 -1.51
CA ARG L 55 41.37 -34.62 -2.42
C ARG L 55 40.66 -35.70 -1.65
N LEU L 56 39.64 -36.30 -2.26
CA LEU L 56 38.79 -37.29 -1.57
C LEU L 56 39.13 -38.73 -1.95
N THR L 57 38.76 -39.65 -1.06
CA THR L 57 38.81 -41.07 -1.42
C THR L 57 37.66 -41.44 -2.37
N SER L 58 36.78 -40.47 -2.67
CA SER L 58 35.81 -40.55 -3.78
C SER L 58 36.41 -40.30 -5.19
N GLY L 59 37.65 -39.81 -5.26
CA GLY L 59 38.21 -39.28 -6.50
C GLY L 59 37.86 -37.81 -6.70
N TYR L 60 36.90 -37.32 -5.90
CA TYR L 60 36.49 -35.90 -5.87
C TYR L 60 37.55 -34.99 -5.27
N GLU L 61 37.70 -33.77 -5.80
CA GLU L 61 38.50 -32.71 -5.14
C GLU L 61 37.59 -31.51 -4.78
N VAL L 62 37.38 -31.27 -3.48
CA VAL L 62 36.38 -30.28 -3.08
C VAL L 62 36.74 -29.38 -1.88
N THR L 63 36.12 -28.20 -1.89
CA THR L 63 36.34 -27.19 -0.88
C THR L 63 35.45 -27.48 0.34
N ALA L 64 36.10 -27.70 1.49
CA ALA L 64 35.43 -27.91 2.79
C ALA L 64 35.79 -26.87 3.86
N TYR L 65 35.00 -26.80 4.92
CA TYR L 65 35.14 -25.70 5.90
C TYR L 65 35.54 -26.13 7.29
N ILE L 66 36.57 -25.44 7.78
CA ILE L 66 37.18 -25.64 9.09
C ILE L 66 36.46 -24.78 10.13
N PRO L 67 35.58 -25.37 10.97
CA PRO L 67 34.87 -24.61 12.01
C PRO L 67 35.66 -24.51 13.32
N GLY L 68 35.27 -23.60 14.19
CA GLY L 68 36.00 -23.38 15.45
C GLY L 68 36.93 -22.18 15.42
N GLU L 69 37.68 -22.02 16.51
CA GLU L 69 38.40 -20.76 16.77
C GLU L 69 39.74 -20.69 16.05
N GLY L 70 40.63 -21.63 16.33
CA GLY L 70 41.90 -21.67 15.62
C GLY L 70 42.14 -23.06 15.11
N HIS L 71 43.04 -23.23 14.13
CA HIS L 71 43.31 -24.55 13.57
C HIS L 71 44.78 -24.83 13.28
N ASN L 72 45.03 -26.10 12.95
CA ASN L 72 46.38 -26.69 12.76
C ASN L 72 46.51 -27.47 11.42
N LEU L 73 46.12 -26.87 10.31
CA LEU L 73 45.96 -27.59 9.04
C LEU L 73 46.72 -26.90 7.92
N GLN L 74 47.31 -27.73 7.05
CA GLN L 74 48.22 -27.26 5.99
C GLN L 74 48.34 -28.28 4.84
N GLU L 75 49.14 -27.94 3.83
CA GLU L 75 49.19 -28.69 2.57
C GLU L 75 49.16 -30.21 2.63
N HIS L 76 49.52 -30.86 3.72
CA HIS L 76 49.42 -32.32 3.68
C HIS L 76 48.62 -32.93 4.83
N SER L 77 47.75 -32.11 5.42
CA SER L 77 47.15 -32.39 6.74
C SER L 77 46.26 -33.63 6.89
N VAL L 78 45.38 -34.00 5.96
CA VAL L 78 44.63 -35.28 6.11
C VAL L 78 43.48 -35.25 7.12
N VAL L 79 42.28 -35.11 6.60
CA VAL L 79 41.14 -34.71 7.39
C VAL L 79 39.97 -35.67 7.18
N LEU L 80 38.97 -35.62 8.08
CA LEU L 80 37.65 -36.22 7.83
C LEU L 80 36.64 -35.14 7.48
N ILE L 81 35.73 -35.48 6.56
CA ILE L 81 34.73 -34.55 6.04
C ILE L 81 33.33 -35.07 6.35
N ARG L 82 32.40 -34.20 6.75
CA ARG L 82 31.04 -34.63 7.11
C ARG L 82 29.95 -33.99 6.27
N GLY L 83 30.24 -32.87 5.62
CA GLY L 83 29.20 -32.28 4.79
C GLY L 83 28.24 -31.55 5.65
N GLY L 84 27.80 -30.40 5.17
CA GLY L 84 27.34 -29.32 6.01
C GLY L 84 27.75 -28.10 5.22
N ARG L 85 26.76 -27.36 4.72
CA ARG L 85 27.03 -26.21 3.87
C ARG L 85 27.48 -25.09 4.76
N VAL L 86 28.12 -24.08 4.17
CA VAL L 86 28.36 -22.87 4.90
C VAL L 86 27.25 -21.86 4.69
N LYS L 87 27.09 -21.33 3.48
CA LYS L 87 25.94 -20.46 3.22
C LYS L 87 26.41 -19.09 2.84
N ASP L 88 27.40 -18.60 3.55
CA ASP L 88 28.07 -17.37 3.17
C ASP L 88 29.12 -17.54 2.11
N LEU L 89 29.49 -18.80 1.86
CA LEU L 89 30.58 -19.17 0.99
C LEU L 89 30.02 -20.03 -0.10
N PRO L 90 29.53 -19.40 -1.17
CA PRO L 90 29.08 -20.16 -2.33
C PRO L 90 30.07 -21.26 -2.70
N GLY L 91 29.56 -22.43 -3.07
CA GLY L 91 30.40 -23.56 -3.48
C GLY L 91 31.05 -24.30 -2.33
N VAL L 92 30.65 -23.99 -1.10
CA VAL L 92 31.23 -24.65 0.07
C VAL L 92 30.14 -25.49 0.75
N ARG L 93 30.17 -26.78 0.43
CA ARG L 93 29.09 -27.68 0.74
C ARG L 93 29.47 -28.68 1.83
N TYR L 94 30.68 -28.62 2.38
CA TYR L 94 31.08 -29.62 3.37
C TYR L 94 31.87 -29.03 4.55
N HIS L 95 31.91 -29.77 5.66
CA HIS L 95 32.64 -29.36 6.86
C HIS L 95 33.76 -30.37 7.25
N ILE L 96 34.86 -29.84 7.77
CA ILE L 96 35.94 -30.64 8.35
C ILE L 96 35.57 -30.97 9.78
N VAL L 97 35.78 -32.21 10.16
CA VAL L 97 35.45 -32.63 11.50
C VAL L 97 36.64 -32.49 12.42
N ARG L 98 36.45 -31.61 13.40
CA ARG L 98 37.48 -31.28 14.39
C ARG L 98 37.65 -32.36 15.46
N GLY L 99 38.79 -33.05 15.42
CA GLY L 99 39.09 -34.05 16.42
C GLY L 99 39.43 -35.40 15.85
N VAL L 100 39.42 -35.53 14.53
CA VAL L 100 39.87 -36.77 13.90
C VAL L 100 41.05 -36.49 12.98
N TYR L 101 41.98 -37.43 12.97
CA TYR L 101 43.18 -37.33 12.15
C TYR L 101 44.06 -36.11 12.55
N ASP L 102 44.73 -35.50 11.58
CA ASP L 102 45.63 -34.40 11.88
C ASP L 102 44.92 -33.07 12.04
N ALA L 103 43.60 -33.12 12.27
CA ALA L 103 42.82 -31.95 12.66
C ALA L 103 42.72 -31.95 14.16
N ALA L 104 43.00 -30.81 14.75
CA ALA L 104 43.12 -30.73 16.19
C ALA L 104 41.73 -30.59 16.76
N GLY L 105 41.58 -30.97 18.03
CA GLY L 105 40.46 -30.51 18.83
C GLY L 105 40.45 -29.00 18.90
N VAL L 106 39.84 -28.44 19.93
CA VAL L 106 39.81 -27.01 20.07
C VAL L 106 40.11 -26.70 21.53
N LYS L 107 41.31 -26.16 21.73
CA LYS L 107 41.84 -25.78 23.05
C LYS L 107 40.94 -24.80 23.82
N ASP L 108 40.82 -25.04 25.13
CA ASP L 108 40.14 -24.11 26.04
C ASP L 108 38.66 -23.89 25.66
N ARG L 109 38.04 -24.94 25.15
CA ARG L 109 36.66 -24.87 24.65
C ARG L 109 35.80 -25.46 25.72
N LYS L 110 34.82 -24.72 26.21
CA LYS L 110 34.12 -25.22 27.40
C LYS L 110 32.68 -25.57 27.19
N LYS L 111 32.00 -24.85 26.30
CA LYS L 111 30.58 -25.08 26.07
C LYS L 111 30.33 -26.25 25.09
N SER L 112 30.20 -25.99 23.79
CA SER L 112 29.76 -27.08 22.91
C SER L 112 30.90 -28.03 22.60
N ARG L 113 31.38 -28.70 23.64
CA ARG L 113 32.64 -29.41 23.57
C ARG L 113 32.58 -30.62 22.66
N SER L 114 31.40 -31.15 22.40
CA SER L 114 31.27 -32.39 21.67
C SER L 114 31.54 -32.15 20.20
N LYS L 115 30.96 -31.07 19.69
CA LYS L 115 31.28 -30.55 18.37
C LYS L 115 32.56 -29.80 18.62
N TYR L 116 33.32 -29.43 17.60
CA TYR L 116 34.65 -28.85 17.89
C TYR L 116 35.67 -29.88 18.47
N GLY L 117 35.16 -30.97 19.05
CA GLY L 117 35.96 -32.13 19.45
C GLY L 117 37.07 -31.83 20.45
N THR L 118 36.73 -31.74 21.73
CA THR L 118 37.64 -31.25 22.76
C THR L 118 37.28 -31.98 24.06
N LYS L 119 38.23 -32.74 24.60
CA LYS L 119 37.92 -33.57 25.75
C LYS L 119 37.61 -32.72 26.98
N LYS L 120 36.93 -33.34 27.95
CA LYS L 120 36.54 -32.73 29.21
C LYS L 120 37.78 -32.26 30.00
N PRO L 121 37.72 -31.04 30.56
CA PRO L 121 38.86 -30.49 31.29
C PRO L 121 38.93 -30.82 32.78
N LYS L 122 40.07 -30.44 33.36
CA LYS L 122 40.42 -30.72 34.75
C LYS L 122 40.93 -29.48 35.51
N GLU L 123 40.06 -28.46 35.65
CA GLU L 123 40.37 -27.21 36.41
C GLU L 123 40.04 -27.40 37.91
N ALA L 124 38.80 -27.09 38.31
CA ALA L 124 38.26 -27.56 39.58
C ALA L 124 37.62 -28.94 39.37
N ALA L 125 37.91 -29.57 38.22
CA ALA L 125 37.38 -30.89 37.81
C ALA L 125 38.48 -31.93 37.57
N ALA M 1 51.59 81.70 -6.79
CA ALA M 1 53.09 81.81 -6.92
C ALA M 1 53.77 80.73 -6.12
N ARG M 2 55.07 80.71 -6.26
CA ARG M 2 55.88 79.79 -5.53
C ARG M 2 55.75 80.08 -4.06
N ILE M 3 55.05 79.21 -3.33
CA ILE M 3 55.16 79.24 -1.87
C ILE M 3 56.30 78.28 -1.49
N ALA M 4 55.94 77.10 -0.98
CA ALA M 4 56.87 76.29 -0.25
C ALA M 4 57.86 75.64 -1.18
N GLY M 5 58.81 74.92 -0.58
CA GLY M 5 59.84 74.15 -1.29
C GLY M 5 60.17 74.72 -2.65
N VAL M 6 59.84 73.95 -3.69
CA VAL M 6 59.86 74.44 -5.09
C VAL M 6 58.41 74.35 -5.56
N GLU M 7 57.49 74.98 -4.83
CA GLU M 7 56.04 74.79 -5.02
C GLU M 7 55.30 75.98 -5.64
N ILE M 8 54.32 75.69 -6.50
CA ILE M 8 53.46 76.71 -7.12
C ILE M 8 52.02 76.15 -7.27
N PRO M 9 51.03 76.61 -6.47
CA PRO M 9 49.57 76.30 -6.68
C PRO M 9 48.99 76.95 -7.94
N ARG M 10 47.66 77.14 -8.09
CA ARG M 10 47.16 78.26 -8.99
C ARG M 10 45.66 78.50 -9.05
N ASN M 11 45.26 79.60 -9.70
CA ASN M 11 43.92 79.78 -10.33
C ASN M 11 42.64 79.24 -9.56
N LYS M 12 42.80 79.05 -8.25
CA LYS M 12 41.76 78.57 -7.35
C LYS M 12 41.90 79.38 -6.07
N ARG M 13 40.93 79.27 -5.19
CA ARG M 13 41.08 79.83 -3.85
C ARG M 13 42.45 79.46 -3.23
N VAL M 14 43.00 80.37 -2.44
CA VAL M 14 44.26 80.14 -1.74
C VAL M 14 44.17 79.06 -0.66
N ASP M 15 43.07 79.05 0.10
CA ASP M 15 42.80 78.00 1.12
C ASP M 15 42.99 76.59 0.52
N VAL M 16 42.08 76.23 -0.38
CA VAL M 16 42.23 75.11 -1.30
C VAL M 16 43.63 75.01 -1.88
N ALA M 17 44.02 76.02 -2.65
CA ALA M 17 45.24 75.95 -3.40
C ALA M 17 46.48 75.83 -2.53
N LEU M 18 46.43 76.26 -1.28
CA LEU M 18 47.55 76.05 -0.37
C LEU M 18 47.81 74.56 -0.09
N THR M 19 46.67 73.85 -0.05
CA THR M 19 46.56 72.40 0.14
C THR M 19 47.56 71.56 -0.64
N TYR M 20 47.91 72.09 -1.81
CA TYR M 20 48.74 71.39 -2.77
C TYR M 20 50.17 71.29 -2.29
N ILE M 21 50.37 71.52 -0.99
CA ILE M 21 51.68 71.35 -0.35
C ILE M 21 51.70 70.11 0.59
N TYR M 22 52.90 69.54 0.70
CA TYR M 22 53.12 68.39 1.59
C TYR M 22 53.36 68.96 2.97
N GLY M 23 52.37 68.84 3.83
CA GLY M 23 52.44 69.41 5.18
C GLY M 23 51.38 70.46 5.41
N ILE M 24 50.77 70.96 4.34
CA ILE M 24 49.67 71.91 4.47
C ILE M 24 48.34 71.20 4.20
N GLY M 25 47.61 71.05 5.29
CA GLY M 25 46.25 70.54 5.26
C GLY M 25 45.26 71.67 5.23
N LYS M 26 44.00 71.32 5.39
CA LYS M 26 42.90 72.27 5.30
C LYS M 26 42.92 73.14 6.57
N ALA M 27 43.51 72.59 7.64
CA ALA M 27 43.53 73.23 8.94
C ALA M 27 44.65 74.23 9.04
N ARG M 28 45.87 73.79 8.75
CA ARG M 28 46.99 74.70 8.68
C ARG M 28 46.77 75.86 7.70
N ALA M 29 45.87 75.67 6.71
CA ALA M 29 45.57 76.73 5.72
C ALA M 29 44.68 77.84 6.25
N LYS M 30 43.62 77.48 6.99
CA LYS M 30 42.81 78.49 7.68
C LYS M 30 43.74 79.28 8.55
N GLU M 31 44.43 78.57 9.45
CA GLU M 31 45.36 79.16 10.41
C GLU M 31 46.28 80.18 9.76
N ALA M 32 46.87 79.82 8.63
CA ALA M 32 47.76 80.75 7.95
C ALA M 32 47.04 81.93 7.29
N LEU M 33 45.81 81.75 6.85
CA LEU M 33 45.17 82.80 6.08
C LEU M 33 44.56 83.89 6.96
N GLU M 34 44.65 83.71 8.27
CA GLU M 34 44.19 84.73 9.20
C GLU M 34 45.35 85.28 10.04
N LYS M 35 46.26 84.41 10.50
CA LYS M 35 47.48 84.86 11.19
C LYS M 35 48.45 85.61 10.26
N THR M 36 48.04 85.81 9.00
CA THR M 36 48.64 86.81 8.11
C THR M 36 47.58 87.65 7.43
N GLY M 37 46.31 87.34 7.68
CA GLY M 37 45.20 88.24 7.33
C GLY M 37 44.81 88.32 5.87
N ILE M 38 44.90 87.19 5.16
CA ILE M 38 44.52 87.13 3.74
C ILE M 38 43.16 86.47 3.60
N ASN M 39 42.20 87.17 3.02
CA ASN M 39 40.90 86.54 2.78
C ASN M 39 41.12 85.26 1.97
N PRO M 40 40.48 84.16 2.38
CA PRO M 40 40.66 82.87 1.70
C PRO M 40 39.98 82.72 0.32
N ALA M 41 38.89 83.43 0.06
CA ALA M 41 38.10 83.25 -1.18
C ALA M 41 38.73 83.83 -2.47
N THR M 42 39.83 84.56 -2.31
CA THR M 42 40.51 85.14 -3.46
C THR M 42 41.19 84.05 -4.22
N ARG M 43 41.12 84.13 -5.55
CA ARG M 43 41.99 83.30 -6.41
C ARG M 43 43.49 83.72 -6.36
N VAL M 44 44.41 82.77 -6.43
CA VAL M 44 45.84 83.10 -6.41
C VAL M 44 46.01 84.12 -7.51
N LYS M 45 45.60 83.73 -8.71
CA LYS M 45 45.49 84.60 -9.90
C LYS M 45 45.53 86.12 -9.65
N ASP M 46 44.90 86.57 -8.57
CA ASP M 46 44.90 87.99 -8.24
C ASP M 46 45.05 88.24 -6.73
N LEU M 47 46.30 88.34 -6.28
CA LEU M 47 46.55 88.67 -4.89
C LEU M 47 47.93 89.32 -4.74
N THR M 48 48.05 90.26 -3.80
CA THR M 48 49.23 91.13 -3.67
C THR M 48 50.56 90.37 -3.57
N GLU M 49 51.65 91.01 -3.99
CA GLU M 49 52.99 90.44 -3.76
C GLU M 49 53.44 90.71 -2.33
N ALA M 50 52.87 91.75 -1.73
CA ALA M 50 52.96 91.95 -0.29
C ALA M 50 52.50 90.70 0.43
N GLU M 51 51.46 90.10 -0.14
CA GLU M 51 50.72 89.00 0.49
C GLU M 51 51.29 87.63 0.16
N VAL M 52 51.83 87.47 -1.04
CA VAL M 52 52.52 86.23 -1.40
C VAL M 52 53.71 86.03 -0.46
N VAL M 53 54.33 87.11 0.01
CA VAL M 53 55.49 86.95 0.91
C VAL M 53 55.09 86.82 2.38
N ARG M 54 54.15 87.64 2.84
CA ARG M 54 53.61 87.46 4.19
C ARG M 54 53.08 86.03 4.41
N LEU M 55 52.66 85.37 3.32
CA LEU M 55 52.35 83.92 3.31
C LEU M 55 53.60 83.11 3.32
N ARG M 56 54.40 83.27 2.28
CA ARG M 56 55.65 82.55 2.18
C ARG M 56 56.30 82.47 3.58
N GLU M 57 56.56 83.61 4.20
CA GLU M 57 57.37 83.64 5.43
C GLU M 57 56.72 82.93 6.60
N TYR M 58 55.42 83.15 6.78
CA TYR M 58 54.68 82.47 7.83
C TYR M 58 54.87 80.97 7.73
N VAL M 59 54.62 80.46 6.54
CA VAL M 59 54.56 79.03 6.28
C VAL M 59 55.89 78.27 6.49
N GLU M 60 56.94 78.71 5.80
CA GLU M 60 58.24 78.05 5.93
C GLU M 60 58.80 78.10 7.34
N ASN M 61 58.36 79.06 8.14
CA ASN M 61 58.93 79.24 9.48
C ASN M 61 58.10 78.66 10.61
N THR M 62 56.77 78.65 10.45
CA THR M 62 55.92 78.04 11.46
C THR M 62 56.24 76.54 11.57
N TRP M 63 56.66 75.90 10.48
CA TRP M 63 56.74 74.44 10.49
C TRP M 63 57.50 73.72 9.33
N LYS M 64 57.80 72.45 9.66
CA LYS M 64 58.55 71.49 8.83
C LYS M 64 57.68 70.96 7.69
N LEU M 65 58.27 70.87 6.50
CA LEU M 65 57.48 70.84 5.26
C LEU M 65 57.95 69.99 4.11
N GLU M 66 57.10 70.01 3.08
CA GLU M 66 57.46 69.73 1.70
C GLU M 66 58.79 69.02 1.43
N GLY M 67 58.95 67.80 1.90
CA GLY M 67 60.16 67.08 1.61
C GLY M 67 61.26 67.26 2.63
N GLU M 68 61.18 68.28 3.47
CA GLU M 68 61.92 68.27 4.74
C GLU M 68 61.26 67.13 5.52
N LEU M 69 59.92 67.20 5.53
CA LEU M 69 59.05 66.14 6.03
C LEU M 69 59.21 64.78 5.36
N ARG M 70 58.96 64.75 4.05
CA ARG M 70 59.17 63.53 3.25
C ARG M 70 60.45 62.78 3.67
N ALA M 71 61.46 63.56 4.06
CA ALA M 71 62.71 63.02 4.55
C ALA M 71 62.65 62.64 6.03
N GLU M 72 61.96 63.45 6.82
CA GLU M 72 61.80 63.16 8.24
C GLU M 72 61.10 61.83 8.47
N VAL M 73 59.92 61.68 7.86
CA VAL M 73 59.17 60.42 7.96
C VAL M 73 60.07 59.30 7.45
N ALA M 74 60.55 59.43 6.22
CA ALA M 74 61.55 58.53 5.68
C ALA M 74 62.55 58.13 6.74
N ALA M 75 63.12 59.15 7.40
CA ALA M 75 64.14 58.96 8.43
C ALA M 75 63.58 58.32 9.71
N ASN M 76 62.33 58.61 10.07
CA ASN M 76 61.71 57.97 11.22
C ASN M 76 61.59 56.45 11.05
N ILE M 77 60.95 56.03 9.97
CA ILE M 77 60.64 54.64 9.72
C ILE M 77 61.95 53.87 9.61
N LYS M 78 62.94 54.45 8.92
CA LYS M 78 64.23 53.76 8.84
C LYS M 78 64.86 53.59 10.22
N ARG M 79 64.46 54.41 11.20
CA ARG M 79 64.87 54.20 12.60
C ARG M 79 64.09 53.09 13.26
N LEU M 80 62.80 52.96 12.94
CA LEU M 80 61.98 51.89 13.53
C LEU M 80 62.53 50.48 13.23
N MET M 81 63.40 50.38 12.22
CA MET M 81 64.30 49.24 12.06
C MET M 81 65.23 49.09 13.28
N ASP M 82 65.68 50.21 13.84
CA ASP M 82 66.65 50.29 14.97
C ASP M 82 67.50 49.02 15.21
N ILE M 83 67.59 48.57 16.46
CA ILE M 83 67.94 47.18 16.76
C ILE M 83 66.82 46.28 16.21
N GLY M 84 65.61 46.83 16.16
CA GLY M 84 64.47 46.22 15.44
C GLY M 84 63.29 46.00 16.35
N CYS M 85 62.38 46.96 16.40
CA CYS M 85 61.18 46.77 17.21
C CYS M 85 60.13 46.06 16.37
N TYR M 86 58.91 45.95 16.89
CA TYR M 86 57.82 45.27 16.19
C TYR M 86 57.42 46.00 14.91
N ARG M 87 56.87 47.20 15.05
CA ARG M 87 56.51 48.07 13.90
C ARG M 87 57.62 48.15 12.83
N GLY M 88 58.85 47.84 13.23
CA GLY M 88 59.99 47.74 12.32
C GLY M 88 59.76 46.75 11.21
N LEU M 89 60.08 45.48 11.43
CA LEU M 89 59.53 44.42 10.59
C LEU M 89 58.04 44.59 10.76
N ARG M 90 57.29 44.48 9.68
CA ARG M 90 55.93 45.05 9.59
C ARG M 90 56.02 46.18 8.57
N HIS M 91 56.92 47.11 8.81
CA HIS M 91 57.36 48.00 7.77
C HIS M 91 58.30 47.22 6.90
N ARG M 92 59.27 46.53 7.50
CA ARG M 92 60.17 45.65 6.73
C ARG M 92 59.32 44.65 5.90
N ARG M 93 58.27 44.10 6.51
CA ARG M 93 57.46 43.05 5.87
C ARG M 93 56.19 43.64 5.27
N GLY M 94 56.22 44.90 4.85
CA GLY M 94 55.07 45.52 4.20
C GLY M 94 53.68 45.04 4.62
N LEU M 95 53.45 44.98 5.93
CA LEU M 95 52.16 44.57 6.48
C LEU M 95 51.59 45.67 7.35
N PRO M 96 50.26 45.64 7.58
CA PRO M 96 49.61 46.63 8.43
C PRO M 96 50.36 46.82 9.72
N VAL M 97 50.37 48.06 10.18
CA VAL M 97 51.22 48.46 11.29
C VAL M 97 50.44 48.68 12.60
N ARG M 98 49.15 48.94 12.49
CA ARG M 98 48.40 49.46 13.64
C ARG M 98 47.32 48.50 14.15
N GLY M 99 47.75 47.23 14.28
CA GLY M 99 47.00 46.16 14.94
C GLY M 99 45.62 45.87 14.38
N GLN M 100 45.60 45.24 13.21
CA GLN M 100 44.38 45.03 12.43
C GLN M 100 44.60 43.77 11.61
N ARG M 101 43.52 43.13 11.18
CA ARG M 101 43.64 41.79 10.59
C ARG M 101 44.52 41.74 9.34
N THR M 102 45.03 40.55 9.04
CA THR M 102 45.70 40.31 7.78
C THR M 102 45.09 39.14 7.02
N ARG M 103 44.23 38.35 7.67
CA ARG M 103 43.60 37.19 7.02
C ARG M 103 42.82 37.65 5.79
N THR M 104 42.00 38.67 5.96
CA THR M 104 41.35 39.31 4.83
C THR M 104 41.80 40.72 4.85
N ASN M 105 41.36 41.47 3.83
CA ASN M 105 41.76 42.86 3.64
C ASN M 105 43.32 43.04 3.67
N ALA M 106 43.79 44.20 4.14
CA ALA M 106 45.22 44.52 4.14
C ALA M 106 45.66 44.72 2.72
N ARG M 107 44.69 45.10 1.90
CA ARG M 107 44.96 45.34 0.51
C ARG M 107 45.78 46.62 0.36
N THR M 108 45.37 47.73 0.99
CA THR M 108 46.12 48.97 0.80
C THR M 108 47.62 48.87 1.07
N ARG M 109 48.03 47.99 1.96
CA ARG M 109 49.46 47.72 2.16
C ARG M 109 49.96 46.44 1.50
N LYS M 110 49.25 45.95 0.49
CA LYS M 110 49.71 44.79 -0.27
C LYS M 110 49.45 44.95 -1.79
N GLY M 111 50.33 44.33 -2.58
CA GLY M 111 50.24 44.45 -4.03
C GLY M 111 48.96 43.86 -4.61
N PRO M 112 48.21 44.66 -5.40
CA PRO M 112 46.89 44.28 -5.87
C PRO M 112 46.42 42.93 -5.28
N ARG M 113 46.67 41.82 -5.96
CA ARG M 113 46.51 40.47 -5.38
C ARG M 113 47.66 39.59 -5.87
N LYS M 114 47.74 38.36 -5.36
CA LYS M 114 48.81 37.45 -5.74
C LYS M 114 48.22 36.05 -5.61
N THR M 115 47.20 35.79 -6.41
CA THR M 115 46.40 34.54 -6.34
C THR M 115 47.24 33.25 -6.49
N VAL M 116 46.82 32.21 -5.75
CA VAL M 116 47.28 30.80 -5.92
C VAL M 116 46.09 29.81 -5.99
N ALA M 117 46.38 28.51 -5.78
CA ALA M 117 45.36 27.45 -5.78
C ALA M 117 44.98 26.95 -4.36
N GLY M 118 44.67 25.65 -4.22
CA GLY M 118 44.41 25.00 -2.92
C GLY M 118 43.06 24.30 -2.82
N LYS M 119 42.75 23.79 -1.62
CA LYS M 119 41.45 23.17 -1.27
C LYS M 119 41.17 21.84 -2.02
N LYS M 120 41.17 20.73 -1.30
CA LYS M 120 40.87 19.39 -1.86
C LYS M 120 39.86 18.61 -1.02
N ALA N 1 37.17 24.46 32.40
CA ALA N 1 37.38 23.59 33.61
C ALA N 1 36.10 23.39 34.54
N ARG N 2 34.91 23.79 34.05
CA ARG N 2 33.74 24.23 34.88
C ARG N 2 33.48 23.52 36.23
N LYS N 3 34.32 23.83 37.21
CA LYS N 3 33.99 23.70 38.65
C LYS N 3 34.88 24.64 39.43
N ALA N 4 36.18 24.35 39.36
CA ALA N 4 37.22 25.24 39.91
C ALA N 4 37.00 26.67 39.43
N LEU N 5 36.32 26.78 38.29
CA LEU N 5 35.97 28.06 37.70
C LEU N 5 34.76 28.68 38.37
N ILE N 6 33.66 27.94 38.52
CA ILE N 6 32.47 28.58 39.12
C ILE N 6 32.82 29.18 40.45
N GLU N 7 33.68 28.48 41.20
CA GLU N 7 34.13 28.92 42.52
C GLU N 7 34.96 30.20 42.44
N LYS N 8 36.09 30.11 41.75
CA LYS N 8 36.96 31.27 41.55
C LYS N 8 36.23 32.57 41.10
N ALA N 9 35.02 32.46 40.56
CA ALA N 9 34.22 33.61 40.10
C ALA N 9 33.36 34.22 41.20
N LYS N 10 33.44 33.58 42.39
CA LYS N 10 32.78 34.03 43.63
C LYS N 10 33.76 34.79 44.50
N ARG N 11 35.04 34.43 44.39
CA ARG N 11 36.12 35.10 45.12
C ARG N 11 36.24 36.60 44.85
N THR N 12 37.06 37.25 45.67
CA THR N 12 37.53 38.60 45.39
C THR N 12 38.96 38.41 44.91
N PRO N 13 39.41 39.25 43.96
CA PRO N 13 40.66 38.92 43.28
C PRO N 13 41.73 39.99 43.41
N LYS N 14 43.00 39.60 43.20
CA LYS N 14 44.05 40.58 42.95
C LYS N 14 43.58 41.40 41.75
N PHE N 15 43.35 42.70 41.94
CA PHE N 15 42.80 43.60 40.90
C PHE N 15 41.31 43.31 40.59
N LYS N 16 40.43 44.29 40.69
CA LYS N 16 38.98 44.07 40.45
C LYS N 16 38.57 43.92 38.97
N VAL N 17 39.51 44.15 38.06
CA VAL N 17 39.24 43.95 36.63
C VAL N 17 38.94 42.49 36.31
N ARG N 18 39.55 41.58 37.06
CA ARG N 18 39.40 40.16 36.83
C ARG N 18 38.03 39.60 37.29
N ALA N 19 37.17 40.43 37.87
CA ALA N 19 35.79 40.03 38.22
C ALA N 19 34.98 39.58 37.02
N TYR N 20 33.80 39.02 37.28
CA TYR N 20 32.74 38.84 36.24
C TYR N 20 31.46 38.08 36.67
N THR N 21 30.36 38.39 35.99
CA THR N 21 29.09 37.68 36.16
C THR N 21 29.16 36.16 35.79
N ARG N 22 28.07 35.41 36.04
CA ARG N 22 28.08 33.95 35.88
C ARG N 22 26.75 33.24 36.32
N CYS N 23 25.96 32.74 35.34
CA CYS N 23 24.57 32.25 35.57
C CYS N 23 24.66 31.45 36.86
N VAL N 24 24.06 32.00 37.92
CA VAL N 24 24.10 31.40 39.27
C VAL N 24 23.46 30.01 39.28
N ARG N 25 22.32 29.85 38.59
CA ARG N 25 21.82 28.53 38.19
C ARG N 25 22.86 27.74 37.35
N CYS N 26 22.64 27.82 36.03
CA CYS N 26 23.34 27.09 34.97
C CYS N 26 24.80 27.62 34.80
N GLY N 27 25.67 27.41 35.81
CA GLY N 27 26.99 28.12 36.01
C GLY N 27 27.79 28.88 34.93
N ARG N 28 27.18 29.82 34.21
CA ARG N 28 27.59 30.10 32.82
C ARG N 28 28.20 31.44 32.50
N ALA N 29 29.44 31.42 32.00
CA ALA N 29 30.19 32.65 31.66
C ALA N 29 29.46 33.66 30.74
N ARG N 30 28.89 33.22 29.60
CA ARG N 30 28.35 34.17 28.59
C ARG N 30 26.88 34.52 28.74
N SER N 31 26.50 35.68 28.21
CA SER N 31 25.13 36.22 28.20
C SER N 31 24.36 36.06 29.50
N VAL N 32 24.87 36.76 30.51
CA VAL N 32 24.36 36.79 31.89
C VAL N 32 23.84 38.19 32.22
N TYR N 33 22.52 38.32 32.27
CA TYR N 33 21.86 39.61 32.39
C TYR N 33 22.12 40.20 33.78
N ARG N 34 22.43 41.50 33.86
CA ARG N 34 22.91 42.08 35.14
C ARG N 34 21.83 42.11 36.25
N PHE N 35 20.59 42.31 35.84
CA PHE N 35 19.41 42.34 36.71
C PHE N 35 18.89 40.95 37.12
N PHE N 36 19.74 39.92 37.04
CA PHE N 36 19.32 38.55 37.37
C PHE N 36 20.45 37.60 37.78
N GLY N 37 21.68 37.80 37.31
CA GLY N 37 22.78 36.81 37.51
C GLY N 37 22.52 35.51 36.76
N LEU N 38 21.86 35.64 35.60
CA LEU N 38 21.16 34.55 34.89
C LEU N 38 21.37 34.44 33.36
N CYS N 39 22.19 33.45 32.95
CA CYS N 39 22.36 33.02 31.55
C CYS N 39 21.03 33.04 30.82
N ARG N 40 20.98 33.70 29.67
CA ARG N 40 19.76 33.77 28.84
C ARG N 40 18.99 32.44 28.76
N ILE N 41 19.71 31.33 28.96
CA ILE N 41 19.13 30.00 28.87
C ILE N 41 18.35 29.74 30.17
N CYS N 42 19.13 29.53 31.26
CA CYS N 42 18.66 29.32 32.65
C CYS N 42 18.00 30.64 32.98
N LEU N 43 16.80 30.91 32.43
CA LEU N 43 16.23 32.25 32.40
C LEU N 43 15.00 32.22 31.55
N ARG N 44 15.18 31.96 30.25
CA ARG N 44 14.02 31.71 29.40
C ARG N 44 13.26 30.58 30.13
N GLU N 45 14.06 29.67 30.71
CA GLU N 45 13.56 28.64 31.64
C GLU N 45 12.65 29.16 32.76
N LEU N 46 13.23 29.83 33.76
CA LEU N 46 12.42 30.31 34.88
C LEU N 46 11.27 31.19 34.41
N ALA N 47 11.58 32.16 33.57
CA ALA N 47 10.55 33.03 32.98
C ALA N 47 9.27 32.29 32.58
N HIS N 48 9.43 31.12 31.98
CA HIS N 48 8.30 30.34 31.46
C HIS N 48 7.47 29.73 32.57
N LYS N 49 8.15 29.36 33.66
CA LYS N 49 7.50 28.79 34.83
C LYS N 49 6.64 29.80 35.56
N GLY N 50 7.13 31.04 35.66
CA GLY N 50 6.47 32.08 36.47
C GLY N 50 7.25 32.36 37.75
N GLN N 51 8.29 31.57 38.00
CA GLN N 51 9.21 31.80 39.11
C GLN N 51 9.92 33.17 39.05
N LEU N 52 9.65 33.93 37.98
CA LEU N 52 10.19 35.27 37.81
C LEU N 52 9.05 36.28 37.83
N PRO N 53 8.95 37.06 38.92
CA PRO N 53 7.81 37.97 39.15
C PRO N 53 7.72 39.12 38.19
N GLY N 54 6.50 39.32 37.67
CA GLY N 54 6.19 40.42 36.76
C GLY N 54 6.75 40.35 35.35
N VAL N 55 7.41 39.23 35.00
CA VAL N 55 8.05 39.07 33.68
C VAL N 55 7.08 38.37 32.72
N ARG N 56 6.62 39.11 31.71
CA ARG N 56 5.64 38.60 30.76
C ARG N 56 6.24 38.44 29.34
N LYS N 57 5.54 37.69 28.49
CA LYS N 57 5.91 37.58 27.08
C LYS N 57 5.46 38.84 26.42
N ALA N 58 6.39 39.48 25.71
CA ALA N 58 6.14 40.75 25.02
C ALA N 58 5.48 40.55 23.64
N SER N 59 4.70 41.54 23.19
CA SER N 59 3.92 41.42 21.95
C SER N 59 3.36 42.77 21.43
N TRP N 60 3.85 43.20 20.26
CA TRP N 60 3.36 44.43 19.62
C TRP N 60 3.49 44.44 18.05
N PRO O 1 -21.52 -23.74 -62.10
CA PRO O 1 -22.53 -24.23 -61.14
C PRO O 1 -22.95 -25.67 -61.40
N ILE O 2 -23.99 -26.11 -60.68
CA ILE O 2 -24.73 -27.34 -60.99
C ILE O 2 -26.20 -26.97 -61.12
N THR O 3 -26.66 -26.83 -62.36
CA THR O 3 -28.02 -26.35 -62.59
C THR O 3 -29.07 -27.31 -62.03
N LYS O 4 -30.19 -26.75 -61.55
CA LYS O 4 -31.23 -27.55 -60.89
C LYS O 4 -31.53 -28.87 -61.58
N GLU O 5 -31.56 -28.88 -62.92
CA GLU O 5 -31.93 -30.09 -63.70
C GLU O 5 -30.86 -31.17 -63.58
N GLU O 6 -29.60 -30.77 -63.77
CA GLU O 6 -28.48 -31.69 -63.62
C GLU O 6 -28.54 -32.40 -62.28
N LYS O 7 -28.78 -31.61 -61.23
CA LYS O 7 -28.93 -32.16 -59.89
C LYS O 7 -30.08 -33.15 -59.88
N GLN O 8 -31.23 -32.67 -60.38
CA GLN O 8 -32.47 -33.42 -60.41
C GLN O 8 -32.36 -34.74 -61.11
N LYS O 9 -31.69 -34.74 -62.26
CA LYS O 9 -31.35 -35.98 -62.99
C LYS O 9 -30.63 -37.03 -62.09
N VAL O 10 -29.79 -36.55 -61.17
CA VAL O 10 -28.94 -37.42 -60.38
C VAL O 10 -29.71 -37.97 -59.20
N ILE O 11 -30.45 -37.10 -58.53
CA ILE O 11 -31.39 -37.59 -57.53
C ILE O 11 -32.21 -38.74 -58.14
N GLN O 12 -32.84 -38.50 -59.30
CA GLN O 12 -33.56 -39.54 -60.09
C GLN O 12 -32.80 -40.85 -60.32
N GLU O 13 -31.61 -40.77 -60.92
CA GLU O 13 -30.86 -41.98 -61.26
C GLU O 13 -30.34 -42.78 -60.04
N PHE O 14 -30.71 -42.35 -58.84
CA PHE O 14 -30.15 -42.87 -57.59
C PHE O 14 -31.11 -43.06 -56.44
N ALA O 15 -32.20 -42.32 -56.43
CA ALA O 15 -33.21 -42.49 -55.40
C ALA O 15 -33.65 -43.94 -55.30
N ARG O 16 -33.74 -44.45 -54.08
CA ARG O 16 -34.15 -45.84 -53.81
C ARG O 16 -35.59 -46.09 -54.31
N PHE O 17 -36.41 -45.07 -54.19
CA PHE O 17 -37.81 -45.12 -54.58
C PHE O 17 -38.18 -43.69 -54.94
N PRO O 18 -39.31 -43.48 -55.63
CA PRO O 18 -39.70 -42.10 -55.97
C PRO O 18 -40.05 -41.23 -54.75
N GLY O 19 -39.53 -40.00 -54.71
CA GLY O 19 -39.66 -39.13 -53.53
C GLY O 19 -38.46 -39.16 -52.59
N ASP O 20 -37.45 -39.95 -52.95
CA ASP O 20 -36.24 -40.07 -52.15
C ASP O 20 -35.25 -39.00 -52.57
N THR O 21 -35.10 -38.00 -51.69
CA THR O 21 -34.13 -36.95 -51.89
C THR O 21 -32.90 -37.15 -51.02
N GLY O 22 -33.08 -37.61 -49.78
CA GLY O 22 -32.00 -37.63 -48.82
C GLY O 22 -31.62 -38.95 -48.21
N SER O 23 -31.38 -39.97 -49.03
CA SER O 23 -30.82 -41.23 -48.53
C SER O 23 -29.29 -41.31 -48.76
N THR O 24 -28.63 -42.17 -47.98
CA THR O 24 -27.19 -42.41 -48.10
C THR O 24 -26.74 -42.47 -49.54
N GLU O 25 -27.57 -43.04 -50.40
CA GLU O 25 -27.19 -43.25 -51.78
C GLU O 25 -27.28 -41.94 -52.59
N VAL O 26 -28.39 -41.21 -52.45
CA VAL O 26 -28.52 -39.91 -53.14
C VAL O 26 -27.42 -38.96 -52.66
N GLN O 27 -27.15 -39.01 -51.36
CA GLN O 27 -26.18 -38.14 -50.72
C GLN O 27 -24.77 -38.38 -51.23
N VAL O 28 -24.33 -39.63 -51.21
CA VAL O 28 -23.04 -40.01 -51.77
C VAL O 28 -22.94 -39.53 -53.21
N ALA O 29 -24.03 -39.73 -53.97
CA ALA O 29 -24.07 -39.38 -55.39
C ALA O 29 -23.78 -37.91 -55.58
N LEU O 30 -24.62 -37.08 -54.98
CA LEU O 30 -24.49 -35.63 -55.04
C LEU O 30 -23.09 -35.12 -54.63
N LEU O 31 -22.50 -35.69 -53.58
CA LEU O 31 -21.13 -35.33 -53.18
C LEU O 31 -20.19 -35.61 -54.32
N THR O 32 -20.26 -36.83 -54.82
CA THR O 32 -19.50 -37.22 -56.00
C THR O 32 -19.64 -36.29 -57.19
N LEU O 33 -20.83 -35.77 -57.41
CA LEU O 33 -21.00 -34.76 -58.44
C LEU O 33 -20.20 -33.51 -58.05
N ARG O 34 -20.46 -32.98 -56.86
CA ARG O 34 -19.77 -31.77 -56.40
C ARG O 34 -18.25 -31.93 -56.46
N ILE O 35 -17.78 -33.13 -56.12
CA ILE O 35 -16.34 -33.42 -56.03
C ILE O 35 -15.67 -33.35 -57.39
N ASN O 36 -16.31 -33.97 -58.38
CA ASN O 36 -15.71 -34.09 -59.70
C ASN O 36 -15.69 -32.75 -60.37
N ARG O 37 -16.73 -31.95 -60.14
CA ARG O 37 -16.77 -30.54 -60.58
C ARG O 37 -15.67 -29.73 -59.91
N LEU O 38 -15.61 -29.89 -58.60
CA LEU O 38 -14.65 -29.16 -57.78
C LEU O 38 -13.22 -29.60 -58.06
N SER O 39 -13.05 -30.85 -58.46
CA SER O 39 -11.74 -31.34 -58.80
C SER O 39 -11.27 -30.88 -60.17
N GLU O 40 -12.21 -30.66 -61.08
CA GLU O 40 -11.83 -30.16 -62.40
C GLU O 40 -11.36 -28.71 -62.26
N HIS O 41 -12.09 -27.95 -61.46
CA HIS O 41 -11.71 -26.56 -61.13
C HIS O 41 -10.40 -26.48 -60.37
N LEU O 42 -10.02 -27.55 -59.68
CA LEU O 42 -8.75 -27.51 -58.93
C LEU O 42 -7.50 -27.87 -59.74
N LYS O 43 -7.64 -28.74 -60.76
CA LYS O 43 -6.49 -29.10 -61.62
C LYS O 43 -6.02 -27.88 -62.39
N VAL O 44 -6.92 -26.93 -62.56
CA VAL O 44 -6.58 -25.67 -63.22
C VAL O 44 -6.19 -24.63 -62.18
N HIS O 45 -7.05 -24.36 -61.22
CA HIS O 45 -6.77 -23.30 -60.26
C HIS O 45 -6.02 -23.78 -59.03
N LYS O 46 -4.83 -24.33 -59.29
CA LYS O 46 -3.98 -24.98 -58.26
C LYS O 46 -3.77 -24.21 -56.95
N LYS O 47 -3.76 -22.88 -57.04
CA LYS O 47 -3.42 -22.06 -55.90
C LYS O 47 -4.65 -21.67 -55.10
N ASP O 48 -5.82 -22.16 -55.48
CA ASP O 48 -7.06 -21.80 -54.75
C ASP O 48 -7.24 -22.74 -53.61
N HIS O 49 -6.65 -22.44 -52.46
CA HIS O 49 -6.66 -23.39 -51.34
C HIS O 49 -7.89 -23.30 -50.50
N HIS O 50 -8.43 -22.12 -50.34
CA HIS O 50 -9.63 -22.00 -49.53
C HIS O 50 -10.70 -22.96 -50.11
N SER O 51 -10.89 -22.95 -51.42
CA SER O 51 -11.80 -23.89 -52.04
C SER O 51 -11.39 -25.32 -51.73
N HIS O 52 -10.10 -25.63 -51.79
CA HIS O 52 -9.59 -26.99 -51.56
C HIS O 52 -9.93 -27.55 -50.17
N ARG O 53 -10.11 -26.70 -49.17
CA ARG O 53 -10.59 -27.17 -47.86
C ARG O 53 -12.01 -27.72 -47.97
N GLY O 54 -12.86 -27.02 -48.71
CA GLY O 54 -14.19 -27.53 -49.06
C GLY O 54 -14.12 -28.97 -49.55
N LEU O 55 -13.18 -29.26 -50.45
CA LEU O 55 -12.97 -30.61 -50.97
C LEU O 55 -12.74 -31.65 -49.87
N LEU O 56 -11.71 -31.45 -49.05
CA LEU O 56 -11.35 -32.32 -47.93
C LEU O 56 -12.55 -32.69 -47.08
N MET O 57 -13.41 -31.71 -46.85
CA MET O 57 -14.62 -31.88 -46.11
C MET O 57 -15.58 -32.78 -46.87
N MET O 58 -15.86 -32.46 -48.14
CA MET O 58 -16.73 -33.32 -49.01
C MET O 58 -16.20 -34.77 -49.10
N VAL O 59 -14.89 -34.94 -49.24
CA VAL O 59 -14.28 -36.27 -49.31
C VAL O 59 -14.47 -37.04 -48.01
N GLY O 60 -14.48 -36.31 -46.89
CA GLY O 60 -14.74 -36.88 -45.56
C GLY O 60 -16.20 -37.24 -45.42
N GLN O 61 -17.07 -36.24 -45.43
CA GLN O 61 -18.49 -36.52 -45.48
C GLN O 61 -18.79 -37.75 -46.37
N ARG O 62 -18.10 -37.94 -47.48
CA ARG O 62 -18.42 -39.09 -48.31
C ARG O 62 -17.98 -40.36 -47.64
N ARG O 63 -16.72 -40.46 -47.21
CA ARG O 63 -16.14 -41.70 -46.58
C ARG O 63 -16.89 -42.07 -45.33
N ARG O 64 -17.29 -41.06 -44.59
CA ARG O 64 -18.08 -41.26 -43.40
C ARG O 64 -19.46 -41.81 -43.80
N LEU O 65 -20.07 -41.28 -44.85
CA LEU O 65 -21.35 -41.84 -45.34
C LEU O 65 -21.19 -43.28 -45.83
N LEU O 66 -20.31 -43.50 -46.80
CA LEU O 66 -20.00 -44.85 -47.27
C LEU O 66 -19.62 -45.84 -46.17
N ARG O 67 -18.96 -45.38 -45.12
CA ARG O 67 -18.52 -46.27 -44.05
C ARG O 67 -19.76 -46.84 -43.41
N TYR O 68 -20.77 -45.99 -43.27
CA TYR O 68 -22.04 -46.38 -42.65
C TYR O 68 -22.73 -47.40 -43.47
N LEU O 69 -22.70 -47.23 -44.79
CA LEU O 69 -23.47 -48.10 -45.70
C LEU O 69 -22.88 -49.52 -45.75
N GLN O 70 -21.59 -49.57 -45.92
CA GLN O 70 -20.82 -50.79 -45.87
C GLN O 70 -21.05 -51.55 -44.51
N ARG O 71 -21.45 -50.85 -43.46
CA ARG O 71 -21.69 -51.48 -42.18
C ARG O 71 -23.15 -51.94 -41.99
N GLU O 72 -24.09 -51.38 -42.76
CA GLU O 72 -25.50 -51.75 -42.62
C GLU O 72 -25.98 -52.70 -43.70
N ASP O 73 -25.67 -52.37 -44.95
CA ASP O 73 -26.04 -53.17 -46.12
C ASP O 73 -24.86 -53.31 -47.08
N PRO O 74 -23.85 -54.12 -46.70
CA PRO O 74 -22.64 -54.32 -47.52
C PRO O 74 -22.93 -54.56 -49.00
N GLU O 75 -24.20 -54.81 -49.30
CA GLU O 75 -24.66 -55.13 -50.65
C GLU O 75 -24.88 -53.89 -51.51
N ARG O 76 -25.82 -53.04 -51.13
CA ARG O 76 -26.04 -51.81 -51.89
C ARG O 76 -24.83 -50.85 -51.79
N TYR O 77 -23.96 -51.03 -50.80
CA TYR O 77 -22.63 -50.41 -50.85
C TYR O 77 -21.88 -50.81 -52.14
N ARG O 78 -21.56 -52.11 -52.28
CA ARG O 78 -20.84 -52.64 -53.46
C ARG O 78 -21.46 -52.15 -54.76
N ALA O 79 -22.78 -52.05 -54.79
CA ALA O 79 -23.52 -51.63 -55.98
C ALA O 79 -23.33 -50.16 -56.21
N LEU O 80 -23.44 -49.38 -55.15
CA LEU O 80 -23.26 -47.94 -55.23
C LEU O 80 -21.85 -47.53 -55.69
N ILE O 81 -20.79 -48.10 -55.11
CA ILE O 81 -19.44 -47.71 -55.51
C ILE O 81 -19.20 -48.16 -56.97
N GLU O 82 -19.82 -49.26 -57.40
CA GLU O 82 -19.72 -49.69 -58.82
C GLU O 82 -20.42 -48.71 -59.74
N LYS O 83 -21.67 -48.39 -59.42
CA LYS O 83 -22.45 -47.38 -60.16
C LYS O 83 -21.75 -46.00 -60.21
N LEU O 84 -20.77 -45.77 -59.34
CA LEU O 84 -20.03 -44.52 -59.34
C LEU O 84 -18.56 -44.69 -59.69
N GLY O 85 -17.97 -45.81 -59.28
CA GLY O 85 -16.52 -46.05 -59.44
C GLY O 85 -15.72 -45.34 -58.37
N ILE O 86 -15.50 -45.99 -57.24
CA ILE O 86 -14.82 -45.35 -56.09
C ILE O 86 -14.08 -46.42 -55.25
N ARG O 87 -13.37 -45.94 -54.21
CA ARG O 87 -12.97 -46.73 -53.02
C ARG O 87 -12.80 -48.22 -53.26
N GLY O 88 -11.60 -48.61 -53.67
CA GLY O 88 -11.29 -50.00 -54.05
C GLY O 88 -10.94 -50.04 -55.52
N MET P 1 13.30 -89.60 2.67
CA MET P 1 12.56 -90.13 3.86
C MET P 1 11.99 -88.94 4.60
N VAL P 2 10.75 -89.09 5.06
CA VAL P 2 10.06 -87.99 5.76
C VAL P 2 10.09 -88.29 7.27
N LYS P 3 10.10 -87.24 8.09
CA LYS P 3 10.36 -87.43 9.50
C LYS P 3 9.37 -86.73 10.41
N ILE P 4 9.12 -87.31 11.57
CA ILE P 4 8.48 -86.55 12.61
C ILE P 4 9.68 -86.14 13.38
N ARG P 5 9.75 -84.89 13.80
CA ARG P 5 10.89 -84.44 14.63
C ARG P 5 10.79 -83.02 15.17
N LEU P 6 11.75 -82.70 16.04
CA LEU P 6 11.69 -81.52 16.87
C LEU P 6 12.35 -80.34 16.20
N ALA P 7 11.63 -79.21 16.06
CA ALA P 7 12.20 -77.93 15.59
C ALA P 7 12.36 -76.94 16.73
N ARG P 8 13.55 -76.34 16.87
CA ARG P 8 13.78 -75.39 17.97
C ARG P 8 13.16 -73.99 17.72
N PHE P 9 12.20 -73.61 18.57
CA PHE P 9 11.70 -72.25 18.62
C PHE P 9 12.16 -71.59 19.94
N GLY P 10 11.37 -70.70 20.52
CA GLY P 10 11.73 -70.14 21.84
C GLY P 10 12.83 -69.12 21.74
N SER P 11 13.72 -69.12 22.73
CA SER P 11 14.90 -68.22 22.76
C SER P 11 16.11 -68.82 23.55
N LYS P 12 17.10 -67.99 23.87
CA LYS P 12 18.35 -68.51 24.41
C LYS P 12 18.25 -68.87 25.90
N HIS P 13 18.55 -70.13 26.21
CA HIS P 13 18.30 -70.74 27.53
C HIS P 13 16.79 -70.86 27.75
N ASN P 14 16.02 -70.74 26.66
CA ASN P 14 14.58 -70.98 26.67
C ASN P 14 14.19 -71.91 25.52
N PRO P 15 14.67 -73.14 25.57
CA PRO P 15 14.30 -74.02 24.47
C PRO P 15 12.80 -74.26 24.47
N HIS P 16 12.25 -74.31 23.26
CA HIS P 16 10.86 -74.69 22.99
C HIS P 16 10.81 -75.39 21.64
N TYR P 17 10.35 -76.62 21.60
CA TYR P 17 10.40 -77.34 20.35
C TYR P 17 8.98 -77.44 19.78
N ARG P 18 8.87 -77.56 18.47
CA ARG P 18 7.60 -77.91 17.81
C ARG P 18 7.76 -79.22 17.12
N ILE P 19 6.90 -80.17 17.45
CA ILE P 19 7.01 -81.54 16.95
C ILE P 19 6.44 -81.47 15.54
N VAL P 20 7.29 -81.57 14.54
CA VAL P 20 6.84 -81.30 13.17
C VAL P 20 7.15 -82.49 12.30
N VAL P 21 6.33 -82.69 11.26
CA VAL P 21 6.76 -83.56 10.14
C VAL P 21 7.43 -82.71 9.08
N THR P 22 8.42 -83.27 8.40
CA THR P 22 9.23 -82.54 7.39
C THR P 22 10.02 -83.51 6.54
N ASP P 23 10.52 -83.05 5.41
CA ASP P 23 11.44 -83.86 4.62
C ASP P 23 12.76 -83.82 5.34
N ALA P 24 13.46 -84.95 5.34
CA ALA P 24 14.60 -85.11 6.20
C ALA P 24 15.68 -84.17 5.78
N ARG P 25 15.74 -83.91 4.48
CA ARG P 25 16.79 -83.09 3.91
C ARG P 25 16.64 -81.61 4.16
N ARG P 26 15.58 -81.17 4.79
CA ARG P 26 15.44 -79.73 5.01
C ARG P 26 16.23 -79.36 6.24
N LYS P 27 16.67 -78.11 6.36
CA LYS P 27 17.25 -77.68 7.63
C LYS P 27 16.24 -77.87 8.79
N ARG P 28 16.72 -77.67 10.01
CA ARG P 28 15.96 -78.04 11.20
C ARG P 28 14.83 -77.05 11.43
N ASP P 29 15.15 -75.75 11.35
CA ASP P 29 14.12 -74.74 11.60
C ASP P 29 13.42 -74.26 10.32
N GLY P 30 13.64 -74.97 9.22
CA GLY P 30 13.03 -74.67 7.92
C GLY P 30 11.59 -75.14 7.76
N LYS P 31 11.08 -74.95 6.55
CA LYS P 31 9.69 -75.24 6.20
C LYS P 31 9.17 -76.70 6.47
N TYR P 32 8.27 -76.87 7.43
CA TYR P 32 7.65 -78.20 7.67
C TYR P 32 6.29 -78.38 7.00
N ILE P 33 5.94 -79.63 6.79
CA ILE P 33 4.73 -80.05 6.10
C ILE P 33 3.52 -79.93 7.03
N GLU P 34 3.76 -80.02 8.34
CA GLU P 34 2.69 -80.05 9.32
C GLU P 34 3.23 -80.01 10.74
N LYS P 35 2.69 -79.09 11.54
CA LYS P 35 2.84 -79.06 12.99
C LYS P 35 2.02 -80.22 13.52
N ILE P 36 2.51 -80.90 14.55
CA ILE P 36 1.70 -81.94 15.22
C ILE P 36 1.94 -81.96 16.72
N GLY P 37 2.50 -80.89 17.27
CA GLY P 37 2.64 -80.79 18.72
C GLY P 37 3.76 -79.86 19.12
N TYR P 38 3.98 -79.75 20.42
CA TYR P 38 5.05 -78.91 20.95
C TYR P 38 5.54 -79.47 22.26
N TYR P 39 6.61 -78.91 22.79
CA TYR P 39 7.27 -79.50 23.93
C TYR P 39 8.20 -78.51 24.62
N ASP P 40 8.08 -78.42 25.94
CA ASP P 40 8.91 -77.52 26.74
C ASP P 40 9.65 -78.44 27.70
N PRO P 41 10.93 -78.64 27.45
CA PRO P 41 11.79 -79.53 28.22
C PRO P 41 12.00 -79.13 29.67
N ARG P 42 11.69 -77.89 30.02
CA ARG P 42 11.84 -77.45 31.40
C ARG P 42 10.53 -77.54 32.15
N LYS P 43 9.48 -77.96 31.45
CA LYS P 43 8.19 -78.14 32.07
C LYS P 43 7.91 -76.92 32.97
N THR P 44 8.03 -75.71 32.42
CA THR P 44 7.82 -74.47 33.21
C THR P 44 6.34 -74.11 33.23
N THR P 45 5.55 -74.92 32.53
CA THR P 45 4.12 -74.74 32.39
C THR P 45 3.54 -76.09 32.80
N PRO P 46 2.29 -76.12 33.33
CA PRO P 46 1.59 -77.40 33.50
C PRO P 46 1.43 -78.16 32.18
N ASP P 47 1.28 -77.44 31.07
CA ASP P 47 1.13 -78.08 29.78
C ASP P 47 2.35 -78.03 28.89
N TRP P 48 3.37 -78.76 29.31
CA TRP P 48 4.64 -78.72 28.63
C TRP P 48 4.73 -79.78 27.54
N LEU P 49 3.65 -80.50 27.29
CA LEU P 49 3.73 -81.45 26.22
C LEU P 49 2.35 -81.71 25.67
N LYS P 50 2.26 -81.87 24.35
CA LYS P 50 0.99 -81.95 23.67
C LYS P 50 1.26 -82.47 22.30
N VAL P 51 0.35 -83.30 21.80
CA VAL P 51 0.50 -83.99 20.52
C VAL P 51 -0.86 -84.31 19.91
N ASP P 52 -1.10 -83.85 18.69
CA ASP P 52 -2.27 -84.29 17.94
C ASP P 52 -2.03 -85.75 17.53
N VAL P 53 -2.53 -86.72 18.30
CA VAL P 53 -2.16 -88.14 18.07
C VAL P 53 -2.92 -88.82 16.92
N GLU P 54 -4.05 -88.32 16.48
CA GLU P 54 -4.66 -88.94 15.32
C GLU P 54 -3.78 -88.62 14.12
N ARG P 55 -3.08 -87.49 14.19
CA ARG P 55 -2.30 -87.06 13.05
C ARG P 55 -0.96 -87.77 13.02
N ALA P 56 -0.27 -87.81 14.16
CA ALA P 56 0.91 -88.67 14.33
C ALA P 56 0.69 -90.08 13.71
N ARG P 57 -0.35 -90.78 14.13
CA ARG P 57 -0.68 -92.07 13.54
C ARG P 57 -0.77 -91.99 12.01
N TYR P 58 -1.40 -90.94 11.48
CA TYR P 58 -1.52 -90.76 10.02
C TYR P 58 -0.18 -90.93 9.31
N TRP P 59 0.79 -90.13 9.75
CA TRP P 59 2.05 -90.05 9.07
C TRP P 59 2.81 -91.34 9.25
N LEU P 60 3.01 -91.76 10.50
CA LEU P 60 3.51 -93.08 10.75
C LEU P 60 2.92 -94.04 9.73
N SER P 61 1.60 -94.00 9.55
CA SER P 61 0.94 -94.84 8.55
C SER P 61 1.44 -94.69 7.11
N VAL P 62 1.95 -93.52 6.76
CA VAL P 62 2.51 -93.34 5.40
C VAL P 62 4.04 -93.30 5.42
N GLY P 63 4.61 -93.75 6.52
CA GLY P 63 6.03 -94.00 6.61
C GLY P 63 6.72 -92.71 6.93
N ALA P 64 7.06 -92.53 8.19
CA ALA P 64 7.78 -91.33 8.55
C ALA P 64 8.58 -91.62 9.79
N GLN P 65 9.88 -91.75 9.68
CA GLN P 65 10.54 -92.13 10.89
C GLN P 65 10.71 -90.93 11.75
N PRO P 66 10.38 -91.08 13.02
CA PRO P 66 10.62 -90.05 14.03
C PRO P 66 12.04 -90.10 14.50
N THR P 67 12.59 -88.96 14.90
CA THR P 67 13.82 -88.96 15.63
C THR P 67 13.61 -89.90 16.78
N ASP P 68 14.69 -90.23 17.49
CA ASP P 68 14.55 -91.06 18.66
C ASP P 68 13.85 -90.29 19.78
N THR P 69 14.22 -89.05 19.97
CA THR P 69 13.54 -88.28 21.00
C THR P 69 12.13 -87.81 20.57
N ALA P 70 11.92 -87.61 19.26
CA ALA P 70 10.55 -87.42 18.75
C ALA P 70 9.68 -88.57 19.18
N ARG P 71 10.22 -89.79 19.17
CA ARG P 71 9.37 -90.93 19.46
C ARG P 71 9.13 -91.14 20.98
N ARG P 72 10.10 -90.73 21.79
CA ARG P 72 9.94 -90.78 23.23
C ARG P 72 8.73 -89.98 23.63
N LEU P 73 8.70 -88.72 23.19
CA LEU P 73 7.61 -87.82 23.52
C LEU P 73 6.31 -88.33 22.91
N LEU P 74 6.37 -88.83 21.68
CA LEU P 74 5.22 -89.44 21.05
C LEU P 74 4.61 -90.52 21.91
N ARG P 75 5.47 -91.28 22.57
CA ARG P 75 5.04 -92.35 23.49
C ARG P 75 4.33 -91.82 24.74
N GLN P 76 4.89 -90.76 25.30
CA GLN P 76 4.44 -90.25 26.57
C GLN P 76 2.97 -89.92 26.47
N ALA P 77 2.58 -89.39 25.33
CA ALA P 77 1.17 -89.23 25.02
C ALA P 77 0.64 -90.43 24.20
N GLY P 78 1.12 -91.63 24.58
CA GLY P 78 0.72 -92.86 23.93
C GLY P 78 0.25 -92.74 22.50
N VAL P 79 1.17 -92.45 21.59
CA VAL P 79 0.88 -92.62 20.19
C VAL P 79 0.84 -94.12 19.84
N PHE P 80 1.67 -94.93 20.50
CA PHE P 80 1.90 -96.32 20.10
C PHE P 80 1.15 -97.31 20.96
N ARG P 81 0.70 -96.85 22.14
CA ARG P 81 -0.16 -97.65 23.06
C ARG P 81 -1.46 -98.21 22.40
N GLN P 82 -1.65 -99.53 22.48
CA GLN P 82 -2.85 -100.12 21.89
C GLN P 82 -3.80 -100.75 22.94
N GLU P 83 -5.08 -100.83 22.57
CA GLU P 83 -6.13 -101.59 23.28
C GLU P 83 -6.22 -101.37 24.80
N PRO Q 1 -7.85 -75.79 -14.39
CA PRO Q 1 -8.42 -76.02 -15.73
C PRO Q 1 -7.58 -75.42 -16.82
N LYS Q 2 -7.43 -76.14 -17.91
CA LYS Q 2 -6.74 -75.62 -19.07
C LYS Q 2 -7.47 -74.36 -19.54
N LYS Q 3 -6.79 -73.24 -19.59
CA LYS Q 3 -7.44 -72.02 -20.00
C LYS Q 3 -8.03 -72.11 -21.42
N VAL Q 4 -9.29 -71.68 -21.53
CA VAL Q 4 -9.94 -71.50 -22.82
C VAL Q 4 -10.09 -69.99 -23.18
N LEU Q 5 -9.45 -69.56 -24.25
CA LEU Q 5 -9.55 -68.17 -24.62
C LEU Q 5 -10.36 -68.13 -25.89
N THR Q 6 -11.09 -67.03 -26.14
CA THR Q 6 -11.73 -66.88 -27.45
C THR Q 6 -11.28 -65.62 -28.11
N GLY Q 7 -10.92 -65.75 -29.39
CA GLY Q 7 -10.61 -64.59 -30.22
C GLY Q 7 -11.02 -64.79 -31.68
N VAL Q 8 -10.24 -64.17 -32.59
CA VAL Q 8 -10.48 -64.12 -34.05
C VAL Q 8 -9.24 -64.55 -34.79
N VAL Q 9 -9.42 -65.22 -35.92
CA VAL Q 9 -8.28 -65.51 -36.73
C VAL Q 9 -7.93 -64.31 -37.57
N VAL Q 10 -6.64 -63.92 -37.48
CA VAL Q 10 -6.07 -62.78 -38.21
C VAL Q 10 -4.94 -63.19 -39.15
N SER Q 11 -4.56 -64.47 -39.14
CA SER Q 11 -3.62 -65.01 -40.13
C SER Q 11 -3.81 -66.51 -40.31
N ASP Q 12 -3.90 -66.98 -41.56
CA ASP Q 12 -3.77 -68.41 -41.86
C ASP Q 12 -2.70 -68.57 -42.91
N LYS Q 13 -1.76 -67.63 -42.91
CA LYS Q 13 -0.66 -67.60 -43.87
C LYS Q 13 0.47 -68.51 -43.39
N MET Q 14 0.11 -69.57 -42.66
CA MET Q 14 1.05 -70.52 -42.07
C MET Q 14 0.40 -71.89 -42.10
N GLN Q 15 1.21 -72.91 -42.31
CA GLN Q 15 0.67 -74.26 -42.52
C GLN Q 15 0.34 -74.97 -41.22
N LYS Q 16 -0.90 -75.48 -41.12
CA LYS Q 16 -1.44 -76.11 -39.89
C LYS Q 16 -1.42 -75.17 -38.69
N THR Q 17 -1.59 -73.88 -38.91
CA THR Q 17 -1.46 -72.90 -37.84
C THR Q 17 -2.14 -71.56 -38.19
N VAL Q 18 -2.70 -70.92 -37.15
CA VAL Q 18 -3.48 -69.67 -37.25
C VAL Q 18 -3.07 -68.71 -36.15
N THR Q 19 -3.00 -67.42 -36.46
CA THR Q 19 -2.77 -66.42 -35.42
C THR Q 19 -4.12 -66.00 -34.95
N VAL Q 20 -4.33 -66.13 -33.65
CA VAL Q 20 -5.61 -65.78 -33.06
C VAL Q 20 -5.55 -64.59 -32.06
N LEU Q 21 -5.93 -63.42 -32.52
CA LEU Q 21 -6.05 -62.29 -31.61
C LEU Q 21 -7.10 -62.46 -30.50
N VAL Q 22 -6.69 -62.33 -29.23
CA VAL Q 22 -7.61 -62.41 -28.05
C VAL Q 22 -7.65 -61.14 -27.15
N GLU Q 23 -8.77 -60.41 -27.12
CA GLU Q 23 -8.91 -59.23 -26.26
C GLU Q 23 -9.34 -59.56 -24.84
N ARG Q 24 -9.36 -58.55 -23.99
CA ARG Q 24 -9.52 -58.74 -22.55
C ARG Q 24 -9.71 -57.34 -21.94
N GLN Q 25 -10.64 -57.19 -21.00
CA GLN Q 25 -10.85 -55.85 -20.42
C GLN Q 25 -10.91 -55.86 -18.90
N PHE Q 26 -10.44 -54.80 -18.29
CA PHE Q 26 -10.43 -54.74 -16.85
C PHE Q 26 -10.34 -53.36 -16.27
N PRO Q 27 -10.65 -53.26 -14.98
CA PRO Q 27 -10.36 -52.11 -14.16
C PRO Q 27 -8.90 -51.88 -14.16
N HIS Q 28 -8.53 -50.62 -14.11
CA HIS Q 28 -7.15 -50.25 -14.11
C HIS Q 28 -6.68 -50.22 -12.66
N PRO Q 29 -5.54 -50.81 -12.37
CA PRO Q 29 -5.08 -50.97 -11.00
C PRO Q 29 -5.14 -49.74 -10.14
N LEU Q 30 -5.05 -48.56 -10.72
CA LEU Q 30 -5.04 -47.34 -9.94
C LEU Q 30 -6.04 -46.30 -10.38
N TYR Q 31 -6.38 -46.30 -11.66
CA TYR Q 31 -7.12 -45.19 -12.21
C TYR Q 31 -8.56 -45.55 -12.59
N GLY Q 32 -9.03 -46.72 -12.23
CA GLY Q 32 -10.45 -47.01 -12.34
C GLY Q 32 -10.94 -47.44 -13.70
N LYS Q 33 -10.90 -46.54 -14.67
CA LYS Q 33 -11.28 -46.86 -16.03
C LYS Q 33 -11.07 -48.36 -16.35
N VAL Q 34 -12.06 -48.92 -17.02
CA VAL Q 34 -11.95 -50.21 -17.68
C VAL Q 34 -11.16 -50.05 -18.98
N ILE Q 35 -10.02 -50.72 -19.09
CA ILE Q 35 -9.20 -50.63 -20.29
C ILE Q 35 -9.26 -51.93 -21.06
N LYS Q 36 -8.99 -51.90 -22.37
CA LYS Q 36 -8.83 -53.16 -23.14
C LYS Q 36 -7.36 -53.48 -23.38
N ARG Q 37 -7.08 -54.76 -23.52
CA ARG Q 37 -5.75 -55.18 -23.86
C ARG Q 37 -5.92 -56.47 -24.65
N SER Q 38 -4.98 -56.75 -25.54
CA SER Q 38 -5.12 -57.85 -26.48
C SER Q 38 -3.80 -58.52 -26.81
N LYS Q 39 -3.93 -59.76 -27.33
CA LYS Q 39 -2.80 -60.67 -27.52
C LYS Q 39 -3.02 -61.67 -28.63
N LYS Q 40 -2.07 -61.77 -29.54
CA LYS Q 40 -2.17 -62.86 -30.51
C LYS Q 40 -1.60 -64.11 -29.86
N TYR Q 41 -2.25 -65.25 -30.13
CA TYR Q 41 -1.74 -66.56 -29.78
C TYR Q 41 -1.63 -67.40 -31.07
N LEU Q 42 -0.54 -68.13 -31.27
CA LEU Q 42 -0.44 -69.07 -32.41
C LEU Q 42 -1.09 -70.36 -31.96
N ALA Q 43 -2.19 -70.72 -32.60
CA ALA Q 43 -2.96 -71.89 -32.22
C ALA Q 43 -2.85 -72.94 -33.29
N HIS Q 44 -2.75 -74.20 -32.87
CA HIS Q 44 -2.58 -75.32 -33.77
C HIS Q 44 -3.87 -75.63 -34.56
N ASP Q 45 -3.73 -75.91 -35.87
CA ASP Q 45 -4.87 -76.23 -36.77
C ASP Q 45 -4.55 -77.39 -37.72
N PRO Q 46 -4.60 -78.64 -37.22
CA PRO Q 46 -4.07 -79.75 -38.03
C PRO Q 46 -4.77 -79.96 -39.40
N GLU Q 47 -6.04 -79.60 -39.51
CA GLU Q 47 -6.77 -79.81 -40.76
C GLU Q 47 -6.92 -78.51 -41.58
N GLU Q 48 -5.91 -77.61 -41.55
CA GLU Q 48 -6.02 -76.18 -42.01
C GLU Q 48 -7.51 -75.79 -42.28
N LYS Q 49 -8.34 -75.97 -41.26
CA LYS Q 49 -9.80 -75.90 -41.39
C LYS Q 49 -10.36 -74.50 -41.12
N TYR Q 50 -9.77 -73.77 -40.20
CA TYR Q 50 -10.25 -72.43 -39.87
C TYR Q 50 -9.57 -71.46 -40.81
N LYS Q 51 -10.19 -70.30 -40.99
CA LYS Q 51 -9.61 -69.26 -41.85
C LYS Q 51 -10.01 -67.85 -41.42
N LEU Q 52 -9.76 -66.90 -42.31
CA LEU Q 52 -9.71 -65.50 -41.96
C LEU Q 52 -11.07 -65.02 -41.53
N GLY Q 53 -11.13 -64.49 -40.31
CA GLY Q 53 -12.37 -63.95 -39.74
C GLY Q 53 -13.21 -64.92 -38.94
N ASP Q 54 -12.73 -66.13 -38.73
CA ASP Q 54 -13.43 -67.05 -37.86
C ASP Q 54 -13.20 -66.63 -36.41
N VAL Q 55 -14.25 -66.53 -35.64
CA VAL Q 55 -14.08 -66.44 -34.19
C VAL Q 55 -14.06 -67.85 -33.63
N VAL Q 56 -13.00 -68.15 -32.88
CA VAL Q 56 -12.72 -69.51 -32.37
C VAL Q 56 -12.35 -69.55 -30.87
N GLU Q 57 -12.79 -70.59 -30.16
CA GLU Q 57 -12.22 -70.89 -28.84
C GLU Q 57 -10.82 -71.48 -28.98
N ILE Q 58 -10.04 -71.39 -27.91
CA ILE Q 58 -8.63 -71.69 -27.92
C ILE Q 58 -8.32 -72.36 -26.58
N ILE Q 59 -7.50 -73.41 -26.60
CA ILE Q 59 -7.22 -74.14 -25.36
C ILE Q 59 -5.72 -74.43 -25.08
N GLU Q 60 -5.30 -74.14 -23.82
CA GLU Q 60 -4.02 -74.59 -23.20
C GLU Q 60 -3.72 -75.97 -23.70
N SER Q 61 -2.49 -76.17 -24.13
CA SER Q 61 -2.11 -77.48 -24.54
C SER Q 61 -0.65 -77.76 -24.30
N ARG Q 62 -0.38 -79.05 -24.23
CA ARG Q 62 0.92 -79.61 -24.43
C ARG Q 62 1.57 -78.96 -25.63
N PRO Q 63 2.77 -78.40 -25.46
CA PRO Q 63 3.47 -77.65 -26.49
C PRO Q 63 3.60 -78.34 -27.83
N ILE Q 64 3.08 -77.71 -28.88
CA ILE Q 64 3.29 -78.13 -30.25
C ILE Q 64 4.60 -77.54 -30.81
N SER Q 65 4.89 -76.25 -30.57
CA SER Q 65 6.13 -75.61 -31.08
C SER Q 65 6.87 -74.68 -30.10
N LYS Q 66 7.82 -73.90 -30.58
CA LYS Q 66 8.28 -72.76 -29.81
C LYS Q 66 7.15 -71.78 -29.95
N ARG Q 67 6.44 -71.52 -28.88
CA ARG Q 67 5.29 -70.60 -28.95
C ARG Q 67 3.91 -71.05 -29.53
N LYS Q 68 3.78 -72.32 -29.93
CA LYS Q 68 2.43 -72.91 -30.02
C LYS Q 68 2.19 -73.61 -28.72
N ARG Q 69 1.16 -73.19 -28.02
CA ARG Q 69 0.82 -73.86 -26.80
C ARG Q 69 -0.69 -73.91 -26.60
N PHE Q 70 -1.40 -73.67 -27.68
CA PHE Q 70 -2.85 -73.64 -27.65
C PHE Q 70 -3.38 -74.37 -28.88
N ARG Q 71 -4.59 -74.90 -28.76
CA ARG Q 71 -5.21 -75.61 -29.88
C ARG Q 71 -6.59 -75.08 -30.13
N VAL Q 72 -6.95 -75.01 -31.42
CA VAL Q 72 -8.28 -74.52 -31.78
C VAL Q 72 -9.33 -75.54 -31.43
N LEU Q 73 -10.18 -75.15 -30.49
CA LEU Q 73 -11.10 -76.05 -29.84
C LEU Q 73 -12.36 -76.14 -30.65
N ARG Q 74 -12.90 -75.00 -31.05
CA ARG Q 74 -14.11 -74.98 -31.88
C ARG Q 74 -14.36 -73.65 -32.56
N LEU Q 75 -15.25 -73.70 -33.57
CA LEU Q 75 -15.66 -72.49 -34.24
C LEU Q 75 -16.82 -71.88 -33.46
N VAL Q 76 -16.80 -70.56 -33.27
CA VAL Q 76 -17.89 -69.84 -32.62
C VAL Q 76 -18.70 -69.12 -33.68
N GLU Q 77 -18.03 -68.41 -34.57
CA GLU Q 77 -18.75 -67.82 -35.68
C GLU Q 77 -17.82 -67.40 -36.79
N SER Q 78 -18.34 -67.48 -38.01
CA SER Q 78 -17.60 -67.15 -39.22
C SER Q 78 -17.88 -65.69 -39.62
N GLY Q 79 -17.04 -65.13 -40.49
CA GLY Q 79 -17.29 -63.79 -41.04
C GLY Q 79 -16.31 -62.73 -40.59
N ARG Q 80 -16.74 -61.87 -39.67
CA ARG Q 80 -15.85 -60.98 -38.85
C ARG Q 80 -14.58 -60.34 -39.46
N MET Q 81 -14.55 -60.26 -40.79
CA MET Q 81 -13.59 -59.45 -41.54
C MET Q 81 -13.53 -57.97 -41.10
N ASP Q 82 -14.53 -57.48 -40.40
CA ASP Q 82 -14.41 -56.18 -39.74
C ASP Q 82 -13.24 -56.19 -38.74
N LEU Q 83 -13.26 -57.15 -37.79
CA LEU Q 83 -12.25 -57.23 -36.73
C LEU Q 83 -10.89 -57.43 -37.31
N VAL Q 84 -10.85 -58.27 -38.34
CA VAL Q 84 -9.62 -58.52 -39.10
C VAL Q 84 -9.09 -57.24 -39.72
N GLU Q 85 -9.96 -56.53 -40.46
CA GLU Q 85 -9.66 -55.20 -41.01
C GLU Q 85 -9.20 -54.25 -39.93
N LYS Q 86 -9.91 -54.25 -38.80
CA LYS Q 86 -9.63 -53.33 -37.69
C LYS Q 86 -8.19 -53.49 -37.23
N TYR Q 87 -7.80 -54.75 -37.07
CA TYR Q 87 -6.43 -55.16 -36.81
C TYR Q 87 -5.52 -54.60 -37.88
N LEU Q 88 -5.80 -55.02 -39.13
CA LEU Q 88 -4.90 -54.81 -40.27
C LEU Q 88 -4.52 -53.38 -40.58
N ILE Q 89 -5.41 -52.44 -40.28
CA ILE Q 89 -5.05 -51.02 -40.41
C ILE Q 89 -4.08 -50.62 -39.31
N ARG Q 90 -4.44 -50.98 -38.07
CA ARG Q 90 -3.56 -50.67 -36.94
C ARG Q 90 -2.17 -51.11 -37.29
N ARG Q 91 -2.04 -52.25 -37.97
CA ARG Q 91 -0.75 -52.73 -38.43
C ARG Q 91 -0.21 -51.82 -39.52
N GLN Q 92 -0.98 -51.54 -40.56
CA GLN Q 92 -0.47 -50.67 -41.63
C GLN Q 92 -0.31 -49.21 -41.20
N ASN Q 93 -0.94 -48.81 -40.09
CA ASN Q 93 -0.74 -47.48 -39.51
C ASN Q 93 0.72 -47.22 -39.13
N TYR Q 94 1.36 -48.26 -38.60
CA TYR Q 94 2.72 -48.19 -38.08
C TYR Q 94 3.72 -47.78 -39.11
N GLU Q 95 3.31 -47.81 -40.39
CA GLU Q 95 4.17 -47.49 -41.50
C GLU Q 95 4.55 -46.01 -41.54
N SER Q 96 3.59 -45.11 -41.40
CA SER Q 96 3.93 -43.70 -41.15
C SER Q 96 3.84 -43.39 -39.66
N LEU Q 97 4.65 -44.11 -38.88
CA LEU Q 97 5.01 -43.75 -37.52
C LEU Q 97 6.55 -43.68 -37.33
N SER Q 98 7.34 -43.78 -38.42
CA SER Q 98 8.80 -43.97 -38.28
C SER Q 98 9.58 -42.63 -38.26
N LYS Q 99 10.87 -42.69 -38.63
CA LYS Q 99 11.68 -41.53 -39.04
C LYS Q 99 12.32 -41.81 -40.42
N LYS R 1 -30.77 19.86 -41.65
CA LYS R 1 -31.26 19.89 -43.07
C LYS R 1 -31.87 18.52 -43.49
N ALA R 2 -31.75 18.15 -44.77
CA ALA R 2 -32.42 16.96 -45.32
C ALA R 2 -31.45 15.78 -45.54
N LYS R 3 -31.97 14.56 -45.46
CA LYS R 3 -31.26 13.38 -45.94
C LYS R 3 -31.65 13.18 -47.40
N VAL R 4 -30.69 12.75 -48.20
CA VAL R 4 -30.89 12.71 -49.64
C VAL R 4 -32.04 11.75 -50.08
N LYS R 5 -32.45 10.83 -49.19
CA LYS R 5 -33.58 9.92 -49.46
C LYS R 5 -34.90 10.60 -49.09
N ALA R 6 -34.86 11.46 -48.07
CA ALA R 6 -36.02 12.25 -47.65
C ALA R 6 -36.49 13.15 -48.79
N THR R 7 -35.56 13.48 -49.68
CA THR R 7 -35.83 14.28 -50.88
C THR R 7 -36.63 13.50 -51.92
N LEU R 8 -36.10 12.37 -52.34
CA LEU R 8 -36.64 11.71 -53.51
C LEU R 8 -37.94 10.98 -53.23
N GLY R 9 -38.51 10.48 -54.33
CA GLY R 9 -39.56 9.47 -54.28
C GLY R 9 -38.89 8.14 -54.55
N GLU R 10 -39.64 7.18 -55.10
CA GLU R 10 -39.10 5.84 -55.27
C GLU R 10 -38.15 5.79 -56.47
N PHE R 11 -37.07 5.03 -56.31
CA PHE R 11 -36.06 4.89 -57.37
C PHE R 11 -35.29 3.57 -57.27
N ASP R 12 -34.85 3.08 -58.43
CA ASP R 12 -34.06 1.86 -58.53
C ASP R 12 -32.65 2.30 -58.21
N LEU R 13 -32.11 1.87 -57.07
CA LEU R 13 -30.71 2.19 -56.75
C LEU R 13 -29.82 1.01 -57.03
N ARG R 14 -30.19 0.26 -58.05
CA ARG R 14 -29.31 -0.66 -58.77
C ARG R 14 -29.00 -0.06 -60.17
N ASP R 15 -29.60 1.11 -60.45
CA ASP R 15 -29.59 1.74 -61.79
C ASP R 15 -28.42 2.69 -61.96
N TYR R 16 -27.34 2.14 -62.46
CA TYR R 16 -26.12 2.87 -62.66
C TYR R 16 -26.19 3.88 -63.79
N ARG R 17 -27.35 4.11 -64.41
CA ARG R 17 -27.41 5.12 -65.47
C ARG R 17 -28.04 6.45 -65.04
N ASN R 18 -29.07 6.38 -64.21
CA ASN R 18 -29.85 7.57 -63.82
C ASN R 18 -29.03 8.63 -63.03
N VAL R 19 -28.21 9.37 -63.77
CA VAL R 19 -27.41 10.41 -63.18
C VAL R 19 -28.21 11.51 -62.52
N GLU R 20 -29.50 11.57 -62.81
CA GLU R 20 -30.32 12.69 -62.34
C GLU R 20 -30.59 12.45 -60.86
N VAL R 21 -30.59 11.17 -60.47
CA VAL R 21 -30.82 10.74 -59.10
C VAL R 21 -29.47 10.62 -58.40
N LEU R 22 -28.66 9.73 -58.98
CA LEU R 22 -27.33 9.35 -58.49
C LEU R 22 -26.43 10.52 -58.21
N LYS R 23 -26.64 11.61 -58.94
CA LYS R 23 -25.84 12.82 -58.79
C LYS R 23 -26.08 13.49 -57.43
N ARG R 24 -27.21 13.20 -56.79
CA ARG R 24 -27.56 13.87 -55.52
C ARG R 24 -26.89 13.20 -54.29
N PHE R 25 -26.37 11.99 -54.49
CA PHE R 25 -25.68 11.26 -53.46
C PHE R 25 -24.20 11.56 -53.39
N LEU R 26 -23.74 12.56 -54.14
CA LEU R 26 -22.34 13.03 -54.08
C LEU R 26 -22.15 14.41 -53.43
N SER R 27 -20.98 14.58 -52.83
CA SER R 27 -20.60 15.88 -52.29
C SER R 27 -20.22 16.79 -53.44
N GLU R 28 -19.89 18.02 -53.06
CA GLU R 28 -19.46 19.04 -54.00
C GLU R 28 -18.03 18.71 -54.46
N THR R 29 -17.34 17.83 -53.72
CA THR R 29 -16.11 17.25 -54.21
C THR R 29 -16.38 15.89 -54.92
N GLY R 30 -17.66 15.63 -55.21
CA GLY R 30 -18.06 14.39 -55.93
C GLY R 30 -17.68 13.09 -55.24
N LYS R 31 -17.69 13.15 -53.91
CA LYS R 31 -17.33 12.04 -53.03
C LYS R 31 -18.64 11.44 -52.54
N ILE R 32 -18.66 10.12 -52.37
CA ILE R 32 -19.87 9.35 -51.98
C ILE R 32 -20.24 9.75 -50.56
N LEU R 33 -21.45 10.26 -50.38
CA LEU R 33 -21.84 10.88 -49.14
C LEU R 33 -22.05 9.84 -48.10
N PRO R 34 -21.69 10.14 -46.84
CA PRO R 34 -21.79 9.20 -45.74
C PRO R 34 -23.25 8.86 -45.40
N ARG R 35 -23.45 7.75 -44.70
CA ARG R 35 -24.80 7.30 -44.38
C ARG R 35 -25.49 8.43 -43.65
N ARG R 36 -24.84 8.97 -42.64
CA ARG R 36 -25.42 10.03 -41.82
C ARG R 36 -26.06 11.14 -42.64
N ARG R 37 -25.56 11.38 -43.86
CA ARG R 37 -26.15 12.36 -44.76
C ARG R 37 -27.05 11.75 -45.84
N THR R 38 -26.74 10.54 -46.32
CA THR R 38 -27.58 9.88 -47.35
C THR R 38 -28.94 9.47 -46.80
N GLY R 39 -29.01 9.26 -45.46
CA GLY R 39 -30.23 8.78 -44.78
C GLY R 39 -30.61 7.35 -45.13
N LEU R 40 -29.64 6.61 -45.65
CA LEU R 40 -29.86 5.26 -46.16
C LEU R 40 -29.50 4.22 -45.10
N SER R 41 -29.90 2.98 -45.39
CA SER R 41 -29.59 1.84 -44.55
C SER R 41 -28.28 1.26 -44.99
N ALA R 42 -27.59 0.65 -44.04
CA ALA R 42 -26.36 -0.05 -44.30
C ALA R 42 -26.42 -0.80 -45.60
N LYS R 43 -27.51 -1.53 -45.81
CA LYS R 43 -27.64 -2.42 -46.97
C LYS R 43 -27.81 -1.67 -48.29
N GLU R 44 -28.69 -0.67 -48.29
CA GLU R 44 -28.90 0.20 -49.43
C GLU R 44 -27.61 0.93 -49.76
N GLN R 45 -27.08 1.64 -48.76
CA GLN R 45 -25.77 2.29 -48.81
C GLN R 45 -24.63 1.45 -49.43
N ARG R 46 -24.62 0.16 -49.14
CA ARG R 46 -23.71 -0.76 -49.81
C ARG R 46 -24.02 -0.82 -51.29
N ILE R 47 -25.26 -1.12 -51.64
CA ILE R 47 -25.67 -1.31 -53.04
C ILE R 47 -25.34 -0.07 -53.87
N LEU R 48 -25.59 1.10 -53.27
CA LEU R 48 -25.39 2.36 -53.95
C LEU R 48 -23.93 2.58 -54.28
N ALA R 49 -23.05 2.47 -53.27
CA ALA R 49 -21.62 2.69 -53.50
C ALA R 49 -21.20 1.98 -54.78
N LYS R 50 -21.64 0.75 -54.93
CA LYS R 50 -21.50 -0.01 -56.16
C LYS R 50 -22.06 0.75 -57.38
N THR R 51 -23.33 1.12 -57.37
CA THR R 51 -23.91 1.72 -58.59
C THR R 51 -23.16 2.99 -58.95
N ILE R 52 -22.95 3.87 -57.96
CA ILE R 52 -22.10 5.05 -58.15
C ILE R 52 -20.76 4.72 -58.81
N LYS R 53 -20.06 3.69 -58.33
CA LYS R 53 -18.75 3.38 -58.91
C LYS R 53 -18.83 2.94 -60.37
N ARG R 54 -19.97 2.34 -60.75
CA ARG R 54 -20.18 1.84 -62.12
C ARG R 54 -20.42 3.03 -63.06
N ALA R 55 -21.22 3.98 -62.58
CA ALA R 55 -21.46 5.21 -63.29
C ALA R 55 -20.13 5.88 -63.61
N ARG R 56 -19.28 6.06 -62.59
CA ARG R 56 -18.00 6.73 -62.75
C ARG R 56 -17.24 6.16 -63.92
N ILE R 57 -17.25 4.83 -64.10
CA ILE R 57 -16.50 4.22 -65.20
C ILE R 57 -17.12 4.47 -66.61
N LEU R 58 -18.44 4.55 -66.66
CA LEU R 58 -19.11 5.00 -67.90
C LEU R 58 -18.93 6.48 -68.25
N GLY R 59 -18.46 7.28 -67.31
CA GLY R 59 -18.19 8.68 -67.58
C GLY R 59 -19.26 9.63 -67.09
N LEU R 60 -20.25 9.14 -66.36
CA LEU R 60 -21.48 9.90 -66.13
C LEU R 60 -21.45 10.66 -64.80
N LEU R 61 -20.76 10.11 -63.83
CA LEU R 61 -20.52 10.81 -62.57
C LEU R 61 -19.02 10.96 -62.37
N PRO R 62 -18.63 11.95 -61.57
CA PRO R 62 -17.24 12.27 -61.31
C PRO R 62 -16.58 11.41 -60.24
N PHE R 63 -15.26 11.15 -60.39
CA PHE R 63 -14.41 10.67 -59.27
C PHE R 63 -14.06 11.82 -58.32
N THR R 64 -13.68 12.99 -58.87
CA THR R 64 -13.52 14.24 -58.08
C THR R 64 -13.88 15.56 -58.73
N GLU R 65 -13.99 16.55 -57.83
CA GLU R 65 -14.24 17.93 -58.15
C GLU R 65 -13.40 18.74 -57.20
N LYS R 66 -13.49 20.05 -57.32
CA LYS R 66 -12.68 20.91 -56.51
C LYS R 66 -13.61 21.85 -55.74
N LEU R 67 -13.20 22.12 -54.50
CA LEU R 67 -14.01 22.87 -53.54
C LEU R 67 -14.05 24.31 -54.01
N VAL R 68 -15.25 24.86 -54.18
CA VAL R 68 -15.37 26.23 -54.67
C VAL R 68 -15.60 27.23 -53.53
N ARG R 69 -14.74 28.25 -53.49
CA ARG R 69 -14.63 29.22 -52.39
C ARG R 69 -14.09 28.58 -51.07
N LYS R 70 -12.78 28.73 -50.85
CA LYS R 70 -12.10 28.30 -49.60
C LYS R 70 -11.14 29.39 -49.05
N SER S 1 47.50 56.49 25.60
CA SER S 1 48.85 55.86 25.75
C SER S 1 49.59 56.21 27.07
N LEU S 2 48.86 56.65 28.12
CA LEU S 2 49.42 57.06 29.43
C LEU S 2 50.09 58.46 29.45
N LYS S 3 50.43 58.93 30.67
CA LYS S 3 51.32 60.12 30.92
C LYS S 3 51.50 60.45 32.42
N LYS S 4 51.28 59.47 33.30
CA LYS S 4 51.36 59.65 34.73
C LYS S 4 52.16 58.50 35.27
N GLY S 5 53.46 58.61 35.08
CA GLY S 5 54.38 57.52 35.34
C GLY S 5 54.53 56.76 34.06
N VAL S 6 55.18 55.61 34.16
CA VAL S 6 55.42 54.76 32.99
C VAL S 6 55.15 53.27 33.34
N PHE S 7 54.26 53.10 34.33
CA PHE S 7 53.53 51.84 34.64
C PHE S 7 54.33 50.53 34.62
N VAL S 8 55.65 50.71 34.38
CA VAL S 8 56.78 49.79 34.65
C VAL S 8 56.84 49.12 36.04
N ASP S 9 57.31 47.88 36.04
CA ASP S 9 57.13 46.93 37.15
C ASP S 9 58.12 47.10 38.31
N ASP S 10 57.55 47.04 39.52
CA ASP S 10 58.30 47.07 40.78
C ASP S 10 59.49 46.11 40.73
N HIS S 11 59.20 44.81 40.64
CA HIS S 11 60.22 43.74 40.68
C HIS S 11 61.36 43.92 39.70
N LEU S 12 61.18 44.80 38.71
CA LEU S 12 62.17 45.02 37.67
C LEU S 12 63.22 46.08 38.05
N LEU S 13 62.75 47.20 38.60
CA LEU S 13 63.66 48.25 39.05
C LEU S 13 64.43 47.81 40.29
N GLU S 14 63.72 47.34 41.32
CA GLU S 14 64.37 46.72 42.46
C GLU S 14 65.61 46.00 41.93
N LYS S 15 65.41 45.18 40.91
CA LYS S 15 66.50 44.39 40.36
C LYS S 15 67.47 45.24 39.54
N VAL S 16 67.00 46.27 38.83
CA VAL S 16 67.90 47.13 38.03
C VAL S 16 68.71 48.08 38.90
N LEU S 17 68.02 48.87 39.71
CA LEU S 17 68.67 49.80 40.64
C LEU S 17 69.75 49.08 41.47
N GLU S 18 69.30 48.12 42.30
CA GLU S 18 70.19 47.35 43.18
C GLU S 18 71.14 46.41 42.41
N LEU S 19 71.08 46.44 41.07
CA LEU S 19 72.06 45.76 40.23
C LEU S 19 73.13 46.78 39.86
N ASN S 20 72.78 48.07 39.91
CA ASN S 20 73.68 49.11 39.41
C ASN S 20 74.56 49.73 40.48
N ALA S 21 74.32 49.38 41.75
CA ALA S 21 75.38 49.45 42.74
C ALA S 21 76.45 48.40 42.36
N LYS S 22 77.17 48.66 41.26
CA LYS S 22 78.17 47.74 40.66
C LYS S 22 77.56 46.41 40.19
N GLY S 23 77.06 46.37 38.96
CA GLY S 23 76.46 45.16 38.38
C GLY S 23 76.39 45.14 36.87
N GLU S 24 76.79 44.02 36.27
CA GLU S 24 77.04 43.90 34.82
C GLU S 24 76.46 42.59 34.25
N LYS S 25 75.15 42.42 34.40
CA LYS S 25 74.49 41.12 34.19
C LYS S 25 73.63 41.00 32.91
N ARG S 26 73.67 39.78 32.36
CA ARG S 26 72.90 39.35 31.17
C ARG S 26 71.89 38.25 31.55
N LEU S 27 72.26 37.46 32.56
CA LEU S 27 71.44 36.39 33.10
C LEU S 27 70.09 36.90 33.67
N ILE S 28 69.71 38.12 33.32
CA ILE S 28 68.59 38.81 33.96
C ILE S 28 67.31 38.49 33.15
N LYS S 29 66.46 37.62 33.72
CA LYS S 29 65.28 37.09 33.02
C LYS S 29 64.01 37.80 33.50
N THR S 30 63.04 37.99 32.62
CA THR S 30 61.78 38.59 33.06
C THR S 30 60.58 38.30 32.15
N TRP S 31 59.41 38.35 32.81
CA TRP S 31 58.10 38.08 32.22
C TRP S 31 57.28 39.37 32.13
N SER S 32 57.87 40.47 32.58
CA SER S 32 57.20 41.78 32.63
C SER S 32 57.47 42.53 31.34
N ARG S 33 56.89 42.02 30.26
CA ARG S 33 57.06 42.64 28.94
C ARG S 33 56.20 43.90 28.75
N ARG S 34 55.31 44.19 29.69
CA ARG S 34 54.47 45.40 29.62
C ARG S 34 55.07 46.61 30.36
N SER S 35 56.28 46.46 30.87
CA SER S 35 56.93 47.54 31.60
C SER S 35 57.79 48.38 30.65
N THR S 36 57.54 49.70 30.67
CA THR S 36 58.23 50.67 29.81
C THR S 36 59.71 50.66 30.09
N ILE S 37 60.55 50.69 29.06
CA ILE S 37 62.00 50.81 29.24
C ILE S 37 62.38 52.21 29.77
N VAL S 38 63.15 52.20 30.87
CA VAL S 38 63.30 53.36 31.75
C VAL S 38 64.57 54.16 31.36
N PRO S 39 64.47 55.52 31.37
CA PRO S 39 65.56 56.44 31.03
C PRO S 39 66.98 55.95 31.31
N GLU S 40 67.58 55.35 30.28
CA GLU S 40 69.03 55.14 30.23
C GLU S 40 69.52 53.92 31.02
N MET S 41 68.62 53.14 31.62
CA MET S 41 69.03 51.91 32.33
C MET S 41 69.35 50.85 31.25
N VAL S 42 70.48 51.09 30.57
CA VAL S 42 70.81 50.50 29.27
C VAL S 42 71.64 49.24 29.46
N GLY S 43 72.81 49.19 28.79
CA GLY S 43 73.92 48.26 29.06
C GLY S 43 73.53 46.82 29.30
N HIS S 44 72.76 46.62 30.38
CA HIS S 44 72.25 45.30 30.78
C HIS S 44 71.41 44.76 29.63
N THR S 45 71.69 43.52 29.26
CA THR S 45 70.90 42.81 28.28
C THR S 45 69.79 42.05 29.03
N ILE S 46 68.54 42.49 28.90
CA ILE S 46 67.37 41.81 29.54
C ILE S 46 66.93 40.58 28.72
N ALA S 47 66.40 39.56 29.41
CA ALA S 47 65.86 38.40 28.72
C ALA S 47 64.34 38.39 28.87
N VAL S 48 63.66 38.58 27.74
CA VAL S 48 62.21 38.76 27.73
C VAL S 48 61.51 37.49 27.28
N TYR S 49 60.47 37.12 28.02
CA TYR S 49 59.63 35.98 27.68
C TYR S 49 58.67 36.43 26.58
N ASN S 50 58.57 35.60 25.53
CA ASN S 50 57.60 35.79 24.44
C ASN S 50 56.41 34.82 24.52
N GLY S 51 56.35 34.05 25.62
CA GLY S 51 55.35 33.00 25.81
C GLY S 51 55.95 31.61 25.79
N LYS S 52 57.09 31.47 25.12
CA LYS S 52 57.79 30.20 25.00
C LYS S 52 59.15 30.24 25.69
N GLN S 53 59.88 31.34 25.54
CA GLN S 53 61.22 31.46 26.12
C GLN S 53 61.66 32.93 26.36
N HIS S 54 62.88 33.08 26.89
CA HIS S 54 63.45 34.39 27.17
C HIS S 54 64.46 34.78 26.08
N VAL S 55 64.30 35.99 25.56
CA VAL S 55 65.11 36.45 24.42
C VAL S 55 66.28 37.33 24.86
N PRO S 56 67.49 37.01 24.42
CA PRO S 56 68.61 37.92 24.69
C PRO S 56 68.50 39.29 23.98
N VAL S 57 67.82 40.25 24.60
CA VAL S 57 67.76 41.64 24.05
C VAL S 57 68.75 42.62 24.71
N TYR S 58 69.86 42.89 24.02
CA TYR S 58 70.81 43.94 24.42
C TYR S 58 70.21 45.30 24.09
N ILE S 59 70.22 46.21 25.06
CA ILE S 59 69.46 47.46 24.93
C ILE S 59 70.39 48.69 24.74
N THR S 60 69.89 49.65 23.95
CA THR S 60 70.64 50.85 23.55
C THR S 60 69.86 52.08 23.95
N GLU S 61 70.47 53.25 23.77
CA GLU S 61 69.83 54.51 24.19
C GLU S 61 68.57 54.81 23.41
N ASN S 62 68.67 54.71 22.08
CA ASN S 62 67.59 55.11 21.15
C ASN S 62 66.27 54.33 21.23
N MET S 63 66.17 53.33 22.11
CA MET S 63 64.97 52.49 22.21
C MET S 63 64.22 52.65 23.53
N VAL S 64 64.20 53.88 24.07
CA VAL S 64 63.74 54.11 25.46
C VAL S 64 62.23 53.96 25.67
N GLY S 65 61.44 54.98 25.32
CA GLY S 65 60.00 55.00 25.66
C GLY S 65 59.17 53.79 25.26
N HIS S 66 59.79 52.90 24.46
CA HIS S 66 59.17 51.66 23.98
C HIS S 66 58.97 50.66 25.11
N LYS S 67 57.85 49.93 25.10
CA LYS S 67 57.63 48.81 26.05
C LYS S 67 58.53 47.61 25.69
N LEU S 68 58.80 46.74 26.68
CA LEU S 68 59.81 45.66 26.56
C LEU S 68 59.56 44.56 25.51
N GLY S 69 58.30 44.27 25.24
CA GLY S 69 57.94 43.16 24.35
C GLY S 69 57.99 43.51 22.88
N GLU S 70 58.14 44.79 22.56
CA GLU S 70 58.30 45.20 21.17
C GLU S 70 59.51 44.54 20.54
N PHE S 71 60.39 43.94 21.35
CA PHE S 71 61.66 43.35 20.87
C PHE S 71 61.66 41.80 20.93
N ALA S 72 60.73 41.27 21.71
CA ALA S 72 60.49 39.85 21.84
C ALA S 72 59.21 39.56 21.10
N PRO S 73 59.32 39.27 19.80
CA PRO S 73 58.13 39.07 18.99
C PRO S 73 57.46 37.74 19.33
N THR S 74 56.13 37.72 19.36
CA THR S 74 55.39 36.52 19.81
C THR S 74 55.04 35.40 18.79
N ARG S 75 55.26 35.57 17.49
CA ARG S 75 54.94 34.49 16.52
C ARG S 75 56.02 34.33 15.45
N THR S 76 55.89 33.29 14.61
CA THR S 76 56.96 32.87 13.66
C THR S 76 56.62 33.00 12.12
N TYR S 77 57.63 33.38 11.32
CA TYR S 77 57.58 33.68 9.84
C TYR S 77 56.38 34.62 9.44
N ARG S 78 56.59 35.86 9.91
CA ARG S 78 55.73 37.07 9.72
C ARG S 78 56.56 38.31 9.26
N ARG T 1 44.83 -81.63 3.10
CA ARG T 1 44.88 -81.41 1.62
C ARG T 1 44.89 -82.75 0.90
N ASN T 2 44.05 -83.67 1.33
CA ASN T 2 44.07 -85.04 0.83
C ASN T 2 42.76 -85.76 1.15
N LEU T 3 41.77 -85.68 0.27
CA LEU T 3 40.44 -86.17 0.61
C LEU T 3 40.11 -87.52 -0.04
N SER T 4 40.18 -88.59 0.76
CA SER T 4 40.26 -89.98 0.27
C SER T 4 39.08 -90.49 -0.53
N ALA T 5 37.91 -89.83 -0.45
CA ALA T 5 36.81 -90.00 -1.45
C ALA T 5 36.98 -89.14 -2.75
N LEU T 6 38.20 -89.10 -3.26
CA LEU T 6 38.51 -88.98 -4.67
C LEU T 6 38.51 -90.42 -5.25
N LYS T 7 38.28 -91.38 -4.35
CA LYS T 7 37.86 -92.75 -4.68
C LYS T 7 36.66 -92.77 -5.61
N ARG T 8 35.86 -91.71 -5.53
CA ARG T 8 34.66 -91.64 -6.34
C ARG T 8 34.97 -91.33 -7.78
N HIS T 9 36.09 -90.66 -7.98
CA HIS T 9 36.54 -90.40 -9.30
C HIS T 9 37.04 -91.68 -9.95
N ARG T 10 37.88 -92.45 -9.24
CA ARG T 10 38.32 -93.77 -9.73
C ARG T 10 37.13 -94.61 -10.23
N GLN T 11 36.11 -94.72 -9.38
CA GLN T 11 34.99 -95.59 -9.70
C GLN T 11 34.28 -95.15 -10.94
N SER T 12 34.01 -93.84 -10.99
CA SER T 12 33.19 -93.26 -12.06
C SER T 12 33.77 -93.70 -13.39
N LEU T 13 35.08 -93.47 -13.53
CA LEU T 13 35.81 -93.82 -14.75
C LEU T 13 35.52 -95.25 -15.21
N LYS T 14 35.30 -96.14 -14.23
CA LYS T 14 35.08 -97.57 -14.49
C LYS T 14 33.70 -97.82 -15.01
N ARG T 15 32.76 -97.02 -14.53
CA ARG T 15 31.37 -97.23 -14.90
C ARG T 15 31.16 -96.57 -16.25
N ARG T 16 31.72 -95.36 -16.39
CA ARG T 16 31.82 -94.73 -17.70
C ARG T 16 32.26 -95.74 -18.73
N LEU T 17 33.31 -96.48 -18.39
CA LEU T 17 33.84 -97.45 -19.31
C LEU T 17 32.86 -98.55 -19.55
N ARG T 18 32.30 -99.09 -18.48
CA ARG T 18 31.37 -100.19 -18.64
C ARG T 18 30.18 -99.71 -19.49
N ASN T 19 29.76 -98.46 -19.27
CA ASN T 19 28.54 -97.90 -19.86
C ASN T 19 28.65 -97.65 -21.32
N LYS T 20 29.68 -96.88 -21.67
CA LYS T 20 30.07 -96.62 -23.04
C LYS T 20 30.01 -97.89 -23.89
N ALA T 21 30.53 -98.97 -23.34
CA ALA T 21 30.66 -100.23 -24.02
C ALA T 21 29.33 -100.83 -24.47
N LYS T 22 28.38 -100.96 -23.56
CA LYS T 22 27.08 -101.61 -23.84
C LYS T 22 26.35 -100.81 -24.87
N LYS T 23 26.39 -99.49 -24.69
CA LYS T 23 25.82 -98.54 -25.63
C LYS T 23 26.34 -98.79 -27.05
N SER T 24 27.66 -98.66 -27.23
CA SER T 24 28.27 -98.87 -28.56
C SER T 24 27.72 -100.07 -29.32
N ALA T 25 27.36 -101.12 -28.59
CA ALA T 25 26.93 -102.35 -29.21
C ALA T 25 25.44 -102.33 -29.50
N ILE T 26 24.69 -101.52 -28.76
CA ILE T 26 23.29 -101.38 -29.05
C ILE T 26 23.12 -100.67 -30.40
N LYS T 27 23.92 -99.65 -30.66
CA LYS T 27 23.89 -98.97 -31.94
C LYS T 27 24.33 -99.91 -33.04
N THR T 28 25.61 -100.28 -33.07
CA THR T 28 26.13 -101.12 -34.18
C THR T 28 25.26 -102.33 -34.43
N LEU T 29 24.40 -102.69 -33.47
CA LEU T 29 23.45 -103.76 -33.71
C LEU T 29 22.14 -103.29 -34.32
N SER T 30 21.62 -102.16 -33.85
CA SER T 30 20.33 -101.63 -34.31
C SER T 30 20.43 -101.18 -35.76
N LYS T 31 21.44 -100.37 -36.00
CA LYS T 31 21.92 -100.04 -37.34
C LYS T 31 21.95 -101.23 -38.30
N LYS T 32 22.50 -102.34 -37.82
CA LYS T 32 22.69 -103.52 -38.64
C LYS T 32 21.34 -104.14 -38.94
N ALA T 33 20.42 -104.02 -38.00
CA ALA T 33 19.09 -104.59 -38.20
C ALA T 33 18.27 -103.80 -39.21
N ILE T 34 18.24 -102.47 -39.08
CA ILE T 34 17.37 -101.65 -39.94
C ILE T 34 17.87 -101.79 -41.38
N GLN T 35 19.19 -101.81 -41.52
CA GLN T 35 19.88 -102.06 -42.80
C GLN T 35 19.38 -103.32 -43.54
N LEU T 36 19.47 -104.47 -42.89
CA LEU T 36 18.98 -105.71 -43.48
C LEU T 36 17.48 -105.61 -43.82
N ALA T 37 16.74 -104.78 -43.09
CA ALA T 37 15.32 -104.63 -43.37
C ALA T 37 15.01 -103.69 -44.56
N GLN T 38 15.85 -102.68 -44.79
CA GLN T 38 15.77 -101.92 -46.04
C GLN T 38 16.26 -102.76 -47.18
N GLU T 39 16.16 -104.08 -47.05
CA GLU T 39 16.66 -105.04 -48.04
C GLU T 39 15.80 -106.30 -48.13
N GLY T 40 14.69 -106.32 -47.39
CA GLY T 40 13.78 -107.46 -47.40
C GLY T 40 14.47 -108.69 -46.89
N LYS T 41 14.29 -108.99 -45.60
CA LYS T 41 14.96 -110.10 -44.95
C LYS T 41 14.10 -110.73 -43.88
N ALA T 42 13.88 -112.04 -44.00
CA ALA T 42 13.14 -112.74 -42.97
C ALA T 42 14.01 -112.82 -41.70
N GLU T 43 14.23 -114.04 -41.22
CA GLU T 43 15.13 -114.33 -40.12
C GLU T 43 16.21 -113.29 -39.85
N GLU T 44 17.18 -113.16 -40.74
CA GLU T 44 18.39 -112.38 -40.48
C GLU T 44 18.10 -110.97 -39.93
N ALA T 45 17.01 -110.37 -40.39
CA ALA T 45 16.67 -109.02 -39.96
C ALA T 45 16.18 -108.98 -38.53
N LEU T 46 15.14 -109.75 -38.25
CA LEU T 46 14.54 -109.78 -36.91
C LEU T 46 15.48 -110.44 -35.89
N LYS T 47 16.14 -111.54 -36.28
CA LYS T 47 17.11 -112.25 -35.42
C LYS T 47 18.01 -111.24 -34.75
N ILE T 48 18.68 -110.43 -35.56
CA ILE T 48 19.50 -109.34 -35.05
C ILE T 48 18.67 -108.36 -34.17
N MET T 49 17.55 -107.89 -34.69
CA MET T 49 16.72 -106.93 -33.99
C MET T 49 16.37 -107.44 -32.58
N ARG T 50 16.24 -108.77 -32.49
CA ARG T 50 15.83 -109.48 -31.27
C ARG T 50 17.02 -109.71 -30.31
N LYS T 51 18.23 -109.71 -30.88
CA LYS T 51 19.45 -109.68 -30.09
C LYS T 51 19.51 -108.26 -29.55
N ALA T 52 19.40 -107.29 -30.46
CA ALA T 52 19.35 -105.87 -30.11
C ALA T 52 18.36 -105.56 -29.02
N GLU T 53 17.14 -106.11 -29.14
CA GLU T 53 16.12 -105.94 -28.10
C GLU T 53 16.69 -106.25 -26.70
N SER T 54 17.00 -107.53 -26.50
CA SER T 54 17.62 -108.08 -25.29
C SER T 54 18.66 -107.13 -24.71
N LEU T 55 19.70 -106.90 -25.48
CA LEU T 55 20.77 -106.01 -25.07
C LEU T 55 20.32 -104.68 -24.45
N ILE T 56 19.25 -104.14 -25.01
CA ILE T 56 18.68 -102.91 -24.52
C ILE T 56 18.17 -103.18 -23.12
N ASP T 57 17.18 -104.03 -22.99
CA ASP T 57 16.64 -104.40 -21.67
C ASP T 57 17.76 -104.72 -20.67
N LYS T 58 18.73 -105.54 -21.10
CA LYS T 58 19.86 -105.90 -20.26
C LYS T 58 20.46 -104.63 -19.68
N ALA T 59 20.78 -103.69 -20.55
CA ALA T 59 21.36 -102.43 -20.12
C ALA T 59 20.45 -101.60 -19.20
N ALA T 60 19.15 -101.85 -19.30
CA ALA T 60 18.17 -101.15 -18.47
C ALA T 60 18.23 -101.60 -17.01
N LYS T 61 18.70 -102.83 -16.79
CA LYS T 61 18.85 -103.40 -15.42
C LYS T 61 19.68 -102.50 -14.55
N GLY T 62 20.86 -102.13 -15.06
CA GLY T 62 21.77 -101.27 -14.33
C GLY T 62 21.59 -99.77 -14.49
N SER T 63 22.68 -99.05 -14.26
CA SER T 63 22.68 -97.61 -14.27
C SER T 63 22.95 -97.07 -15.66
N THR T 64 22.82 -97.89 -16.67
CA THR T 64 23.43 -97.58 -17.95
C THR T 64 22.57 -96.70 -18.81
N LEU T 65 21.29 -96.94 -18.74
CA LEU T 65 20.41 -96.65 -19.84
C LEU T 65 19.04 -96.85 -19.32
N HIS T 66 19.00 -97.42 -18.12
CA HIS T 66 17.82 -97.50 -17.34
C HIS T 66 16.64 -96.75 -17.98
N LYS T 67 15.59 -97.53 -18.16
CA LYS T 67 14.25 -97.13 -17.78
C LYS T 67 13.24 -97.48 -18.83
N ASN T 68 13.40 -96.81 -19.96
CA ASN T 68 12.32 -96.43 -20.87
C ASN T 68 12.90 -95.39 -21.82
N ALA T 69 14.04 -94.84 -21.43
CA ALA T 69 15.11 -94.62 -22.39
C ALA T 69 15.27 -95.94 -23.17
N ALA T 70 15.28 -97.02 -22.40
CA ALA T 70 15.14 -98.37 -22.91
C ALA T 70 14.04 -98.47 -23.93
N ALA T 71 12.82 -98.56 -23.44
CA ALA T 71 11.60 -98.68 -24.25
C ALA T 71 11.64 -97.87 -25.55
N ARG T 72 11.97 -96.60 -25.39
CA ARG T 72 12.10 -95.70 -26.53
C ARG T 72 12.87 -96.37 -27.65
N ARG T 73 14.05 -96.87 -27.33
CA ARG T 73 14.91 -97.44 -28.36
C ARG T 73 14.30 -98.67 -28.97
N LYS T 74 13.57 -99.43 -28.17
CA LYS T 74 12.94 -100.65 -28.65
C LYS T 74 11.83 -100.27 -29.61
N SER T 75 11.03 -99.29 -29.22
CA SER T 75 9.99 -98.81 -30.09
C SER T 75 10.53 -98.29 -31.42
N ARG T 76 11.51 -97.40 -31.35
CA ARG T 76 11.99 -96.83 -32.60
C ARG T 76 12.52 -97.91 -33.54
N LEU T 77 13.27 -98.85 -32.99
CA LEU T 77 13.92 -99.91 -33.76
C LEU T 77 12.90 -100.83 -34.38
N MET T 78 11.95 -101.30 -33.57
CA MET T 78 11.03 -102.33 -34.04
C MET T 78 9.79 -101.75 -34.75
N ARG T 79 9.70 -100.42 -34.77
CA ARG T 79 8.84 -99.76 -35.73
C ARG T 79 9.52 -99.84 -37.10
N LYS T 80 10.40 -98.91 -37.41
CA LYS T 80 11.41 -99.03 -38.46
C LYS T 80 11.68 -100.40 -39.13
N VAL T 81 12.10 -101.40 -38.37
CA VAL T 81 12.39 -102.70 -39.02
C VAL T 81 11.13 -103.11 -39.78
N ARG T 82 10.00 -103.14 -39.09
CA ARG T 82 8.72 -103.57 -39.67
C ARG T 82 8.28 -102.75 -40.88
N GLN T 83 8.38 -101.42 -40.76
CA GLN T 83 8.00 -100.51 -41.83
C GLN T 83 8.75 -100.89 -43.08
N LEU T 84 10.05 -100.66 -43.08
CA LEU T 84 10.92 -101.11 -44.16
C LEU T 84 10.58 -102.52 -44.68
N LEU T 85 10.20 -103.41 -43.78
CA LEU T 85 9.94 -104.76 -44.23
C LEU T 85 8.74 -104.83 -45.18
N GLU T 86 7.60 -104.20 -44.84
CA GLU T 86 6.48 -104.16 -45.79
C GLU T 86 6.71 -103.17 -46.93
N ALA T 87 7.60 -102.20 -46.75
CA ALA T 87 8.00 -101.37 -47.89
C ALA T 87 8.61 -102.22 -49.02
N ALA T 88 8.89 -103.49 -48.73
CA ALA T 88 9.07 -104.50 -49.78
C ALA T 88 8.23 -105.74 -49.42
N GLY T 89 8.63 -106.92 -49.88
CA GLY T 89 7.94 -108.17 -49.52
C GLY T 89 8.50 -108.85 -48.27
N ALA T 90 8.30 -110.18 -48.22
CA ALA T 90 8.57 -111.04 -47.05
C ALA T 90 7.91 -110.52 -45.77
N PRO T 91 7.40 -111.42 -44.94
CA PRO T 91 7.08 -111.01 -43.58
C PRO T 91 7.62 -111.93 -42.48
N LEU T 92 8.42 -112.94 -42.85
CA LEU T 92 8.49 -114.25 -42.15
C LEU T 92 9.21 -114.29 -40.79
N ILE T 93 10.10 -115.26 -40.59
CA ILE T 93 10.43 -115.79 -39.24
C ILE T 93 9.88 -114.89 -38.13
N GLY T 94 8.72 -115.28 -37.60
CA GLY T 94 7.95 -114.47 -36.63
C GLY T 94 8.78 -113.61 -35.68
N GLY T 95 9.82 -114.22 -35.12
CA GLY T 95 10.77 -113.54 -34.26
C GLY T 95 10.11 -112.57 -33.30
N GLY T 96 10.44 -111.29 -33.45
CA GLY T 96 10.07 -110.24 -32.48
C GLY T 96 8.68 -109.63 -32.57
N LEU T 97 8.14 -109.55 -33.77
CA LEU T 97 6.88 -108.82 -34.00
C LEU T 97 5.66 -109.67 -33.75
N SER T 98 4.67 -109.10 -33.10
CA SER T 98 3.35 -109.68 -33.08
C SER T 98 2.83 -109.48 -34.49
N ALA T 99 2.92 -110.49 -35.32
CA ALA T 99 2.24 -110.45 -36.61
C ALA T 99 0.75 -110.66 -36.33
N GLY U 1 31.81 60.98 3.24
CA GLY U 1 31.01 61.49 4.37
C GLY U 1 31.30 60.67 5.60
N LYS U 2 30.37 59.76 5.93
CA LYS U 2 30.34 59.18 7.27
C LYS U 2 31.66 58.57 7.77
N GLY U 3 32.70 58.61 6.96
CA GLY U 3 33.96 58.03 7.36
C GLY U 3 35.07 59.01 7.62
N ASP U 4 34.79 60.31 7.45
CA ASP U 4 35.81 61.32 7.72
C ASP U 4 35.52 61.91 9.08
N ARG U 5 36.41 61.63 10.03
CA ARG U 5 36.19 62.02 11.42
C ARG U 5 36.26 63.56 11.52
N ARG U 6 36.63 64.17 10.41
CA ARG U 6 36.81 65.58 10.33
C ARG U 6 35.73 66.24 9.48
N THR U 7 34.69 65.49 9.13
CA THR U 7 33.46 66.10 8.69
C THR U 7 32.65 66.15 9.98
N ARG U 8 31.49 66.79 9.92
CA ARG U 8 30.52 66.79 11.01
C ARG U 8 29.83 65.43 11.00
N ARG U 9 29.45 64.98 9.80
CA ARG U 9 28.82 63.68 9.62
C ARG U 9 29.70 62.62 10.18
N GLY U 10 30.99 62.74 9.88
CA GLY U 10 31.97 61.78 10.34
C GLY U 10 31.83 61.53 11.83
N LYS U 11 31.47 62.59 12.55
CA LYS U 11 31.33 62.53 13.99
C LYS U 11 29.92 62.18 14.47
N ILE U 12 28.90 62.70 13.84
CA ILE U 12 27.60 62.15 14.14
C ILE U 12 27.65 60.63 14.08
N TRP U 13 28.04 60.10 12.93
CA TRP U 13 28.16 58.66 12.68
C TRP U 13 29.02 57.97 13.75
N ARG U 14 30.26 58.42 13.92
CA ARG U 14 31.10 57.85 14.98
C ARG U 14 30.45 57.96 16.37
N GLY U 15 29.57 58.94 16.53
CA GLY U 15 28.98 59.27 17.84
C GLY U 15 29.82 60.26 18.64
N THR U 16 31.09 60.42 18.30
CA THR U 16 31.97 61.26 19.08
C THR U 16 31.76 62.81 18.89
N TYR U 17 32.57 63.59 19.62
CA TYR U 17 32.60 65.06 19.52
C TYR U 17 34.05 65.57 19.52
N GLY U 18 34.19 66.85 19.16
CA GLY U 18 35.50 67.49 19.02
C GLY U 18 35.46 68.75 18.17
N LYS U 19 36.63 69.19 17.73
CA LYS U 19 36.74 70.39 16.93
C LYS U 19 35.65 70.43 15.85
N TYR U 20 35.52 69.34 15.09
CA TYR U 20 34.65 69.30 13.90
C TYR U 20 33.19 68.95 14.21
N ARG U 21 32.91 68.71 15.49
CA ARG U 21 31.54 68.63 16.01
C ARG U 21 31.55 68.85 17.53
N PRO U 22 31.29 70.11 17.98
CA PRO U 22 31.44 70.45 19.39
C PRO U 22 30.11 70.31 20.14
N ARG U 23 30.13 70.26 21.48
CA ARG U 23 28.89 69.94 22.23
C ARG U 23 27.98 71.15 22.50
N LYS U 24 27.59 71.84 21.43
CA LYS U 24 26.63 72.96 21.52
C LYS U 24 27.24 74.17 22.26
N1 PSU V 1 29.37 6.12 -1.64
C2 PSU V 1 30.00 5.63 -0.55
N3 PSU V 1 30.67 4.44 -0.60
C4 PSU V 1 30.74 3.73 -1.73
C5 PSU V 1 30.06 4.29 -2.91
C6 PSU V 1 29.37 5.49 -2.79
O2 PSU V 1 29.93 6.31 0.51
O4 PSU V 1 31.37 2.63 -1.77
C1' PSU V 1 30.04 3.61 -4.21
C2' PSU V 1 29.45 2.26 -3.95
O2' PSU V 1 30.18 1.22 -4.56
C3' PSU V 1 28.04 2.52 -4.42
C4' PSU V 1 27.97 3.65 -5.42
O3' PSU V 1 27.47 1.35 -4.93
O4' PSU V 1 29.13 4.38 -5.02
C5' PSU V 1 26.59 4.42 -5.54
O5' PSU V 1 26.14 5.41 -4.60
MG MG X . 23.11 3.51 -6.16
MG MG Y . 17.08 8.32 -44.53
MG MG Z . 10.67 -7.40 4.43
MG MG AA . 7.83 -12.17 -48.52
MG MG BA . -11.81 -33.51 -36.32
MG MG CA . 17.78 -54.65 -20.40
MG MG DA . -5.35 -20.78 -29.99
MG MG EA . 26.21 -22.23 19.57
MG MG FA . 3.44 -62.44 33.68
MG MG GA . 2.52 -37.39 -1.77
MG MG HA . 14.45 -20.40 -31.63
MG MG IA . 13.69 -13.55 -54.28
MG MG JA . 32.93 18.88 21.08
MG MG KA . -10.50 -5.88 -3.93
MG MG LA . 37.56 34.01 17.07
ZN ZN MA . 8.91 -29.18 48.68
MG MG NA . 27.88 -5.62 5.70
MG MG OA . 25.66 5.52 5.68
#